data_4AR6
# 
_entry.id   4AR6 
# 
_audit_conform.dict_name       mmcif_pdbx.dic 
_audit_conform.dict_version    5.391 
_audit_conform.dict_location   http://mmcif.pdb.org/dictionaries/ascii/mmcif_pdbx.dic 
# 
loop_
_database_2.database_id 
_database_2.database_code 
_database_2.pdbx_database_accession 
_database_2.pdbx_DOI 
PDB   4AR6         pdb_00004ar6 10.2210/pdb4ar6/pdb 
PDBE  EBI-52086    ?            ?                   
WWPDB D_1290052086 ?            ?                   
# 
loop_
_pdbx_audit_revision_history.ordinal 
_pdbx_audit_revision_history.data_content_type 
_pdbx_audit_revision_history.major_revision 
_pdbx_audit_revision_history.minor_revision 
_pdbx_audit_revision_history.revision_date 
1 'Structure model' 1 0 2012-12-19 
2 'Structure model' 1 1 2013-01-30 
3 'Structure model' 1 2 2024-05-08 
# 
_pdbx_audit_revision_details.ordinal             1 
_pdbx_audit_revision_details.revision_ordinal    1 
_pdbx_audit_revision_details.data_content_type   'Structure model' 
_pdbx_audit_revision_details.provider            repository 
_pdbx_audit_revision_details.type                'Initial release' 
_pdbx_audit_revision_details.description         ? 
_pdbx_audit_revision_details.details             ? 
# 
loop_
_pdbx_audit_revision_group.ordinal 
_pdbx_audit_revision_group.revision_ordinal 
_pdbx_audit_revision_group.data_content_type 
_pdbx_audit_revision_group.group 
1 2 'Structure model' 'Database references'  
2 3 'Structure model' 'Data collection'      
3 3 'Structure model' 'Database references'  
4 3 'Structure model' 'Derived calculations' 
5 3 'Structure model' Other                  
# 
loop_
_pdbx_audit_revision_category.ordinal 
_pdbx_audit_revision_category.revision_ordinal 
_pdbx_audit_revision_category.data_content_type 
_pdbx_audit_revision_category.category 
1 3 'Structure model' chem_comp_atom         
2 3 'Structure model' chem_comp_bond         
3 3 'Structure model' database_2             
4 3 'Structure model' pdbx_database_status   
5 3 'Structure model' pdbx_struct_conn_angle 
6 3 'Structure model' struct_conn            
7 3 'Structure model' struct_site            
# 
loop_
_pdbx_audit_revision_item.ordinal 
_pdbx_audit_revision_item.revision_ordinal 
_pdbx_audit_revision_item.data_content_type 
_pdbx_audit_revision_item.item 
1  3 'Structure model' '_database_2.pdbx_DOI'                       
2  3 'Structure model' '_database_2.pdbx_database_accession'        
3  3 'Structure model' '_pdbx_database_status.status_code_sf'       
4  3 'Structure model' '_pdbx_struct_conn_angle.ptnr1_auth_seq_id'  
5  3 'Structure model' '_pdbx_struct_conn_angle.ptnr1_label_seq_id' 
6  3 'Structure model' '_pdbx_struct_conn_angle.ptnr3_auth_seq_id'  
7  3 'Structure model' '_pdbx_struct_conn_angle.ptnr3_label_seq_id' 
8  3 'Structure model' '_pdbx_struct_conn_angle.value'              
9  3 'Structure model' '_struct_conn.pdbx_dist_value'               
10 3 'Structure model' '_struct_conn.ptnr1_auth_comp_id'            
11 3 'Structure model' '_struct_conn.ptnr1_auth_seq_id'             
12 3 'Structure model' '_struct_conn.ptnr1_label_asym_id'           
13 3 'Structure model' '_struct_conn.ptnr1_label_atom_id'           
14 3 'Structure model' '_struct_conn.ptnr1_label_comp_id'           
15 3 'Structure model' '_struct_conn.ptnr1_label_seq_id'            
16 3 'Structure model' '_struct_conn.ptnr2_auth_comp_id'            
17 3 'Structure model' '_struct_conn.ptnr2_auth_seq_id'             
18 3 'Structure model' '_struct_conn.ptnr2_label_asym_id'           
19 3 'Structure model' '_struct_conn.ptnr2_label_atom_id'           
20 3 'Structure model' '_struct_conn.ptnr2_label_comp_id'           
21 3 'Structure model' '_struct_conn.ptnr2_label_seq_id'            
22 3 'Structure model' '_struct_site.pdbx_auth_asym_id'             
23 3 'Structure model' '_struct_site.pdbx_auth_comp_id'             
24 3 'Structure model' '_struct_site.pdbx_auth_seq_id'              
# 
_pdbx_database_status.status_code                     REL 
_pdbx_database_status.entry_id                        4AR6 
_pdbx_database_status.deposit_site                    PDBE 
_pdbx_database_status.process_site                    PDBE 
_pdbx_database_status.SG_entry                        . 
_pdbx_database_status.recvd_initial_deposition_date   2012-04-20 
_pdbx_database_status.pdb_format_compatible           Y 
_pdbx_database_status.status_code_sf                  REL 
_pdbx_database_status.status_code_mr                  ? 
_pdbx_database_status.status_code_cs                  ? 
_pdbx_database_status.methods_development_category    ? 
_pdbx_database_status.status_code_nmr_data            ? 
# 
loop_
_pdbx_database_related.db_name 
_pdbx_database_related.db_id 
_pdbx_database_related.content_type 
_pdbx_database_related.details 
PDB 1BQ8 unspecified 'RUBREDOXIN (METHIONINE MUTANT) FROM PYROCOCCUS FURIOSUS' 
PDB 1BQ9 unspecified 'RUBREDOXIN (FORMYL METHIONINE MUTANT) FROM PYROCOCCUS FURIOSUS' 
PDB 1BRF unspecified 'RUBREDOXIN (WILD TYPE) FROM PYROCOCCUS FURIOSUS' 
PDB 1CAA unspecified 'RUBREDOXIN (OXIDIZED)' 
PDB 1CAD unspecified 'RUBREDOXIN (REDUCED)' 
PDB 1IU5 unspecified 'X-RAY CRYSTAL STRUCTURE OF THE RUBREDOXIN MUTANT FROMPYROCOCCUS FURIOSUS' 
PDB 1IU6 unspecified 'NEUTRON CRYSTAL STRUCTURE OF THE RUBREDOXIN MUTANT FROMPYROCOCCUS FURIOSUS' 
PDB 1QCV unspecified 'RUBREDOXIN VARIANT (PFRD-XC4) FOLDS WITHOUT IRON' 
PDB 1RWD unspecified 'BACKBONE NMR STRUCTURE OF A MUTANT P. FURIOSUS RUBREDOXINUSING RESIDUAL DIPOLAR COUPLINGS' 
PDB 1VCX unspecified 'NEUTRON CRYSTAL STRUCTURE OF THE WILD TYPE RUBREDOXIN FROMPYROCOCCUS FURIOSUS AT 1.5A RESOLUTION' 
PDB 1ZRP unspecified 'RUBREDOXIN (ZN-SUBSTITUTED) (NMR, 40 STRUCTURES)' 
PDB 4AR3 unspecified 
'NEAR-ATOMIC RESOLUTION NEUTRON CRYSTALLOGRAPHY ON THE OXIDISED FORM PERDEUTERATED PYROCOCCUS FURIOSUS RUBREDOXIN.' 
PDB 4AR4 unspecified 
'NEUTRON CRYSTALLOGRAPHIC STRUCTURE OF THE REDUCED FORM PERDEUTERATED PYROCOCCUS FURIOSUS RUBREDOXIN TO 1.38 ANGSTROMS RESOLUTION.' 
PDB 4AR5 unspecified 
;X-RAY CRYSTALLOGRAPHIC STRUCTURE OF THE OXIDISED FORM PERDEUTERATED PYROCOCCUS FURIOSUS RUBREDOXIN IN D2O AT 295K (IN QUARTZ CAPILLARY) TO 1.00 ANGSTROM RESOLUTION.
;
# 
loop_
_audit_author.name 
_audit_author.pdbx_ordinal 
'Cuypers, M.G.'  1 
'Mason, S.A.'    2 
'Blakeley, M.P.' 3 
'Mitchell, E.P.' 4 
'Haertlein, M.'  5 
'Forsyth, V.T.'  6 
# 
_citation.id                        primary 
_citation.title                     
;Near-Atomic Resolution Neutron Crystallography on Perdeuterated Pyrococcus Furiosus Rubredoxin: Implication of Hydronium Ions and Protonation Equilibria and Hydronium Ions in Redox Changes
;
_citation.journal_abbrev            Angew.Chem.Int.Ed.Engl. 
_citation.journal_volume            52 
_citation.page_first                1022 
_citation.page_last                 ? 
_citation.year                      2013 
_citation.journal_id_ASTM           ? 
_citation.country                   GE 
_citation.journal_id_ISSN           1433-7851 
_citation.journal_id_CSD            9999 
_citation.book_publisher            ? 
_citation.pdbx_database_id_PubMed   23225503 
_citation.pdbx_database_id_DOI      10.1002/ANIE.201207071 
# 
loop_
_citation_author.citation_id 
_citation_author.name 
_citation_author.ordinal 
_citation_author.identifier_ORCID 
primary 'Cuypers, M.G.'  1 ? 
primary 'Mason, S.A.'    2 ? 
primary 'Blakeley, M.P.' 3 ? 
primary 'Mitchell, E.P.' 4 ? 
primary 'Haertlein, M.'  5 ? 
primary 'Forsyth, V.T.'  6 ? 
# 
loop_
_entity.id 
_entity.type 
_entity.src_method 
_entity.pdbx_description 
_entity.formula_weight 
_entity.pdbx_number_of_molecules 
_entity.pdbx_ec 
_entity.pdbx_mutation 
_entity.pdbx_fragment 
_entity.details 
1 polymer     man RUBREDOXIN     6031.728 1   ? ? ? 'REDUCED STATE (FE II)' 
2 non-polymer syn 'FE (III) ION' 55.845   1   ? ? ? ?                       
3 water       nat water          18.015   143 ? ? ? ?                       
# 
_entity_name_com.entity_id   1 
_entity_name_com.name        RD 
# 
_entity_poly.entity_id                      1 
_entity_poly.type                           'polypeptide(L)' 
_entity_poly.nstd_linkage                   no 
_entity_poly.nstd_monomer                   no 
_entity_poly.pdbx_seq_one_letter_code       MAKWVCKICGYIYDEDAGDPDNGISPGTKFEELPDDWVCPICGAPKSEFEKLED 
_entity_poly.pdbx_seq_one_letter_code_can   MAKWVCKICGYIYDEDAGDPDNGISPGTKFEELPDDWVCPICGAPKSEFEKLED 
_entity_poly.pdbx_strand_id                 A 
_entity_poly.pdbx_target_identifier         ? 
# 
loop_
_pdbx_entity_nonpoly.entity_id 
_pdbx_entity_nonpoly.name 
_pdbx_entity_nonpoly.comp_id 
2 'FE (III) ION' FE  
3 water          DOD 
# 
loop_
_entity_poly_seq.entity_id 
_entity_poly_seq.num 
_entity_poly_seq.mon_id 
_entity_poly_seq.hetero 
1 1  MET n 
1 2  ALA n 
1 3  LYS n 
1 4  TRP n 
1 5  VAL n 
1 6  CYS n 
1 7  LYS n 
1 8  ILE n 
1 9  CYS n 
1 10 GLY n 
1 11 TYR n 
1 12 ILE n 
1 13 TYR n 
1 14 ASP n 
1 15 GLU n 
1 16 ASP n 
1 17 ALA n 
1 18 GLY n 
1 19 ASP n 
1 20 PRO n 
1 21 ASP n 
1 22 ASN n 
1 23 GLY n 
1 24 ILE n 
1 25 SER n 
1 26 PRO n 
1 27 GLY n 
1 28 THR n 
1 29 LYS n 
1 30 PHE n 
1 31 GLU n 
1 32 GLU n 
1 33 LEU n 
1 34 PRO n 
1 35 ASP n 
1 36 ASP n 
1 37 TRP n 
1 38 VAL n 
1 39 CYS n 
1 40 PRO n 
1 41 ILE n 
1 42 CYS n 
1 43 GLY n 
1 44 ALA n 
1 45 PRO n 
1 46 LYS n 
1 47 SER n 
1 48 GLU n 
1 49 PHE n 
1 50 GLU n 
1 51 LYS n 
1 52 LEU n 
1 53 GLU n 
1 54 ASP n 
# 
_entity_src_gen.entity_id                          1 
_entity_src_gen.pdbx_src_id                        1 
_entity_src_gen.pdbx_alt_source_flag               sample 
_entity_src_gen.pdbx_seq_type                      ? 
_entity_src_gen.pdbx_beg_seq_num                   ? 
_entity_src_gen.pdbx_end_seq_num                   ? 
_entity_src_gen.gene_src_common_name               ? 
_entity_src_gen.gene_src_genus                     ? 
_entity_src_gen.pdbx_gene_src_gene                 ? 
_entity_src_gen.gene_src_species                   ? 
_entity_src_gen.gene_src_strain                    ? 
_entity_src_gen.gene_src_tissue                    ? 
_entity_src_gen.gene_src_tissue_fraction           ? 
_entity_src_gen.gene_src_details                   ? 
_entity_src_gen.pdbx_gene_src_fragment             ? 
_entity_src_gen.pdbx_gene_src_scientific_name      'PYROCOCCUS FURIOSUS' 
_entity_src_gen.pdbx_gene_src_ncbi_taxonomy_id     2261 
_entity_src_gen.pdbx_gene_src_variant              ? 
_entity_src_gen.pdbx_gene_src_cell_line            ? 
_entity_src_gen.pdbx_gene_src_atcc                 ? 
_entity_src_gen.pdbx_gene_src_organ                ? 
_entity_src_gen.pdbx_gene_src_organelle            ? 
_entity_src_gen.pdbx_gene_src_cell                 ? 
_entity_src_gen.pdbx_gene_src_cellular_location    ? 
_entity_src_gen.host_org_common_name               ? 
_entity_src_gen.pdbx_host_org_scientific_name      'ESCHERICHIA COLI' 
_entity_src_gen.pdbx_host_org_ncbi_taxonomy_id     562 
_entity_src_gen.host_org_genus                     ? 
_entity_src_gen.pdbx_host_org_gene                 ? 
_entity_src_gen.pdbx_host_org_organ                ? 
_entity_src_gen.host_org_species                   ? 
_entity_src_gen.pdbx_host_org_tissue               ? 
_entity_src_gen.pdbx_host_org_tissue_fraction      ? 
_entity_src_gen.pdbx_host_org_strain               ? 
_entity_src_gen.pdbx_host_org_variant              ? 
_entity_src_gen.pdbx_host_org_cell_line            ? 
_entity_src_gen.pdbx_host_org_atcc                 ? 
_entity_src_gen.pdbx_host_org_culture_collection   ? 
_entity_src_gen.pdbx_host_org_cell                 ? 
_entity_src_gen.pdbx_host_org_organelle            ? 
_entity_src_gen.pdbx_host_org_cellular_location    ? 
_entity_src_gen.pdbx_host_org_vector_type          PLASMID 
_entity_src_gen.pdbx_host_org_vector               PET28A 
_entity_src_gen.host_org_details                   ? 
_entity_src_gen.expression_system_id               ? 
_entity_src_gen.plasmid_name                       ? 
_entity_src_gen.plasmid_details                    ? 
_entity_src_gen.pdbx_description                   ? 
# 
loop_
_chem_comp.id 
_chem_comp.type 
_chem_comp.mon_nstd_flag 
_chem_comp.name 
_chem_comp.pdbx_synonyms 
_chem_comp.formula 
_chem_comp.formula_weight 
ALA 'L-peptide linking' y ALANINE            ? 'C3 H7 N O2'     89.093  
ASN 'L-peptide linking' y ASPARAGINE         ? 'C4 H8 N2 O3'    132.118 
ASP 'L-peptide linking' y 'ASPARTIC ACID'    ? 'C4 H7 N O4'     133.103 
CYS 'L-peptide linking' y CYSTEINE           ? 'C3 H7 N O2 S'   121.158 
DOD non-polymer         . 'DEUTERATED WATER' ? 'D2 O'           20.028  
FE  non-polymer         . 'FE (III) ION'     ? 'Fe 3'           55.845  
GLU 'L-peptide linking' y 'GLUTAMIC ACID'    ? 'C5 H9 N O4'     147.129 
GLY 'peptide linking'   y GLYCINE            ? 'C2 H5 N O2'     75.067  
ILE 'L-peptide linking' y ISOLEUCINE         ? 'C6 H13 N O2'    131.173 
LEU 'L-peptide linking' y LEUCINE            ? 'C6 H13 N O2'    131.173 
LYS 'L-peptide linking' y LYSINE             ? 'C6 H15 N2 O2 1' 147.195 
MET 'L-peptide linking' y METHIONINE         ? 'C5 H11 N O2 S'  149.211 
PHE 'L-peptide linking' y PHENYLALANINE      ? 'C9 H11 N O2'    165.189 
PRO 'L-peptide linking' y PROLINE            ? 'C5 H9 N O2'     115.130 
SER 'L-peptide linking' y SERINE             ? 'C3 H7 N O3'     105.093 
THR 'L-peptide linking' y THREONINE          ? 'C4 H9 N O3'     119.119 
TRP 'L-peptide linking' y TRYPTOPHAN         ? 'C11 H12 N2 O2'  204.225 
TYR 'L-peptide linking' y TYROSINE           ? 'C9 H11 N O3'    181.189 
VAL 'L-peptide linking' y VALINE             ? 'C5 H11 N O2'    117.146 
# 
loop_
_pdbx_poly_seq_scheme.asym_id 
_pdbx_poly_seq_scheme.entity_id 
_pdbx_poly_seq_scheme.seq_id 
_pdbx_poly_seq_scheme.mon_id 
_pdbx_poly_seq_scheme.ndb_seq_num 
_pdbx_poly_seq_scheme.pdb_seq_num 
_pdbx_poly_seq_scheme.auth_seq_num 
_pdbx_poly_seq_scheme.pdb_mon_id 
_pdbx_poly_seq_scheme.auth_mon_id 
_pdbx_poly_seq_scheme.pdb_strand_id 
_pdbx_poly_seq_scheme.pdb_ins_code 
_pdbx_poly_seq_scheme.hetero 
A 1 1  MET 1  0  0  MET MET A . n 
A 1 2  ALA 2  1  1  ALA ALA A . n 
A 1 3  LYS 3  2  2  LYS LYS A . n 
A 1 4  TRP 4  3  3  TRP TRP A . n 
A 1 5  VAL 5  4  4  VAL VAL A . n 
A 1 6  CYS 6  5  5  CYS CYS A . n 
A 1 7  LYS 7  6  6  LYS LYS A . n 
A 1 8  ILE 8  7  7  ILE ILE A . n 
A 1 9  CYS 9  8  8  CYS CYS A . n 
A 1 10 GLY 10 9  9  GLY GLY A . n 
A 1 11 TYR 11 10 10 TYR TYR A . n 
A 1 12 ILE 12 11 11 ILE ILE A . n 
A 1 13 TYR 13 12 12 TYR TYR A . n 
A 1 14 ASP 14 13 13 ASP ASP A . n 
A 1 15 GLU 15 14 14 GLU GLU A . n 
A 1 16 ASP 16 15 15 ASP ASP A . n 
A 1 17 ALA 17 16 16 ALA ALA A . n 
A 1 18 GLY 18 17 17 GLY GLY A . n 
A 1 19 ASP 19 18 18 ASP ASP A . n 
A 1 20 PRO 20 19 19 PRO PRO A . n 
A 1 21 ASP 21 20 20 ASP ASP A . n 
A 1 22 ASN 22 21 21 ASN ASN A . n 
A 1 23 GLY 23 22 22 GLY GLY A . n 
A 1 24 ILE 24 23 23 ILE ILE A . n 
A 1 25 SER 25 24 24 SER SER A . n 
A 1 26 PRO 26 25 25 PRO PRO A . n 
A 1 27 GLY 27 26 26 GLY GLY A . n 
A 1 28 THR 28 27 27 THR THR A . n 
A 1 29 LYS 29 28 28 LYS LYS A . n 
A 1 30 PHE 30 29 29 PHE PHE A . n 
A 1 31 GLU 31 30 30 GLU GLU A . n 
A 1 32 GLU 32 31 31 GLU GLU A . n 
A 1 33 LEU 33 32 32 LEU LEU A . n 
A 1 34 PRO 34 33 33 PRO PRO A . n 
A 1 35 ASP 35 34 34 ASP ASP A . n 
A 1 36 ASP 36 35 35 ASP ASP A . n 
A 1 37 TRP 37 36 36 TRP TRP A . n 
A 1 38 VAL 38 37 37 VAL VAL A . n 
A 1 39 CYS 39 38 38 CYS CYS A . n 
A 1 40 PRO 40 39 39 PRO PRO A . n 
A 1 41 ILE 41 40 40 ILE ILE A . n 
A 1 42 CYS 42 41 41 CYS CYS A . n 
A 1 43 GLY 43 42 42 GLY GLY A . n 
A 1 44 ALA 44 43 43 ALA ALA A . n 
A 1 45 PRO 45 44 44 PRO PRO A . n 
A 1 46 LYS 46 45 45 LYS LYS A . n 
A 1 47 SER 47 46 46 SER SER A . n 
A 1 48 GLU 48 47 47 GLU GLU A . n 
A 1 49 PHE 49 48 48 PHE PHE A . n 
A 1 50 GLU 50 49 49 GLU GLU A . n 
A 1 51 LYS 51 50 50 LYS LYS A . n 
A 1 52 LEU 52 51 51 LEU LEU A . n 
A 1 53 GLU 53 52 52 GLU GLU A . n 
A 1 54 ASP 54 53 53 ASP ASP A . n 
# 
loop_
_pdbx_nonpoly_scheme.asym_id 
_pdbx_nonpoly_scheme.entity_id 
_pdbx_nonpoly_scheme.mon_id 
_pdbx_nonpoly_scheme.ndb_seq_num 
_pdbx_nonpoly_scheme.pdb_seq_num 
_pdbx_nonpoly_scheme.auth_seq_num 
_pdbx_nonpoly_scheme.pdb_mon_id 
_pdbx_nonpoly_scheme.auth_mon_id 
_pdbx_nonpoly_scheme.pdb_strand_id 
_pdbx_nonpoly_scheme.pdb_ins_code 
B 2 FE  1   1054 1054 FE  FE  A . 
C 3 DOD 1   2001 2001 DOD DOD A . 
C 3 DOD 2   2002 2002 DOD DOD A . 
C 3 DOD 3   2003 2003 DOD DOD A . 
C 3 DOD 4   2004 2004 DOD DOD A . 
C 3 DOD 5   2005 2005 DOD DOD A . 
C 3 DOD 6   2006 2006 DOD DOD A . 
C 3 DOD 7   2007 2007 DOD DOD A . 
C 3 DOD 8   2008 2008 DOD DOD A . 
C 3 DOD 9   2009 2009 DOD DOD A . 
C 3 DOD 10  2010 2010 DOD DOD A . 
C 3 DOD 11  2011 2011 DOD DOD A . 
C 3 DOD 12  2012 2012 DOD DOD A . 
C 3 DOD 13  2013 2013 DOD DOD A . 
C 3 DOD 14  2014 2014 DOD DOD A . 
C 3 DOD 15  2015 2015 DOD DOD A . 
C 3 DOD 16  2016 2016 DOD DOD A . 
C 3 DOD 17  2017 2017 DOD DOD A . 
C 3 DOD 18  2018 2018 DOD DOD A . 
C 3 DOD 19  2019 2019 DOD DOD A . 
C 3 DOD 20  2020 2020 DOD DOD A . 
C 3 DOD 21  2021 2021 DOD DOD A . 
C 3 DOD 22  2022 2022 DOD DOD A . 
C 3 DOD 23  2023 2023 DOD DOD A . 
C 3 DOD 24  2024 2024 DOD DOD A . 
C 3 DOD 25  2025 2025 DOD DOD A . 
C 3 DOD 26  2026 2026 DOD DOD A . 
C 3 DOD 27  2027 2027 DOD DOD A . 
C 3 DOD 28  2028 2028 DOD DOD A . 
C 3 DOD 29  2029 2029 DOD DOD A . 
C 3 DOD 30  2030 2030 DOD DOD A . 
C 3 DOD 31  2031 2031 DOD DOD A . 
C 3 DOD 32  2032 2032 DOD DOD A . 
C 3 DOD 33  2033 2033 DOD DOD A . 
C 3 DOD 34  2034 2034 DOD DOD A . 
C 3 DOD 35  2035 2035 DOD DOD A . 
C 3 DOD 36  2036 2036 DOD DOD A . 
C 3 DOD 37  2037 2037 DOD DOD A . 
C 3 DOD 38  2038 2038 DOD DOD A . 
C 3 DOD 39  2039 2039 DOD DOD A . 
C 3 DOD 40  2040 2040 DOD DOD A . 
C 3 DOD 41  2041 2041 DOD DOD A . 
C 3 DOD 42  2042 2042 DOD DOD A . 
C 3 DOD 43  2043 2043 DOD DOD A . 
C 3 DOD 44  2044 2044 DOD DOD A . 
C 3 DOD 45  2045 2045 DOD DOD A . 
C 3 DOD 46  2046 2046 DOD DOD A . 
C 3 DOD 47  2047 2047 DOD DOD A . 
C 3 DOD 48  2048 2048 DOD DOD A . 
C 3 DOD 49  2049 2049 DOD DOD A . 
C 3 DOD 50  2050 2050 DOD DOD A . 
C 3 DOD 51  2051 2051 DOD DOD A . 
C 3 DOD 52  2052 2052 DOD DOD A . 
C 3 DOD 53  2053 2053 DOD DOD A . 
C 3 DOD 54  2054 2054 DOD DOD A . 
C 3 DOD 55  2055 2055 DOD DOD A . 
C 3 DOD 56  2056 2056 DOD DOD A . 
C 3 DOD 57  2057 2057 DOD DOD A . 
C 3 DOD 58  2058 2058 DOD DOD A . 
C 3 DOD 59  2059 2059 DOD DOD A . 
C 3 DOD 60  2060 2060 DOD DOD A . 
C 3 DOD 61  2061 2061 DOD DOD A . 
C 3 DOD 62  2062 2062 DOD DOD A . 
C 3 DOD 63  2063 2063 DOD DOD A . 
C 3 DOD 64  2064 2064 DOD DOD A . 
C 3 DOD 65  2065 2065 DOD DOD A . 
C 3 DOD 66  2066 2066 DOD DOD A . 
C 3 DOD 67  2067 2067 DOD DOD A . 
C 3 DOD 68  2068 2068 DOD DOD A . 
C 3 DOD 69  2069 2069 DOD DOD A . 
C 3 DOD 70  2070 2070 DOD DOD A . 
C 3 DOD 71  2071 2071 DOD DOD A . 
C 3 DOD 72  2072 2072 DOD DOD A . 
C 3 DOD 73  2073 2073 DOD DOD A . 
C 3 DOD 74  2074 2074 DOD DOD A . 
C 3 DOD 75  2075 2075 DOD DOD A . 
C 3 DOD 76  2076 2076 DOD DOD A . 
C 3 DOD 77  2077 2077 DOD DOD A . 
C 3 DOD 78  2078 2078 DOD DOD A . 
C 3 DOD 79  2079 2079 DOD DOD A . 
C 3 DOD 80  2080 2080 DOD DOD A . 
C 3 DOD 81  2081 2081 DOD DOD A . 
C 3 DOD 82  2082 2082 DOD DOD A . 
C 3 DOD 83  2083 2083 DOD DOD A . 
C 3 DOD 84  2084 2084 DOD DOD A . 
C 3 DOD 85  2085 2085 DOD DOD A . 
C 3 DOD 86  2086 2086 DOD DOD A . 
C 3 DOD 87  2087 2087 DOD DOD A . 
C 3 DOD 88  2088 2088 DOD DOD A . 
C 3 DOD 89  2089 2089 DOD DOD A . 
C 3 DOD 90  2090 2090 DOD DOD A . 
C 3 DOD 91  2091 2091 DOD DOD A . 
C 3 DOD 92  2092 2092 DOD DOD A . 
C 3 DOD 93  2094 2094 DOD DOD A . 
C 3 DOD 94  2095 2095 DOD DOD A . 
C 3 DOD 95  2096 2096 DOD DOD A . 
C 3 DOD 96  2097 2097 DOD DOD A . 
C 3 DOD 97  2098 2098 DOD DOD A . 
C 3 DOD 98  2099 2099 DOD DOD A . 
C 3 DOD 99  2100 2100 DOD DOD A . 
C 3 DOD 100 2101 2101 DOD DOD A . 
C 3 DOD 101 2102 2102 DOD DOD A . 
C 3 DOD 102 2103 2103 DOD DOD A . 
C 3 DOD 103 2104 2104 DOD DOD A . 
C 3 DOD 104 2105 2105 DOD DOD A . 
C 3 DOD 105 2106 2106 DOD DOD A . 
C 3 DOD 106 2107 2107 DOD DOD A . 
C 3 DOD 107 2108 2108 DOD DOD A . 
C 3 DOD 108 2109 2109 DOD DOD A . 
C 3 DOD 109 2110 2110 DOD DOD A . 
C 3 DOD 110 2111 2111 DOD DOD A . 
C 3 DOD 111 2112 2112 DOD DOD A . 
C 3 DOD 112 2113 2113 DOD DOD A . 
C 3 DOD 113 2114 2114 DOD DOD A . 
C 3 DOD 114 2115 2115 DOD DOD A . 
C 3 DOD 115 2116 2116 DOD DOD A . 
C 3 DOD 116 2117 2117 DOD DOD A . 
C 3 DOD 117 2118 2118 DOD DOD A . 
C 3 DOD 118 2119 2119 DOD DOD A . 
C 3 DOD 119 2120 2120 DOD DOD A . 
C 3 DOD 120 2121 2121 DOD DOD A . 
C 3 DOD 121 2122 2122 DOD DOD A . 
C 3 DOD 122 2123 2123 DOD DOD A . 
C 3 DOD 123 2124 2124 DOD DOD A . 
C 3 DOD 124 2125 2125 DOD DOD A . 
C 3 DOD 125 2126 2126 DOD DOD A . 
C 3 DOD 126 2127 2127 DOD DOD A . 
C 3 DOD 127 2128 2128 DOD DOD A . 
C 3 DOD 128 2129 2129 DOD DOD A . 
C 3 DOD 129 2130 2130 DOD DOD A . 
C 3 DOD 130 2131 2131 DOD DOD A . 
C 3 DOD 131 2132 2132 DOD DOD A . 
C 3 DOD 132 2133 2133 DOD DOD A . 
C 3 DOD 133 2134 2134 DOD DOD A . 
C 3 DOD 134 2135 2135 DOD DOD A . 
C 3 DOD 135 2136 2136 DOD DOD A . 
C 3 DOD 136 2137 2137 DOD DOD A . 
C 3 DOD 137 2138 2138 DOD DOD A . 
C 3 DOD 138 2139 2139 DOD DOD A . 
C 3 DOD 139 2140 2140 DOD DOD A . 
C 3 DOD 140 2141 2141 DOD DOD A . 
C 3 DOD 141 2142 2142 DOD DOD A . 
C 3 DOD 142 2143 2143 DOD DOD A . 
C 3 DOD 143 2144 2144 DOD DOD A . 
# 
loop_
_software.name 
_software.classification 
_software.version 
_software.citation_id 
_software.pdbx_ordinal 
PHENIX refinement       '(PHENIX.REFINE)' ? 1 
XDS    'data reduction' .                 ? 2 
SCALA  'data scaling'   .                 ? 3 
PHENIX phasing          .                 ? 4 
# 
_cell.entry_id           4AR6 
_cell.length_a           34.375 
_cell.length_b           35.183 
_cell.length_c           43.944 
_cell.angle_alpha        90.00 
_cell.angle_beta         90.00 
_cell.angle_gamma        90.00 
_cell.Z_PDB              4 
_cell.pdbx_unique_axis   ? 
# 
_symmetry.entry_id                         4AR6 
_symmetry.space_group_name_H-M             'P 21 21 21' 
_symmetry.pdbx_full_space_group_name_H-M   ? 
_symmetry.cell_setting                     ? 
_symmetry.Int_Tables_number                19 
# 
_exptl.entry_id          4AR6 
_exptl.method            'X-RAY DIFFRACTION' 
_exptl.crystals_number   1 
# 
_exptl_crystal.id                    1 
_exptl_crystal.density_meas          ? 
_exptl_crystal.density_Matthews      1.46 
_exptl_crystal.density_percent_sol   14.97 
_exptl_crystal.description           'SOLVED BY RIGID BODY FIT FROM 100 K 0.75 A RESOLUTION REDUCED PF RUBREDOXIN STRUCTURE.' 
# 
_exptl_crystal_grow.crystal_id      1 
_exptl_crystal_grow.method          ? 
_exptl_crystal_grow.temp            ? 
_exptl_crystal_grow.temp_details    ? 
_exptl_crystal_grow.pH              6.2 
_exptl_crystal_grow.pdbx_pH_range   ? 
_exptl_crystal_grow.pdbx_details    'pH 6.2' 
# 
_diffrn.id                     1 
_diffrn.ambient_temp           295 
_diffrn.ambient_temp_details   ? 
_diffrn.crystal_id             1 
# 
_diffrn_detector.diffrn_id              1 
_diffrn_detector.detector               PIXEL 
_diffrn_detector.type                   'DECTRIS PILATUS 6M' 
_diffrn_detector.pdbx_collection_date   2011-07-07 
_diffrn_detector.details                ? 
# 
_diffrn_radiation.diffrn_id                        1 
_diffrn_radiation.wavelength_id                    1 
_diffrn_radiation.pdbx_monochromatic_or_laue_m_l   M 
_diffrn_radiation.monochromator                    ? 
_diffrn_radiation.pdbx_diffrn_protocol             'SINGLE WAVELENGTH' 
_diffrn_radiation.pdbx_scattering_type             x-ray 
# 
_diffrn_radiation_wavelength.id           1 
_diffrn_radiation_wavelength.wavelength   0.77 
_diffrn_radiation_wavelength.wt           1.0 
# 
_diffrn_source.diffrn_id                   1 
_diffrn_source.source                      SYNCHROTRON 
_diffrn_source.type                        'ESRF BEAMLINE ID29' 
_diffrn_source.pdbx_synchrotron_site       ESRF 
_diffrn_source.pdbx_synchrotron_beamline   ID29 
_diffrn_source.pdbx_wavelength             0.77 
_diffrn_source.pdbx_wavelength_list        ? 
# 
_reflns.pdbx_diffrn_id               1 
_reflns.pdbx_ordinal                 1 
_reflns.entry_id                     4AR6 
_reflns.observed_criterion_sigma_I   2.0 
_reflns.observed_criterion_sigma_F   ? 
_reflns.d_resolution_low             43.94 
_reflns.d_resolution_high            0.92 
_reflns.number_obs                   37464 
_reflns.number_all                   ? 
_reflns.percent_possible_obs         99.2 
_reflns.pdbx_Rmerge_I_obs            0.03 
_reflns.pdbx_Rsym_value              ? 
_reflns.pdbx_netI_over_sigmaI        21.40 
_reflns.B_iso_Wilson_estimate        11.40 
_reflns.pdbx_redundancy              6.06 
# 
_reflns_shell.pdbx_diffrn_id         1 
_reflns_shell.pdbx_ordinal           1 
_reflns_shell.d_res_high             0.92 
_reflns_shell.d_res_low              0.97 
_reflns_shell.percent_possible_all   94.8 
_reflns_shell.Rmerge_I_obs           0.56 
_reflns_shell.pdbx_Rsym_value        ? 
_reflns_shell.meanI_over_sigI_obs    2.10 
_reflns_shell.pdbx_redundancy        4.22 
# 
_refine.pdbx_refine_id                           'X-RAY DIFFRACTION' 
_refine.entry_id                                 4AR6 
_refine.pdbx_diffrn_id                           1 
_refine.pdbx_TLS_residual_ADP_flag               ? 
_refine.ls_number_reflns_obs                     37395 
_refine.ls_number_reflns_all                     ? 
_refine.pdbx_ls_sigma_I                          ? 
_refine.pdbx_ls_sigma_F                          1.34 
_refine.pdbx_data_cutoff_high_absF               ? 
_refine.pdbx_data_cutoff_low_absF                ? 
_refine.pdbx_data_cutoff_high_rms_absF           ? 
_refine.ls_d_res_low                             27.465 
_refine.ls_d_res_high                            0.920 
_refine.ls_percent_reflns_obs                    99.18 
_refine.ls_R_factor_obs                          0.1288 
_refine.ls_R_factor_all                          ? 
_refine.ls_R_factor_R_work                       0.1285 
_refine.ls_R_factor_R_free                       0.1361 
_refine.ls_R_factor_R_free_error                 ? 
_refine.ls_R_factor_R_free_error_details         ? 
_refine.ls_percent_reflns_R_free                 5.0 
_refine.ls_number_reflns_R_free                  1864 
_refine.ls_number_parameters                     ? 
_refine.ls_number_restraints                     ? 
_refine.occupancy_min                            ? 
_refine.occupancy_max                            ? 
_refine.correlation_coeff_Fo_to_Fc               ? 
_refine.correlation_coeff_Fo_to_Fc_free          ? 
_refine.B_iso_mean                               ? 
_refine.aniso_B[1][1]                            0.0000 
_refine.aniso_B[2][2]                            0.0000 
_refine.aniso_B[3][3]                            0.0000 
_refine.aniso_B[1][2]                            0.0000 
_refine.aniso_B[1][3]                            0.0000 
_refine.aniso_B[2][3]                            0.0000 
_refine.solvent_model_details                    'FLAT BULK SOLVENT MODEL' 
_refine.solvent_model_param_ksol                 0.591 
_refine.solvent_model_param_bsol                 121.734 
_refine.pdbx_solvent_vdw_probe_radii             0.80 
_refine.pdbx_solvent_ion_probe_radii             ? 
_refine.pdbx_solvent_shrinkage_radii             0.47 
_refine.pdbx_ls_cross_valid_method               ? 
_refine.details                                  
;CRYSTAL WAS REDUCED WITH SODIUM DITHIONITE IN D2O AND THEN SEALED IN A QUARTZ CAPILLARY FOR 295 K DATA COLLECTION. 8 DIFFERENT ZONES OF THE SAME CRYSTAL (VOLUME 0.012 MM3) WERE EXPOSED TO X-RAYS OVER 180 DEGREES OSCILLATION ROTATION. DATA WAS SCALED AND MERGED.
;
_refine.pdbx_starting_model                      ? 
_refine.pdbx_method_to_determine_struct          OTHER 
_refine.pdbx_isotropic_thermal_model             ? 
_refine.pdbx_stereochemistry_target_values       ML 
_refine.pdbx_stereochem_target_val_spec_case     ? 
_refine.pdbx_R_Free_selection_details            ? 
_refine.pdbx_overall_ESU_R                       ? 
_refine.pdbx_overall_ESU_R_Free                  ? 
_refine.overall_SU_ML                            0.06 
_refine.pdbx_overall_phase_error                 9.92 
_refine.overall_SU_B                             ? 
_refine.overall_SU_R_Cruickshank_DPI             ? 
_refine.pdbx_overall_SU_R_free_Cruickshank_DPI   ? 
_refine.pdbx_overall_SU_R_Blow_DPI               ? 
_refine.pdbx_overall_SU_R_free_Blow_DPI          ? 
# 
_refine_hist.pdbx_refine_id                   'X-RAY DIFFRACTION' 
_refine_hist.cycle_id                         LAST 
_refine_hist.pdbx_number_atoms_protein        421 
_refine_hist.pdbx_number_atoms_nucleic_acid   0 
_refine_hist.pdbx_number_atoms_ligand         1 
_refine_hist.number_atoms_solvent             143 
_refine_hist.number_atoms_total               565 
_refine_hist.d_res_high                       0.920 
_refine_hist.d_res_low                        27.465 
# 
loop_
_refine_ls_restr.type 
_refine_ls_restr.dev_ideal 
_refine_ls_restr.dev_ideal_target 
_refine_ls_restr.weight 
_refine_ls_restr.number 
_refine_ls_restr.pdbx_refine_id 
_refine_ls_restr.pdbx_restraint_function 
f_bond_d           0.007  ? ? 479 'X-RAY DIFFRACTION' ? 
f_angle_d          1.247  ? ? 657 'X-RAY DIFFRACTION' ? 
f_dihedral_angle_d 11.275 ? ? 186 'X-RAY DIFFRACTION' ? 
f_chiral_restr     0.085  ? ? 64  'X-RAY DIFFRACTION' ? 
f_plane_restr      0.007  ? ? 90  'X-RAY DIFFRACTION' ? 
# 
loop_
_refine_ls_shell.pdbx_refine_id 
_refine_ls_shell.pdbx_total_number_of_bins_used 
_refine_ls_shell.d_res_high 
_refine_ls_shell.d_res_low 
_refine_ls_shell.number_reflns_R_work 
_refine_ls_shell.R_factor_R_work 
_refine_ls_shell.percent_reflns_obs 
_refine_ls_shell.R_factor_R_free 
_refine_ls_shell.R_factor_R_free_error 
_refine_ls_shell.percent_reflns_R_free 
_refine_ls_shell.number_reflns_R_free 
_refine_ls_shell.number_reflns_all 
_refine_ls_shell.R_factor_all 
'X-RAY DIFFRACTION' . 0.9200 0.9449  2509 0.2300 92.00  0.2561 . . 127 . . 
'X-RAY DIFFRACTION' . 0.9449 0.9727  2648 0.1709 98.00  0.1804 . . 132 . . 
'X-RAY DIFFRACTION' . 0.9727 1.0041  2748 0.1237 100.00 0.1462 . . 137 . . 
'X-RAY DIFFRACTION' . 1.0041 1.0400  2710 0.1047 100.00 0.1172 . . 129 . . 
'X-RAY DIFFRACTION' . 1.0400 1.0816  2714 0.0920 100.00 0.1060 . . 150 . . 
'X-RAY DIFFRACTION' . 1.0816 1.1308  2717 0.0842 100.00 0.0910 . . 137 . . 
'X-RAY DIFFRACTION' . 1.1308 1.1905  2753 0.0825 100.00 0.1003 . . 134 . . 
'X-RAY DIFFRACTION' . 1.1905 1.2650  2730 0.0892 100.00 0.1012 . . 160 . . 
'X-RAY DIFFRACTION' . 1.2650 1.3627  2771 0.0951 100.00 0.1154 . . 124 . . 
'X-RAY DIFFRACTION' . 1.3627 1.4998  2739 0.1012 100.00 0.1028 . . 163 . . 
'X-RAY DIFFRACTION' . 1.4998 1.7169  2765 0.1081 100.00 0.1241 . . 149 . . 
'X-RAY DIFFRACTION' . 1.7169 2.1629  2797 0.1244 100.00 0.1318 . . 166 . . 
'X-RAY DIFFRACTION' . 2.1629 27.4770 2930 0.1569 100.00 0.1619 . . 156 . . 
# 
_struct.entry_id                  4AR6 
_struct.title                     
;X-ray crystallographic structure of the reduced form perdeuterated Pyrococcus furiosus rubredoxin at 295 K (in quartz capillary) to 0.92 Angstroms resolution.
;
_struct.pdbx_model_details        ? 
_struct.pdbx_CASP_flag            ? 
_struct.pdbx_model_type_details   ? 
# 
_struct_keywords.entry_id        4AR6 
_struct_keywords.pdbx_keywords   'ELECTRON TRANSPORT' 
_struct_keywords.text            'ELECTRON TRANSPORT' 
# 
loop_
_struct_asym.id 
_struct_asym.pdbx_blank_PDB_chainid_flag 
_struct_asym.pdbx_modified 
_struct_asym.entity_id 
_struct_asym.details 
A N N 1 ? 
B N N 2 ? 
C N N 3 ? 
# 
_struct_ref.id                         1 
_struct_ref.db_name                    UNP 
_struct_ref.db_code                    RUBR_PYRFU 
_struct_ref.entity_id                  1 
_struct_ref.pdbx_seq_one_letter_code   ? 
_struct_ref.pdbx_align_begin           ? 
_struct_ref.pdbx_db_accession          P24297 
_struct_ref.pdbx_db_isoform            ? 
# 
_struct_ref_seq.align_id                      1 
_struct_ref_seq.ref_id                        1 
_struct_ref_seq.pdbx_PDB_id_code              4AR6 
_struct_ref_seq.pdbx_strand_id                A 
_struct_ref_seq.seq_align_beg                 1 
_struct_ref_seq.pdbx_seq_align_beg_ins_code   ? 
_struct_ref_seq.seq_align_end                 54 
_struct_ref_seq.pdbx_seq_align_end_ins_code   ? 
_struct_ref_seq.pdbx_db_accession             P24297 
_struct_ref_seq.db_align_beg                  1 
_struct_ref_seq.pdbx_db_align_beg_ins_code    ? 
_struct_ref_seq.db_align_end                  54 
_struct_ref_seq.pdbx_db_align_end_ins_code    ? 
_struct_ref_seq.pdbx_auth_seq_align_beg       0 
_struct_ref_seq.pdbx_auth_seq_align_end       53 
# 
_pdbx_struct_assembly.id                   1 
_pdbx_struct_assembly.details              author_and_software_defined_assembly 
_pdbx_struct_assembly.method_details       PISA 
_pdbx_struct_assembly.oligomeric_details   monomeric 
_pdbx_struct_assembly.oligomeric_count     1 
# 
_pdbx_struct_assembly_gen.assembly_id       1 
_pdbx_struct_assembly_gen.oper_expression   1 
_pdbx_struct_assembly_gen.asym_id_list      A,B,C 
# 
_pdbx_struct_oper_list.id                   1 
_pdbx_struct_oper_list.type                 'identity operation' 
_pdbx_struct_oper_list.name                 1_555 
_pdbx_struct_oper_list.symmetry_operation   x,y,z 
_pdbx_struct_oper_list.matrix[1][1]         1.0000000000 
_pdbx_struct_oper_list.matrix[1][2]         0.0000000000 
_pdbx_struct_oper_list.matrix[1][3]         0.0000000000 
_pdbx_struct_oper_list.vector[1]            0.0000000000 
_pdbx_struct_oper_list.matrix[2][1]         0.0000000000 
_pdbx_struct_oper_list.matrix[2][2]         1.0000000000 
_pdbx_struct_oper_list.matrix[2][3]         0.0000000000 
_pdbx_struct_oper_list.vector[2]            0.0000000000 
_pdbx_struct_oper_list.matrix[3][1]         0.0000000000 
_pdbx_struct_oper_list.matrix[3][2]         0.0000000000 
_pdbx_struct_oper_list.matrix[3][3]         1.0000000000 
_pdbx_struct_oper_list.vector[3]            0.0000000000 
# 
_struct_biol.id   1 
# 
loop_
_struct_conf.conf_type_id 
_struct_conf.id 
_struct_conf.pdbx_PDB_helix_id 
_struct_conf.beg_label_comp_id 
_struct_conf.beg_label_asym_id 
_struct_conf.beg_label_seq_id 
_struct_conf.pdbx_beg_PDB_ins_code 
_struct_conf.end_label_comp_id 
_struct_conf.end_label_asym_id 
_struct_conf.end_label_seq_id 
_struct_conf.pdbx_end_PDB_ins_code 
_struct_conf.beg_auth_comp_id 
_struct_conf.beg_auth_asym_id 
_struct_conf.beg_auth_seq_id 
_struct_conf.end_auth_comp_id 
_struct_conf.end_auth_asym_id 
_struct_conf.end_auth_seq_id 
_struct_conf.pdbx_PDB_helix_class 
_struct_conf.details 
_struct_conf.pdbx_PDB_helix_length 
HELX_P HELX_P1 1 PRO A 20 ? GLY A 23 ? PRO A 19 GLY A 22 5 ? 4 
HELX_P HELX_P2 2 LYS A 29 ? LEU A 33 ? LYS A 28 LEU A 32 5 ? 5 
# 
_struct_conf_type.id          HELX_P 
_struct_conf_type.criteria    ? 
_struct_conf_type.reference   ? 
# 
loop_
_struct_conn.id 
_struct_conn.conn_type_id 
_struct_conn.pdbx_leaving_atom_flag 
_struct_conn.pdbx_PDB_id 
_struct_conn.ptnr1_label_asym_id 
_struct_conn.ptnr1_label_comp_id 
_struct_conn.ptnr1_label_seq_id 
_struct_conn.ptnr1_label_atom_id 
_struct_conn.pdbx_ptnr1_label_alt_id 
_struct_conn.pdbx_ptnr1_PDB_ins_code 
_struct_conn.pdbx_ptnr1_standard_comp_id 
_struct_conn.ptnr1_symmetry 
_struct_conn.ptnr2_label_asym_id 
_struct_conn.ptnr2_label_comp_id 
_struct_conn.ptnr2_label_seq_id 
_struct_conn.ptnr2_label_atom_id 
_struct_conn.pdbx_ptnr2_label_alt_id 
_struct_conn.pdbx_ptnr2_PDB_ins_code 
_struct_conn.ptnr1_auth_asym_id 
_struct_conn.ptnr1_auth_comp_id 
_struct_conn.ptnr1_auth_seq_id 
_struct_conn.ptnr2_auth_asym_id 
_struct_conn.ptnr2_auth_comp_id 
_struct_conn.ptnr2_auth_seq_id 
_struct_conn.ptnr2_symmetry 
_struct_conn.pdbx_ptnr3_label_atom_id 
_struct_conn.pdbx_ptnr3_label_seq_id 
_struct_conn.pdbx_ptnr3_label_comp_id 
_struct_conn.pdbx_ptnr3_label_asym_id 
_struct_conn.pdbx_ptnr3_label_alt_id 
_struct_conn.pdbx_ptnr3_PDB_ins_code 
_struct_conn.details 
_struct_conn.pdbx_dist_value 
_struct_conn.pdbx_value_order 
_struct_conn.pdbx_role 
metalc1 metalc ? ? A CYS 6  SG ? ? ? 1_555 B FE . FE ? ? A CYS 5  A FE 1054 1_555 ? ? ? ? ? ? ? 2.338 ? ? 
metalc2 metalc ? ? A CYS 9  SG ? ? ? 1_555 B FE . FE ? ? A CYS 8  A FE 1054 1_555 ? ? ? ? ? ? ? 2.308 ? ? 
metalc3 metalc ? ? A CYS 39 SG ? ? ? 1_555 B FE . FE ? ? A CYS 38 A FE 1054 1_555 ? ? ? ? ? ? ? 2.346 ? ? 
metalc4 metalc ? ? A CYS 42 SG ? ? ? 1_555 B FE . FE ? ? A CYS 41 A FE 1054 1_555 ? ? ? ? ? ? ? 2.313 ? ? 
# 
_struct_conn_type.id          metalc 
_struct_conn_type.criteria    ? 
_struct_conn_type.reference   ? 
# 
loop_
_pdbx_struct_conn_angle.id 
_pdbx_struct_conn_angle.ptnr1_label_atom_id 
_pdbx_struct_conn_angle.ptnr1_label_alt_id 
_pdbx_struct_conn_angle.ptnr1_label_asym_id 
_pdbx_struct_conn_angle.ptnr1_label_comp_id 
_pdbx_struct_conn_angle.ptnr1_label_seq_id 
_pdbx_struct_conn_angle.ptnr1_auth_atom_id 
_pdbx_struct_conn_angle.ptnr1_auth_asym_id 
_pdbx_struct_conn_angle.ptnr1_auth_comp_id 
_pdbx_struct_conn_angle.ptnr1_auth_seq_id 
_pdbx_struct_conn_angle.ptnr1_PDB_ins_code 
_pdbx_struct_conn_angle.ptnr1_symmetry 
_pdbx_struct_conn_angle.ptnr2_label_atom_id 
_pdbx_struct_conn_angle.ptnr2_label_alt_id 
_pdbx_struct_conn_angle.ptnr2_label_asym_id 
_pdbx_struct_conn_angle.ptnr2_label_comp_id 
_pdbx_struct_conn_angle.ptnr2_label_seq_id 
_pdbx_struct_conn_angle.ptnr2_auth_atom_id 
_pdbx_struct_conn_angle.ptnr2_auth_asym_id 
_pdbx_struct_conn_angle.ptnr2_auth_comp_id 
_pdbx_struct_conn_angle.ptnr2_auth_seq_id 
_pdbx_struct_conn_angle.ptnr2_PDB_ins_code 
_pdbx_struct_conn_angle.ptnr2_symmetry 
_pdbx_struct_conn_angle.ptnr3_label_atom_id 
_pdbx_struct_conn_angle.ptnr3_label_alt_id 
_pdbx_struct_conn_angle.ptnr3_label_asym_id 
_pdbx_struct_conn_angle.ptnr3_label_comp_id 
_pdbx_struct_conn_angle.ptnr3_label_seq_id 
_pdbx_struct_conn_angle.ptnr3_auth_atom_id 
_pdbx_struct_conn_angle.ptnr3_auth_asym_id 
_pdbx_struct_conn_angle.ptnr3_auth_comp_id 
_pdbx_struct_conn_angle.ptnr3_auth_seq_id 
_pdbx_struct_conn_angle.ptnr3_PDB_ins_code 
_pdbx_struct_conn_angle.ptnr3_symmetry 
_pdbx_struct_conn_angle.value 
_pdbx_struct_conn_angle.value_esd 
1 SG ? A CYS 6  ? A CYS 5  ? 1_555 FE ? B FE . ? A FE 1054 ? 1_555 SG ? A CYS 9  ? A CYS 8  ? 1_555 112.0 ? 
2 SG ? A CYS 6  ? A CYS 5  ? 1_555 FE ? B FE . ? A FE 1054 ? 1_555 SG ? A CYS 39 ? A CYS 38 ? 1_555 114.2 ? 
3 SG ? A CYS 9  ? A CYS 8  ? 1_555 FE ? B FE . ? A FE 1054 ? 1_555 SG ? A CYS 39 ? A CYS 38 ? 1_555 102.8 ? 
4 SG ? A CYS 6  ? A CYS 5  ? 1_555 FE ? B FE . ? A FE 1054 ? 1_555 SG ? A CYS 42 ? A CYS 41 ? 1_555 103.8 ? 
5 SG ? A CYS 9  ? A CYS 8  ? 1_555 FE ? B FE . ? A FE 1054 ? 1_555 SG ? A CYS 42 ? A CYS 41 ? 1_555 113.0 ? 
6 SG ? A CYS 39 ? A CYS 38 ? 1_555 FE ? B FE . ? A FE 1054 ? 1_555 SG ? A CYS 42 ? A CYS 41 ? 1_555 111.4 ? 
# 
_struct_sheet.id               AA 
_struct_sheet.type             ? 
_struct_sheet.number_strands   3 
_struct_sheet.details          ? 
# 
loop_
_struct_sheet_order.sheet_id 
_struct_sheet_order.range_id_1 
_struct_sheet_order.range_id_2 
_struct_sheet_order.offset 
_struct_sheet_order.sense 
AA 1 2 ? anti-parallel 
AA 2 3 ? anti-parallel 
# 
loop_
_struct_sheet_range.sheet_id 
_struct_sheet_range.id 
_struct_sheet_range.beg_label_comp_id 
_struct_sheet_range.beg_label_asym_id 
_struct_sheet_range.beg_label_seq_id 
_struct_sheet_range.pdbx_beg_PDB_ins_code 
_struct_sheet_range.end_label_comp_id 
_struct_sheet_range.end_label_asym_id 
_struct_sheet_range.end_label_seq_id 
_struct_sheet_range.pdbx_end_PDB_ins_code 
_struct_sheet_range.beg_auth_comp_id 
_struct_sheet_range.beg_auth_asym_id 
_struct_sheet_range.beg_auth_seq_id 
_struct_sheet_range.end_auth_comp_id 
_struct_sheet_range.end_auth_asym_id 
_struct_sheet_range.end_auth_seq_id 
AA 1 ILE A 12 ? ASP A 14 ? ILE A 11 ASP A 13 
AA 2 LYS A 3  ? CYS A 6  ? LYS A 2  CYS A 5  
AA 3 PHE A 49 ? LYS A 51 ? PHE A 48 LYS A 50 
# 
loop_
_pdbx_struct_sheet_hbond.sheet_id 
_pdbx_struct_sheet_hbond.range_id_1 
_pdbx_struct_sheet_hbond.range_id_2 
_pdbx_struct_sheet_hbond.range_1_label_atom_id 
_pdbx_struct_sheet_hbond.range_1_label_comp_id 
_pdbx_struct_sheet_hbond.range_1_label_asym_id 
_pdbx_struct_sheet_hbond.range_1_label_seq_id 
_pdbx_struct_sheet_hbond.range_1_PDB_ins_code 
_pdbx_struct_sheet_hbond.range_1_auth_atom_id 
_pdbx_struct_sheet_hbond.range_1_auth_comp_id 
_pdbx_struct_sheet_hbond.range_1_auth_asym_id 
_pdbx_struct_sheet_hbond.range_1_auth_seq_id 
_pdbx_struct_sheet_hbond.range_2_label_atom_id 
_pdbx_struct_sheet_hbond.range_2_label_comp_id 
_pdbx_struct_sheet_hbond.range_2_label_asym_id 
_pdbx_struct_sheet_hbond.range_2_label_seq_id 
_pdbx_struct_sheet_hbond.range_2_PDB_ins_code 
_pdbx_struct_sheet_hbond.range_2_auth_atom_id 
_pdbx_struct_sheet_hbond.range_2_auth_comp_id 
_pdbx_struct_sheet_hbond.range_2_auth_asym_id 
_pdbx_struct_sheet_hbond.range_2_auth_seq_id 
AA 1 2 N TYR A 13 ? N TYR A 12 O TRP A 4  ? O TRP A 3  
AA 2 3 N VAL A 5  ? N VAL A 4  O GLU A 50 ? O GLU A 49 
# 
_struct_site.id                   AC1 
_struct_site.pdbx_evidence_code   Software 
_struct_site.pdbx_auth_asym_id    A 
_struct_site.pdbx_auth_comp_id    FE 
_struct_site.pdbx_auth_seq_id     1054 
_struct_site.pdbx_auth_ins_code   ? 
_struct_site.pdbx_num_residues    4 
_struct_site.details              'BINDING SITE FOR RESIDUE FE A 1054' 
# 
loop_
_struct_site_gen.id 
_struct_site_gen.site_id 
_struct_site_gen.pdbx_num_res 
_struct_site_gen.label_comp_id 
_struct_site_gen.label_asym_id 
_struct_site_gen.label_seq_id 
_struct_site_gen.pdbx_auth_ins_code 
_struct_site_gen.auth_comp_id 
_struct_site_gen.auth_asym_id 
_struct_site_gen.auth_seq_id 
_struct_site_gen.label_atom_id 
_struct_site_gen.label_alt_id 
_struct_site_gen.symmetry 
_struct_site_gen.details 
1 AC1 4 CYS A 6  ? CYS A 5  . ? 1_555 ? 
2 AC1 4 CYS A 9  ? CYS A 8  . ? 1_555 ? 
3 AC1 4 CYS A 39 ? CYS A 38 . ? 1_555 ? 
4 AC1 4 CYS A 42 ? CYS A 41 . ? 1_555 ? 
# 
loop_
_pdbx_validate_torsion.id 
_pdbx_validate_torsion.PDB_model_num 
_pdbx_validate_torsion.auth_comp_id 
_pdbx_validate_torsion.auth_asym_id 
_pdbx_validate_torsion.auth_seq_id 
_pdbx_validate_torsion.PDB_ins_code 
_pdbx_validate_torsion.label_alt_id 
_pdbx_validate_torsion.phi 
_pdbx_validate_torsion.psi 
1 1 ASP A 18 ? ? -152.90 64.65 
2 1 ASP A 18 ? ? -152.90 68.29 
# 
loop_
_pdbx_distant_solvent_atoms.id 
_pdbx_distant_solvent_atoms.PDB_model_num 
_pdbx_distant_solvent_atoms.auth_atom_id 
_pdbx_distant_solvent_atoms.label_alt_id 
_pdbx_distant_solvent_atoms.auth_asym_id 
_pdbx_distant_solvent_atoms.auth_comp_id 
_pdbx_distant_solvent_atoms.auth_seq_id 
_pdbx_distant_solvent_atoms.PDB_ins_code 
_pdbx_distant_solvent_atoms.neighbor_macromolecule_distance 
_pdbx_distant_solvent_atoms.neighbor_ligand_distance 
1 1 O ? A DOD 2028 ? 6.16 . 
2 1 O A A DOD 2059 ? 6.70 . 
3 1 O ? A DOD 2060 ? 8.11 . 
4 1 O ? A DOD 2144 ? 6.91 . 
# 
loop_
_chem_comp_atom.comp_id 
_chem_comp_atom.atom_id 
_chem_comp_atom.type_symbol 
_chem_comp_atom.pdbx_aromatic_flag 
_chem_comp_atom.pdbx_stereo_config 
_chem_comp_atom.pdbx_ordinal 
ALA N    N  N N 1   
ALA CA   C  N S 2   
ALA C    C  N N 3   
ALA O    O  N N 4   
ALA CB   C  N N 5   
ALA OXT  O  N N 6   
ALA H    H  N N 7   
ALA H2   H  N N 8   
ALA HA   H  N N 9   
ALA HB1  H  N N 10  
ALA HB2  H  N N 11  
ALA HB3  H  N N 12  
ALA HXT  H  N N 13  
ASN N    N  N N 14  
ASN CA   C  N S 15  
ASN C    C  N N 16  
ASN O    O  N N 17  
ASN CB   C  N N 18  
ASN CG   C  N N 19  
ASN OD1  O  N N 20  
ASN ND2  N  N N 21  
ASN OXT  O  N N 22  
ASN H    H  N N 23  
ASN H2   H  N N 24  
ASN HA   H  N N 25  
ASN HB2  H  N N 26  
ASN HB3  H  N N 27  
ASN HD21 H  N N 28  
ASN HD22 H  N N 29  
ASN HXT  H  N N 30  
ASP N    N  N N 31  
ASP CA   C  N S 32  
ASP C    C  N N 33  
ASP O    O  N N 34  
ASP CB   C  N N 35  
ASP CG   C  N N 36  
ASP OD1  O  N N 37  
ASP OD2  O  N N 38  
ASP OXT  O  N N 39  
ASP H    H  N N 40  
ASP H2   H  N N 41  
ASP HA   H  N N 42  
ASP HB2  H  N N 43  
ASP HB3  H  N N 44  
ASP HD2  H  N N 45  
ASP HXT  H  N N 46  
CYS N    N  N N 47  
CYS CA   C  N R 48  
CYS C    C  N N 49  
CYS O    O  N N 50  
CYS CB   C  N N 51  
CYS SG   S  N N 52  
CYS OXT  O  N N 53  
CYS H    H  N N 54  
CYS H2   H  N N 55  
CYS HA   H  N N 56  
CYS HB2  H  N N 57  
CYS HB3  H  N N 58  
CYS HG   H  N N 59  
CYS HXT  H  N N 60  
DOD O    O  N N 61  
DOD D1   D  N N 62  
DOD D2   D  N N 63  
FE  FE   FE N N 64  
GLU N    N  N N 65  
GLU CA   C  N S 66  
GLU C    C  N N 67  
GLU O    O  N N 68  
GLU CB   C  N N 69  
GLU CG   C  N N 70  
GLU CD   C  N N 71  
GLU OE1  O  N N 72  
GLU OE2  O  N N 73  
GLU OXT  O  N N 74  
GLU H    H  N N 75  
GLU H2   H  N N 76  
GLU HA   H  N N 77  
GLU HB2  H  N N 78  
GLU HB3  H  N N 79  
GLU HG2  H  N N 80  
GLU HG3  H  N N 81  
GLU HE2  H  N N 82  
GLU HXT  H  N N 83  
GLY N    N  N N 84  
GLY CA   C  N N 85  
GLY C    C  N N 86  
GLY O    O  N N 87  
GLY OXT  O  N N 88  
GLY H    H  N N 89  
GLY H2   H  N N 90  
GLY HA2  H  N N 91  
GLY HA3  H  N N 92  
GLY HXT  H  N N 93  
ILE N    N  N N 94  
ILE CA   C  N S 95  
ILE C    C  N N 96  
ILE O    O  N N 97  
ILE CB   C  N S 98  
ILE CG1  C  N N 99  
ILE CG2  C  N N 100 
ILE CD1  C  N N 101 
ILE OXT  O  N N 102 
ILE H    H  N N 103 
ILE H2   H  N N 104 
ILE HA   H  N N 105 
ILE HB   H  N N 106 
ILE HG12 H  N N 107 
ILE HG13 H  N N 108 
ILE HG21 H  N N 109 
ILE HG22 H  N N 110 
ILE HG23 H  N N 111 
ILE HD11 H  N N 112 
ILE HD12 H  N N 113 
ILE HD13 H  N N 114 
ILE HXT  H  N N 115 
LEU N    N  N N 116 
LEU CA   C  N S 117 
LEU C    C  N N 118 
LEU O    O  N N 119 
LEU CB   C  N N 120 
LEU CG   C  N N 121 
LEU CD1  C  N N 122 
LEU CD2  C  N N 123 
LEU OXT  O  N N 124 
LEU H    H  N N 125 
LEU H2   H  N N 126 
LEU HA   H  N N 127 
LEU HB2  H  N N 128 
LEU HB3  H  N N 129 
LEU HG   H  N N 130 
LEU HD11 H  N N 131 
LEU HD12 H  N N 132 
LEU HD13 H  N N 133 
LEU HD21 H  N N 134 
LEU HD22 H  N N 135 
LEU HD23 H  N N 136 
LEU HXT  H  N N 137 
LYS N    N  N N 138 
LYS CA   C  N S 139 
LYS C    C  N N 140 
LYS O    O  N N 141 
LYS CB   C  N N 142 
LYS CG   C  N N 143 
LYS CD   C  N N 144 
LYS CE   C  N N 145 
LYS NZ   N  N N 146 
LYS OXT  O  N N 147 
LYS H    H  N N 148 
LYS H2   H  N N 149 
LYS HA   H  N N 150 
LYS HB2  H  N N 151 
LYS HB3  H  N N 152 
LYS HG2  H  N N 153 
LYS HG3  H  N N 154 
LYS HD2  H  N N 155 
LYS HD3  H  N N 156 
LYS HE2  H  N N 157 
LYS HE3  H  N N 158 
LYS HZ1  H  N N 159 
LYS HZ2  H  N N 160 
LYS HZ3  H  N N 161 
LYS HXT  H  N N 162 
MET N    N  N N 163 
MET CA   C  N S 164 
MET C    C  N N 165 
MET O    O  N N 166 
MET CB   C  N N 167 
MET CG   C  N N 168 
MET SD   S  N N 169 
MET CE   C  N N 170 
MET OXT  O  N N 171 
MET H    H  N N 172 
MET H2   H  N N 173 
MET HA   H  N N 174 
MET HB2  H  N N 175 
MET HB3  H  N N 176 
MET HG2  H  N N 177 
MET HG3  H  N N 178 
MET HE1  H  N N 179 
MET HE2  H  N N 180 
MET HE3  H  N N 181 
MET HXT  H  N N 182 
PHE N    N  N N 183 
PHE CA   C  N S 184 
PHE C    C  N N 185 
PHE O    O  N N 186 
PHE CB   C  N N 187 
PHE CG   C  Y N 188 
PHE CD1  C  Y N 189 
PHE CD2  C  Y N 190 
PHE CE1  C  Y N 191 
PHE CE2  C  Y N 192 
PHE CZ   C  Y N 193 
PHE OXT  O  N N 194 
PHE H    H  N N 195 
PHE H2   H  N N 196 
PHE HA   H  N N 197 
PHE HB2  H  N N 198 
PHE HB3  H  N N 199 
PHE HD1  H  N N 200 
PHE HD2  H  N N 201 
PHE HE1  H  N N 202 
PHE HE2  H  N N 203 
PHE HZ   H  N N 204 
PHE HXT  H  N N 205 
PRO N    N  N N 206 
PRO CA   C  N S 207 
PRO C    C  N N 208 
PRO O    O  N N 209 
PRO CB   C  N N 210 
PRO CG   C  N N 211 
PRO CD   C  N N 212 
PRO OXT  O  N N 213 
PRO H    H  N N 214 
PRO HA   H  N N 215 
PRO HB2  H  N N 216 
PRO HB3  H  N N 217 
PRO HG2  H  N N 218 
PRO HG3  H  N N 219 
PRO HD2  H  N N 220 
PRO HD3  H  N N 221 
PRO HXT  H  N N 222 
SER N    N  N N 223 
SER CA   C  N S 224 
SER C    C  N N 225 
SER O    O  N N 226 
SER CB   C  N N 227 
SER OG   O  N N 228 
SER OXT  O  N N 229 
SER H    H  N N 230 
SER H2   H  N N 231 
SER HA   H  N N 232 
SER HB2  H  N N 233 
SER HB3  H  N N 234 
SER HG   H  N N 235 
SER HXT  H  N N 236 
THR N    N  N N 237 
THR CA   C  N S 238 
THR C    C  N N 239 
THR O    O  N N 240 
THR CB   C  N R 241 
THR OG1  O  N N 242 
THR CG2  C  N N 243 
THR OXT  O  N N 244 
THR H    H  N N 245 
THR H2   H  N N 246 
THR HA   H  N N 247 
THR HB   H  N N 248 
THR HG1  H  N N 249 
THR HG21 H  N N 250 
THR HG22 H  N N 251 
THR HG23 H  N N 252 
THR HXT  H  N N 253 
TRP N    N  N N 254 
TRP CA   C  N S 255 
TRP C    C  N N 256 
TRP O    O  N N 257 
TRP CB   C  N N 258 
TRP CG   C  Y N 259 
TRP CD1  C  Y N 260 
TRP CD2  C  Y N 261 
TRP NE1  N  Y N 262 
TRP CE2  C  Y N 263 
TRP CE3  C  Y N 264 
TRP CZ2  C  Y N 265 
TRP CZ3  C  Y N 266 
TRP CH2  C  Y N 267 
TRP OXT  O  N N 268 
TRP H    H  N N 269 
TRP H2   H  N N 270 
TRP HA   H  N N 271 
TRP HB2  H  N N 272 
TRP HB3  H  N N 273 
TRP HD1  H  N N 274 
TRP HE1  H  N N 275 
TRP HE3  H  N N 276 
TRP HZ2  H  N N 277 
TRP HZ3  H  N N 278 
TRP HH2  H  N N 279 
TRP HXT  H  N N 280 
TYR N    N  N N 281 
TYR CA   C  N S 282 
TYR C    C  N N 283 
TYR O    O  N N 284 
TYR CB   C  N N 285 
TYR CG   C  Y N 286 
TYR CD1  C  Y N 287 
TYR CD2  C  Y N 288 
TYR CE1  C  Y N 289 
TYR CE2  C  Y N 290 
TYR CZ   C  Y N 291 
TYR OH   O  N N 292 
TYR OXT  O  N N 293 
TYR H    H  N N 294 
TYR H2   H  N N 295 
TYR HA   H  N N 296 
TYR HB2  H  N N 297 
TYR HB3  H  N N 298 
TYR HD1  H  N N 299 
TYR HD2  H  N N 300 
TYR HE1  H  N N 301 
TYR HE2  H  N N 302 
TYR HH   H  N N 303 
TYR HXT  H  N N 304 
VAL N    N  N N 305 
VAL CA   C  N S 306 
VAL C    C  N N 307 
VAL O    O  N N 308 
VAL CB   C  N N 309 
VAL CG1  C  N N 310 
VAL CG2  C  N N 311 
VAL OXT  O  N N 312 
VAL H    H  N N 313 
VAL H2   H  N N 314 
VAL HA   H  N N 315 
VAL HB   H  N N 316 
VAL HG11 H  N N 317 
VAL HG12 H  N N 318 
VAL HG13 H  N N 319 
VAL HG21 H  N N 320 
VAL HG22 H  N N 321 
VAL HG23 H  N N 322 
VAL HXT  H  N N 323 
# 
loop_
_chem_comp_bond.comp_id 
_chem_comp_bond.atom_id_1 
_chem_comp_bond.atom_id_2 
_chem_comp_bond.value_order 
_chem_comp_bond.pdbx_aromatic_flag 
_chem_comp_bond.pdbx_stereo_config 
_chem_comp_bond.pdbx_ordinal 
ALA N   CA   sing N N 1   
ALA N   H    sing N N 2   
ALA N   H2   sing N N 3   
ALA CA  C    sing N N 4   
ALA CA  CB   sing N N 5   
ALA CA  HA   sing N N 6   
ALA C   O    doub N N 7   
ALA C   OXT  sing N N 8   
ALA CB  HB1  sing N N 9   
ALA CB  HB2  sing N N 10  
ALA CB  HB3  sing N N 11  
ALA OXT HXT  sing N N 12  
ASN N   CA   sing N N 13  
ASN N   H    sing N N 14  
ASN N   H2   sing N N 15  
ASN CA  C    sing N N 16  
ASN CA  CB   sing N N 17  
ASN CA  HA   sing N N 18  
ASN C   O    doub N N 19  
ASN C   OXT  sing N N 20  
ASN CB  CG   sing N N 21  
ASN CB  HB2  sing N N 22  
ASN CB  HB3  sing N N 23  
ASN CG  OD1  doub N N 24  
ASN CG  ND2  sing N N 25  
ASN ND2 HD21 sing N N 26  
ASN ND2 HD22 sing N N 27  
ASN OXT HXT  sing N N 28  
ASP N   CA   sing N N 29  
ASP N   H    sing N N 30  
ASP N   H2   sing N N 31  
ASP CA  C    sing N N 32  
ASP CA  CB   sing N N 33  
ASP CA  HA   sing N N 34  
ASP C   O    doub N N 35  
ASP C   OXT  sing N N 36  
ASP CB  CG   sing N N 37  
ASP CB  HB2  sing N N 38  
ASP CB  HB3  sing N N 39  
ASP CG  OD1  doub N N 40  
ASP CG  OD2  sing N N 41  
ASP OD2 HD2  sing N N 42  
ASP OXT HXT  sing N N 43  
CYS N   CA   sing N N 44  
CYS N   H    sing N N 45  
CYS N   H2   sing N N 46  
CYS CA  C    sing N N 47  
CYS CA  CB   sing N N 48  
CYS CA  HA   sing N N 49  
CYS C   O    doub N N 50  
CYS C   OXT  sing N N 51  
CYS CB  SG   sing N N 52  
CYS CB  HB2  sing N N 53  
CYS CB  HB3  sing N N 54  
CYS SG  HG   sing N N 55  
CYS OXT HXT  sing N N 56  
DOD O   D1   sing N N 57  
DOD O   D2   sing N N 58  
GLU N   CA   sing N N 59  
GLU N   H    sing N N 60  
GLU N   H2   sing N N 61  
GLU CA  C    sing N N 62  
GLU CA  CB   sing N N 63  
GLU CA  HA   sing N N 64  
GLU C   O    doub N N 65  
GLU C   OXT  sing N N 66  
GLU CB  CG   sing N N 67  
GLU CB  HB2  sing N N 68  
GLU CB  HB3  sing N N 69  
GLU CG  CD   sing N N 70  
GLU CG  HG2  sing N N 71  
GLU CG  HG3  sing N N 72  
GLU CD  OE1  doub N N 73  
GLU CD  OE2  sing N N 74  
GLU OE2 HE2  sing N N 75  
GLU OXT HXT  sing N N 76  
GLY N   CA   sing N N 77  
GLY N   H    sing N N 78  
GLY N   H2   sing N N 79  
GLY CA  C    sing N N 80  
GLY CA  HA2  sing N N 81  
GLY CA  HA3  sing N N 82  
GLY C   O    doub N N 83  
GLY C   OXT  sing N N 84  
GLY OXT HXT  sing N N 85  
ILE N   CA   sing N N 86  
ILE N   H    sing N N 87  
ILE N   H2   sing N N 88  
ILE CA  C    sing N N 89  
ILE CA  CB   sing N N 90  
ILE CA  HA   sing N N 91  
ILE C   O    doub N N 92  
ILE C   OXT  sing N N 93  
ILE CB  CG1  sing N N 94  
ILE CB  CG2  sing N N 95  
ILE CB  HB   sing N N 96  
ILE CG1 CD1  sing N N 97  
ILE CG1 HG12 sing N N 98  
ILE CG1 HG13 sing N N 99  
ILE CG2 HG21 sing N N 100 
ILE CG2 HG22 sing N N 101 
ILE CG2 HG23 sing N N 102 
ILE CD1 HD11 sing N N 103 
ILE CD1 HD12 sing N N 104 
ILE CD1 HD13 sing N N 105 
ILE OXT HXT  sing N N 106 
LEU N   CA   sing N N 107 
LEU N   H    sing N N 108 
LEU N   H2   sing N N 109 
LEU CA  C    sing N N 110 
LEU CA  CB   sing N N 111 
LEU CA  HA   sing N N 112 
LEU C   O    doub N N 113 
LEU C   OXT  sing N N 114 
LEU CB  CG   sing N N 115 
LEU CB  HB2  sing N N 116 
LEU CB  HB3  sing N N 117 
LEU CG  CD1  sing N N 118 
LEU CG  CD2  sing N N 119 
LEU CG  HG   sing N N 120 
LEU CD1 HD11 sing N N 121 
LEU CD1 HD12 sing N N 122 
LEU CD1 HD13 sing N N 123 
LEU CD2 HD21 sing N N 124 
LEU CD2 HD22 sing N N 125 
LEU CD2 HD23 sing N N 126 
LEU OXT HXT  sing N N 127 
LYS N   CA   sing N N 128 
LYS N   H    sing N N 129 
LYS N   H2   sing N N 130 
LYS CA  C    sing N N 131 
LYS CA  CB   sing N N 132 
LYS CA  HA   sing N N 133 
LYS C   O    doub N N 134 
LYS C   OXT  sing N N 135 
LYS CB  CG   sing N N 136 
LYS CB  HB2  sing N N 137 
LYS CB  HB3  sing N N 138 
LYS CG  CD   sing N N 139 
LYS CG  HG2  sing N N 140 
LYS CG  HG3  sing N N 141 
LYS CD  CE   sing N N 142 
LYS CD  HD2  sing N N 143 
LYS CD  HD3  sing N N 144 
LYS CE  NZ   sing N N 145 
LYS CE  HE2  sing N N 146 
LYS CE  HE3  sing N N 147 
LYS NZ  HZ1  sing N N 148 
LYS NZ  HZ2  sing N N 149 
LYS NZ  HZ3  sing N N 150 
LYS OXT HXT  sing N N 151 
MET N   CA   sing N N 152 
MET N   H    sing N N 153 
MET N   H2   sing N N 154 
MET CA  C    sing N N 155 
MET CA  CB   sing N N 156 
MET CA  HA   sing N N 157 
MET C   O    doub N N 158 
MET C   OXT  sing N N 159 
MET CB  CG   sing N N 160 
MET CB  HB2  sing N N 161 
MET CB  HB3  sing N N 162 
MET CG  SD   sing N N 163 
MET CG  HG2  sing N N 164 
MET CG  HG3  sing N N 165 
MET SD  CE   sing N N 166 
MET CE  HE1  sing N N 167 
MET CE  HE2  sing N N 168 
MET CE  HE3  sing N N 169 
MET OXT HXT  sing N N 170 
PHE N   CA   sing N N 171 
PHE N   H    sing N N 172 
PHE N   H2   sing N N 173 
PHE CA  C    sing N N 174 
PHE CA  CB   sing N N 175 
PHE CA  HA   sing N N 176 
PHE C   O    doub N N 177 
PHE C   OXT  sing N N 178 
PHE CB  CG   sing N N 179 
PHE CB  HB2  sing N N 180 
PHE CB  HB3  sing N N 181 
PHE CG  CD1  doub Y N 182 
PHE CG  CD2  sing Y N 183 
PHE CD1 CE1  sing Y N 184 
PHE CD1 HD1  sing N N 185 
PHE CD2 CE2  doub Y N 186 
PHE CD2 HD2  sing N N 187 
PHE CE1 CZ   doub Y N 188 
PHE CE1 HE1  sing N N 189 
PHE CE2 CZ   sing Y N 190 
PHE CE2 HE2  sing N N 191 
PHE CZ  HZ   sing N N 192 
PHE OXT HXT  sing N N 193 
PRO N   CA   sing N N 194 
PRO N   CD   sing N N 195 
PRO N   H    sing N N 196 
PRO CA  C    sing N N 197 
PRO CA  CB   sing N N 198 
PRO CA  HA   sing N N 199 
PRO C   O    doub N N 200 
PRO C   OXT  sing N N 201 
PRO CB  CG   sing N N 202 
PRO CB  HB2  sing N N 203 
PRO CB  HB3  sing N N 204 
PRO CG  CD   sing N N 205 
PRO CG  HG2  sing N N 206 
PRO CG  HG3  sing N N 207 
PRO CD  HD2  sing N N 208 
PRO CD  HD3  sing N N 209 
PRO OXT HXT  sing N N 210 
SER N   CA   sing N N 211 
SER N   H    sing N N 212 
SER N   H2   sing N N 213 
SER CA  C    sing N N 214 
SER CA  CB   sing N N 215 
SER CA  HA   sing N N 216 
SER C   O    doub N N 217 
SER C   OXT  sing N N 218 
SER CB  OG   sing N N 219 
SER CB  HB2  sing N N 220 
SER CB  HB3  sing N N 221 
SER OG  HG   sing N N 222 
SER OXT HXT  sing N N 223 
THR N   CA   sing N N 224 
THR N   H    sing N N 225 
THR N   H2   sing N N 226 
THR CA  C    sing N N 227 
THR CA  CB   sing N N 228 
THR CA  HA   sing N N 229 
THR C   O    doub N N 230 
THR C   OXT  sing N N 231 
THR CB  OG1  sing N N 232 
THR CB  CG2  sing N N 233 
THR CB  HB   sing N N 234 
THR OG1 HG1  sing N N 235 
THR CG2 HG21 sing N N 236 
THR CG2 HG22 sing N N 237 
THR CG2 HG23 sing N N 238 
THR OXT HXT  sing N N 239 
TRP N   CA   sing N N 240 
TRP N   H    sing N N 241 
TRP N   H2   sing N N 242 
TRP CA  C    sing N N 243 
TRP CA  CB   sing N N 244 
TRP CA  HA   sing N N 245 
TRP C   O    doub N N 246 
TRP C   OXT  sing N N 247 
TRP CB  CG   sing N N 248 
TRP CB  HB2  sing N N 249 
TRP CB  HB3  sing N N 250 
TRP CG  CD1  doub Y N 251 
TRP CG  CD2  sing Y N 252 
TRP CD1 NE1  sing Y N 253 
TRP CD1 HD1  sing N N 254 
TRP CD2 CE2  doub Y N 255 
TRP CD2 CE3  sing Y N 256 
TRP NE1 CE2  sing Y N 257 
TRP NE1 HE1  sing N N 258 
TRP CE2 CZ2  sing Y N 259 
TRP CE3 CZ3  doub Y N 260 
TRP CE3 HE3  sing N N 261 
TRP CZ2 CH2  doub Y N 262 
TRP CZ2 HZ2  sing N N 263 
TRP CZ3 CH2  sing Y N 264 
TRP CZ3 HZ3  sing N N 265 
TRP CH2 HH2  sing N N 266 
TRP OXT HXT  sing N N 267 
TYR N   CA   sing N N 268 
TYR N   H    sing N N 269 
TYR N   H2   sing N N 270 
TYR CA  C    sing N N 271 
TYR CA  CB   sing N N 272 
TYR CA  HA   sing N N 273 
TYR C   O    doub N N 274 
TYR C   OXT  sing N N 275 
TYR CB  CG   sing N N 276 
TYR CB  HB2  sing N N 277 
TYR CB  HB3  sing N N 278 
TYR CG  CD1  doub Y N 279 
TYR CG  CD2  sing Y N 280 
TYR CD1 CE1  sing Y N 281 
TYR CD1 HD1  sing N N 282 
TYR CD2 CE2  doub Y N 283 
TYR CD2 HD2  sing N N 284 
TYR CE1 CZ   doub Y N 285 
TYR CE1 HE1  sing N N 286 
TYR CE2 CZ   sing Y N 287 
TYR CE2 HE2  sing N N 288 
TYR CZ  OH   sing N N 289 
TYR OH  HH   sing N N 290 
TYR OXT HXT  sing N N 291 
VAL N   CA   sing N N 292 
VAL N   H    sing N N 293 
VAL N   H2   sing N N 294 
VAL CA  C    sing N N 295 
VAL CA  CB   sing N N 296 
VAL CA  HA   sing N N 297 
VAL C   O    doub N N 298 
VAL C   OXT  sing N N 299 
VAL CB  CG1  sing N N 300 
VAL CB  CG2  sing N N 301 
VAL CB  HB   sing N N 302 
VAL CG1 HG11 sing N N 303 
VAL CG1 HG12 sing N N 304 
VAL CG1 HG13 sing N N 305 
VAL CG2 HG21 sing N N 306 
VAL CG2 HG22 sing N N 307 
VAL CG2 HG23 sing N N 308 
VAL OXT HXT  sing N N 309 
# 
_atom_sites.entry_id                    4AR6 
_atom_sites.fract_transf_matrix[1][1]   -0.01300722 
_atom_sites.fract_transf_matrix[1][2]   -0.01187228 
_atom_sites.fract_transf_matrix[1][3]   -0.02315486 
_atom_sites.fract_transf_matrix[2][1]   -0.00890588 
_atom_sites.fract_transf_matrix[2][2]   0.02572076 
_atom_sites.fract_transf_matrix[2][3]   -0.00818504 
_atom_sites.fract_transf_matrix[3][1]   0.01906491 
_atom_sites.fract_transf_matrix[3][2]   0.00274523 
_atom_sites.fract_transf_matrix[3][3]   -0.01211727 
_atom_sites.fract_transf_vector[1]      0.374277 
_atom_sites.fract_transf_vector[2]      1.071405 
_atom_sites.fract_transf_vector[3]      0.113542 
# 
loop_
_atom_type.symbol 
C  
D  
FE 
H  
N  
O  
S  
# 
loop_
_atom_site.group_PDB 
_atom_site.id 
_atom_site.type_symbol 
_atom_site.label_atom_id 
_atom_site.label_alt_id 
_atom_site.label_comp_id 
_atom_site.label_asym_id 
_atom_site.label_entity_id 
_atom_site.label_seq_id 
_atom_site.pdbx_PDB_ins_code 
_atom_site.Cartn_x 
_atom_site.Cartn_y 
_atom_site.Cartn_z 
_atom_site.occupancy 
_atom_site.B_iso_or_equiv 
_atom_site.pdbx_formal_charge 
_atom_site.auth_seq_id 
_atom_site.auth_comp_id 
_atom_site.auth_asym_id 
_atom_site.auth_atom_id 
_atom_site.pdbx_PDB_model_num 
ATOM   1    N  N    . MET A 1 1  ? -2.576  -10.810 -7.487  1.00 52.23 ? 0    MET A N    1 
ATOM   2    C  CA   . MET A 1 1  ? -2.647  -10.507 -6.030  1.00 49.55 ? 0    MET A CA   1 
ATOM   3    C  C    . MET A 1 1  ? -3.609  -9.346  -5.789  1.00 32.83 ? 0    MET A C    1 
ATOM   4    O  O    . MET A 1 1  ? -4.295  -8.906  -6.710  1.00 33.93 ? 0    MET A O    1 
ATOM   5    C  CB   . MET A 1 1  ? -1.253  -10.190 -5.491  1.00 61.08 ? 0    MET A CB   1 
ATOM   6    C  CG   . MET A 1 1  ? -0.228  -11.265 -5.822  1.00 69.51 ? 0    MET A CG   1 
ATOM   7    S  SD   . MET A 1 1  ? 1.380   -10.987 -5.063  1.00 74.92 ? 0    MET A SD   1 
ATOM   8    C  CE   . MET A 1 1  ? 0.989   -11.257 -3.337  1.00 78.10 ? 0    MET A CE   1 
ATOM   9    D  D1   . MET A 1 1  ? -3.424  -10.619 -7.895  1.00 62.68 ? 0    MET A D1   1 
ATOM   10   D  D2   . MET A 1 1  ? -1.895  -10.268 -7.893  1.00 62.68 ? 0    MET A D2   1 
ATOM   11   D  D3   . MET A 1 1  ? -2.363  -11.738 -7.610  1.00 62.68 ? 0    MET A D3   1 
ATOM   12   D  DA   . MET A 1 1  ? -2.980  -11.298 -5.557  1.00 59.46 ? 0    MET A DA   1 
ATOM   13   D  DB2  . MET A 1 1  ? -0.947  -9.356  -5.881  1.00 73.30 ? 0    MET A DB2  1 
ATOM   14   D  DB3  . MET A 1 1  ? -1.299  -10.107 -4.526  1.00 73.30 ? 0    MET A DB3  1 
ATOM   15   D  DG2  . MET A 1 1  ? -0.561  -12.121 -5.509  1.00 83.41 ? 0    MET A DG2  1 
ATOM   16   D  DG3  . MET A 1 1  ? -0.102  -11.292 -6.784  1.00 83.41 ? 0    MET A DG3  1 
ATOM   17   D  DE1  . MET A 1 1  ? 0.658   -12.152 -3.228  1.00 93.72 ? 0    MET A DE1  1 
ATOM   18   D  DE2  . MET A 1 1  ? 1.783   -11.134 -2.814  1.00 93.72 ? 0    MET A DE2  1 
ATOM   19   D  DE3  . MET A 1 1  ? 0.318   -10.624 -3.066  1.00 93.72 ? 0    MET A DE3  1 
ATOM   20   N  N    . ALA A 1 2  ? -3.659  -8.849  -4.557  1.00 15.65 ? 1    ALA A N    1 
ATOM   21   C  CA   . ALA A 1 2  ? -4.688  -7.892  -4.175  1.00 14.25 ? 1    ALA A CA   1 
ATOM   22   C  C    . ALA A 1 2  ? -4.255  -6.453  -4.384  1.00 11.65 ? 1    ALA A C    1 
ATOM   23   O  O    . ALA A 1 2  ? -3.069  -6.148  -4.503  1.00 13.04 ? 1    ALA A O    1 
ATOM   24   C  CB   . ALA A 1 2  ? -5.081  -8.104  -2.725  1.00 18.03 ? 1    ALA A CB   1 
ATOM   25   D  D    . ALA A 1 2  ? -3.111  -9.051  -3.926  1.00 18.78 ? 1    ALA A D    1 
ATOM   26   D  DA   . ALA A 1 2  ? -5.483  -8.047  -4.727  1.00 17.10 ? 1    ALA A DA   1 
ATOM   27   D  DB1  . ALA A 1 2  ? -4.307  -7.980  -2.170  1.00 21.63 ? 1    ALA A DB1  1 
ATOM   28   D  DB2  . ALA A 1 2  ? -5.759  -7.467  -2.489  1.00 21.63 ? 1    ALA A DB2  1 
ATOM   29   D  DB3  . ALA A 1 2  ? -5.419  -8.997  -2.621  1.00 21.63 ? 1    ALA A DB3  1 
ATOM   30   N  N    . LYS A 1 3  ? -5.250  -5.578  -4.407  1.00 11.00 ? 2    LYS A N    1 
ATOM   31   C  CA   . LYS A 1 3  ? -5.059  -4.141  -4.452  1.00 10.75 ? 2    LYS A CA   1 
ATOM   32   C  C    . LYS A 1 3  ? -5.725  -3.513  -3.242  1.00 9.92  ? 2    LYS A C    1 
ATOM   33   O  O    . LYS A 1 3  ? -6.792  -3.954  -2.814  1.00 11.22 ? 2    LYS A O    1 
ATOM   34   C  CB   . LYS A 1 3  ? -5.636  -3.555  -5.754  1.00 11.93 ? 2    LYS A CB   1 
ATOM   35   C  CG   . LYS A 1 3  ? -4.795  -3.925  -6.972  1.00 16.44 ? 2    LYS A CG   1 
ATOM   36   C  CD   . LYS A 1 3  ? -5.492  -3.674  -8.282  1.00 22.47 ? 2    LYS A CD   1 
ATOM   37   C  CE   . LYS A 1 3  ? -4.724  -4.337  -9.412  1.00 25.32 ? 2    LYS A CE   1 
ATOM   38   N  NZ   . LYS A 1 3  ? -4.566  -5.800  -9.167  1.00 25.64 ? 2    LYS A NZ   1 
ATOM   39   D  D    . LYS A 1 3  ? -6.079  -5.807  -4.396  1.00 13.20 ? 2    LYS A D    1 
ATOM   40   D  DA   . LYS A 1 3  ? -4.100  -3.938  -4.419  1.00 12.90 ? 2    LYS A DA   1 
ATOM   41   D  DB2  . LYS A 1 3  ? -6.531  -3.901  -5.889  1.00 14.32 ? 2    LYS A DB2  1 
ATOM   42   D  DB3  . LYS A 1 3  ? -5.658  -2.588  -5.686  1.00 14.32 ? 2    LYS A DB3  1 
ATOM   43   D  DG2  . LYS A 1 3  ? -3.981  -3.398  -6.962  1.00 19.73 ? 2    LYS A DG2  1 
ATOM   44   D  DG3  . LYS A 1 3  ? -4.578  -4.869  -6.927  1.00 19.73 ? 2    LYS A DG3  1 
ATOM   45   D  DD2  . LYS A 1 3  ? -6.385  -4.051  -8.253  1.00 26.96 ? 2    LYS A DD2  1 
ATOM   46   D  DD3  . LYS A 1 3  ? -5.530  -2.719  -8.452  1.00 26.96 ? 2    LYS A DD3  1 
ATOM   47   D  DE2  . LYS A 1 3  ? -5.210  -4.217  -10.244 1.00 30.39 ? 2    LYS A DE2  1 
ATOM   48   D  DE3  . LYS A 1 3  ? -3.841  -3.940  -9.476  1.00 30.39 ? 2    LYS A DE3  1 
ATOM   49   D  DZ1  . LYS A 1 3  ? -5.365  -6.186  -9.105  1.00 30.77 ? 2    LYS A DZ1  1 
ATOM   50   D  DZ2  . LYS A 1 3  ? -4.114  -6.173  -9.837  1.00 30.77 ? 2    LYS A DZ2  1 
ATOM   51   D  DZ3  . LYS A 1 3  ? -4.121  -5.934  -8.408  1.00 30.77 ? 2    LYS A DZ3  1 
ATOM   52   N  N    . TRP A 1 4  ? -5.080  -2.477  -2.719  1.00 9.51  ? 3    TRP A N    1 
ATOM   53   C  CA   . TRP A 1 4  ? -5.531  -1.764  -1.548  1.00 9.67  ? 3    TRP A CA   1 
ATOM   54   C  C    . TRP A 1 4  ? -5.538  -0.271  -1.845  1.00 9.67  ? 3    TRP A C    1 
ATOM   55   O  O    . TRP A 1 4  ? -4.554  0.262   -2.361  1.00 13.04 ? 3    TRP A O    1 
ATOM   56   C  CB   . TRP A 1 4  ? -4.561  -2.005  -0.390  1.00 10.67 ? 3    TRP A CB   1 
ATOM   57   C  CG   . TRP A 1 4  ? -4.471  -3.403  0.071   1.00 10.95 ? 3    TRP A CG   1 
ATOM   58   C  CD1  . TRP A 1 4  ? -3.949  -4.468  -0.602  1.00 12.16 ? 3    TRP A CD1  1 
ATOM   59   C  CD2  . TRP A 1 4  ? -4.890  -3.895  1.340   1.00 11.53 ? 3    TRP A CD2  1 
ATOM   60   N  NE1  . TRP A 1 4  ? -4.027  -5.599  0.171   1.00 13.69 ? 3    TRP A NE1  1 
ATOM   61   C  CE2  . TRP A 1 4  ? -4.599  -5.271  1.371   1.00 13.46 ? 3    TRP A CE2  1 
ATOM   62   C  CE3  . TRP A 1 4  ? -5.474  -3.299  2.462   1.00 12.78 ? 3    TRP A CE3  1 
ATOM   63   C  CZ2  . TRP A 1 4  ? -4.877  -6.062  2.479   1.00 15.88 ? 3    TRP A CZ2  1 
ATOM   64   C  CZ3  . TRP A 1 4  ? -5.748  -4.084  3.554   1.00 15.57 ? 3    TRP A CZ3  1 
ATOM   65   C  CH2  . TRP A 1 4  ? -5.450  -5.451  3.557   1.00 16.63 ? 3    TRP A CH2  1 
ATOM   66   D  D    . TRP A 1 4  ? -4.349  -2.161  -3.042  1.00 11.41 ? 3    TRP A D    1 
ATOM   67   D  DA   . TRP A 1 4  ? -6.431  -2.054  -1.291  1.00 11.61 ? 3    TRP A DA   1 
ATOM   68   D  DB2  . TRP A 1 4  ? -3.673  -1.733  -0.670  1.00 12.80 ? 3    TRP A DB2  1 
ATOM   69   D  DB3  . TRP A 1 4  ? -4.843  -1.467  0.365   1.00 12.80 ? 3    TRP A DB3  1 
ATOM   70   D  DD1  . TRP A 1 4  ? -3.601  -4.436  -1.465  1.00 14.59 ? 3    TRP A DD1  1 
ATOM   71   D  DE1  . TRP A 1 4  ? -3.761  -6.384  -0.060  1.00 16.42 ? 3    TRP A DE1  1 
ATOM   72   D  DE3  . TRP A 1 4  ? -5.670  -2.391  2.469   1.00 15.33 ? 3    TRP A DE3  1 
ATOM   73   D  DZ2  . TRP A 1 4  ? -4.684  -6.973  2.486   1.00 19.05 ? 3    TRP A DZ2  1 
ATOM   74   D  DZ3  . TRP A 1 4  ? -6.144  -3.700  4.304   1.00 18.68 ? 3    TRP A DZ3  1 
ATOM   75   D  DH2  . TRP A 1 4  ? -5.656  -5.957  4.308   1.00 19.95 ? 3    TRP A DH2  1 
ATOM   76   N  N    . VAL A 1 5  ? -6.591  0.433   -1.469  1.00 8.97  ? 4    VAL A N    1 
ATOM   77   C  CA   . VAL A 1 5  ? -6.675  1.860   -1.745  1.00 8.99  ? 4    VAL A CA   1 
ATOM   78   C  C    . VAL A 1 5  ? -6.377  2.676   -0.504  1.00 8.39  ? 4    VAL A C    1 
ATOM   79   O  O    . VAL A 1 5  ? -6.838  2.356   0.594   1.00 9.38  ? 4    VAL A O    1 
ATOM   80   C  CB   . VAL A 1 5  ? -8.057  2.243   -2.343  1.00 10.64 ? 4    VAL A CB   1 
ATOM   81   C  CG1  . VAL A 1 5  ? -9.195  2.020   -1.356  1.00 12.52 ? 4    VAL A CG1  1 
ATOM   82   C  CG2  . VAL A 1 5  ? -8.045  3.672   -2.864  1.00 11.78 ? 4    VAL A CG2  1 
ATOM   83   D  D    . VAL A 1 5  ? -7.271  0.112   -1.051  1.00 10.76 ? 4    VAL A D    1 
ATOM   84   D  DA   . VAL A 1 5  ? -5.994  2.085   -2.413  1.00 10.78 ? 4    VAL A DA   1 
ATOM   85   D  DB   . VAL A 1 5  ? -8.226  1.659   -3.112  1.00 12.76 ? 4    VAL A DB   1 
ATOM   86   H  HG11 . VAL A 1 5  ? -9.043  2.561   -0.577  1.00 15.03 ? 4    VAL A HG11 1 
ATOM   87   H  HG12 . VAL A 1 5  ? -10.023 2.270   -1.772  1.00 15.03 ? 4    VAL A HG12 1 
ATOM   88   H  HG13 . VAL A 1 5  ? -9.218  1.092   -1.111  1.00 15.03 ? 4    VAL A HG13 1 
ATOM   89   H  HG21 . VAL A 1 5  ? -7.375  3.750   -3.548  1.00 14.13 ? 4    VAL A HG21 1 
ATOM   90   H  HG22 . VAL A 1 5  ? -8.909  3.879   -3.227  1.00 14.13 ? 4    VAL A HG22 1 
ATOM   91   H  HG23 . VAL A 1 5  ? -7.842  4.267   -2.139  1.00 14.13 ? 4    VAL A HG23 1 
ATOM   92   N  N    . CYS A 1 6  ? -5.621  3.754   -0.692  1.00 8.15  ? 5    CYS A N    1 
ATOM   93   C  CA   . CYS A 1 6  ? -5.441  4.760   0.338   1.00 8.15  ? 5    CYS A CA   1 
ATOM   94   C  C    . CYS A 1 6  ? -6.717  5.597   0.413   1.00 8.49  ? 5    CYS A C    1 
ATOM   95   O  O    . CYS A 1 6  ? -7.094  6.263   -0.563  1.00 9.44  ? 5    CYS A O    1 
ATOM   96   C  CB   . CYS A 1 6  ? -4.278  5.665   -0.014  1.00 8.44  ? 5    CYS A CB   1 
ATOM   97   S  SG   . CYS A 1 6  ? -4.052  6.976   1.238   1.00 8.86  ? 5    CYS A SG   1 
ATOM   98   D  D    . CYS A 1 6  ? -5.196  3.924   -1.421  1.00 9.79  ? 5    CYS A D    1 
ATOM   99   D  DA   . CYS A 1 6  ? -5.275  4.337   1.206   1.00 9.78  ? 5    CYS A DA   1 
ATOM   100  D  DB2  . CYS A 1 6  ? -3.464  5.138   -0.054  1.00 10.12 ? 5    CYS A DB2  1 
ATOM   101  D  DB3  . CYS A 1 6  ? -4.449  6.087   -0.870  1.00 10.12 ? 5    CYS A DB3  1 
ATOM   102  N  N    A LYS A 1 7  ? -7.408  5.560   1.547   0.42 9.48  ? 6    LYS A N    1 
ATOM   103  N  N    B LYS A 1 7  ? -7.366  5.578   1.574   0.58 9.42  ? 6    LYS A N    1 
ATOM   104  C  CA   A LYS A 1 7  ? -8.657  6.303   1.655   0.42 10.98 ? 6    LYS A CA   1 
ATOM   105  C  CA   B LYS A 1 7  ? -8.620  6.296   1.759   0.58 10.76 ? 6    LYS A CA   1 
ATOM   106  C  C    A LYS A 1 7  ? -8.434  7.819   1.665   0.42 11.10 ? 6    LYS A C    1 
ATOM   107  C  C    B LYS A 1 7  ? -8.444  7.804   1.913   0.58 10.90 ? 6    LYS A C    1 
ATOM   108  O  O    A LYS A 1 7  ? -9.370  8.569   1.411   0.42 12.14 ? 6    LYS A O    1 
ATOM   109  O  O    B LYS A 1 7  ? -9.421  8.533   2.001   0.58 12.35 ? 6    LYS A O    1 
ATOM   110  C  CB   A LYS A 1 7  ? -9.480  5.857   2.867   0.42 13.38 ? 6    LYS A CB   1 
ATOM   111  C  CB   B LYS A 1 7  ? -9.387  5.698   2.933   0.58 13.40 ? 6    LYS A CB   1 
ATOM   112  C  CG   A LYS A 1 7  ? -10.065 4.438   2.756   0.42 15.61 ? 6    LYS A CG   1 
ATOM   113  C  CG   B LYS A 1 7  ? -9.879  4.294   2.612   0.58 15.69 ? 6    LYS A CG   1 
ATOM   114  C  CD   A LYS A 1 7  ? -10.905 4.209   1.485   0.42 17.11 ? 6    LYS A CD   1 
ATOM   115  C  CD   B LYS A 1 7  ? -10.974 3.845   3.538   0.58 17.86 ? 6    LYS A CD   1 
ATOM   116  C  CE   A LYS A 1 7  ? -12.078 5.179   1.350   0.42 18.33 ? 6    LYS A CE   1 
ATOM   117  C  CE   B LYS A 1 7  ? -10.410 3.328   4.837   0.58 19.65 ? 6    LYS A CE   1 
ATOM   118  N  NZ   A LYS A 1 7  ? -13.089 5.069   2.440   0.42 19.31 ? 6    LYS A NZ   1 
ATOM   119  N  NZ   B LYS A 1 7  ? -11.495 2.984   5.788   0.58 20.64 ? 6    LYS A NZ   1 
ATOM   120  D  D    A LYS A 1 7  ? -7.183  5.123   2.252   0.42 11.38 ? 6    LYS A D    1 
ATOM   121  D  D    B LYS A 1 7  ? -7.099  5.154   2.272   0.58 11.30 ? 6    LYS A D    1 
ATOM   122  D  DA   A LYS A 1 7  ? -9.193  6.102   0.859   0.42 13.18 ? 6    LYS A DA   1 
ATOM   123  D  DA   B LYS A 1 7  ? -9.166  6.155   0.959   0.58 12.91 ? 6    LYS A DA   1 
ATOM   124  D  DB2  A LYS A 1 7  ? -8.911  5.881   3.653   0.42 16.06 ? 6    LYS A DB2  1 
ATOM   125  D  DB2  B LYS A 1 7  ? -8.804  5.647   3.705   0.58 16.08 ? 6    LYS A DB2  1 
ATOM   126  D  DB3  A LYS A 1 7  ? -10.221 6.472   2.981   0.42 16.06 ? 6    LYS A DB3  1 
ATOM   127  D  DB3  B LYS A 1 7  ? -10.158 6.253   3.128   0.58 16.08 ? 6    LYS A DB3  1 
ATOM   128  D  DG2  A LYS A 1 7  ? -9.336  3.798   2.748   0.42 18.73 ? 6    LYS A DG2  1 
ATOM   129  D  DG2  B LYS A 1 7  ? -10.226 4.278   1.706   0.58 18.82 ? 6    LYS A DG2  1 
ATOM   130  D  DG3  A LYS A 1 7  ? -10.637 4.275   3.522   0.42 18.73 ? 6    LYS A DG3  1 
ATOM   131  D  DG3  B LYS A 1 7  ? -9.141  3.671   2.696   0.58 18.82 ? 6    LYS A DG3  1 
ATOM   132  D  DD2  A LYS A 1 7  ? -10.335 4.321   0.707   0.42 20.53 ? 6    LYS A DD2  1 
ATOM   133  D  DD2  B LYS A 1 7  ? -11.555 4.596   3.737   0.58 21.43 ? 6    LYS A DD2  1 
ATOM   134  D  DD3  A LYS A 1 7  ? -11.264 3.308   1.502   0.42 20.53 ? 6    LYS A DD3  1 
ATOM   135  D  DD3  B LYS A 1 7  ? -11.479 3.131   3.119   0.58 21.43 ? 6    LYS A DD3  1 
ATOM   136  D  DE2  A LYS A 1 7  ? -11.734 6.086   1.356   0.42 22.00 ? 6    LYS A DE2  1 
ATOM   137  D  DE2  B LYS A 1 7  ? -9.889  2.527   4.665   0.58 23.58 ? 6    LYS A DE2  1 
ATOM   138  D  DE3  A LYS A 1 7  ? -12.529 5.006   0.510   0.42 22.00 ? 6    LYS A DE3  1 
ATOM   139  D  DE3  B LYS A 1 7  ? -9.853  4.011   5.242   0.58 23.58 ? 6    LYS A DE3  1 
ATOM   140  D  DZ1  A LYS A 1 7  ? -12.707 5.235   3.227   0.42 23.17 ? 6    LYS A DZ1  1 
ATOM   141  D  DZ1  B LYS A 1 7  ? -12.018 2.355   5.438   0.58 24.77 ? 6    LYS A DZ1  1 
ATOM   142  D  DZ2  A LYS A 1 7  ? -13.744 5.656   2.308   0.42 23.17 ? 6    LYS A DZ2  1 
ATOM   143  D  DZ2  B LYS A 1 7  ? -11.148 2.680   6.549   0.58 24.77 ? 6    LYS A DZ2  1 
ATOM   144  D  DZ3  A LYS A 1 7  ? -13.433 4.248   2.454   0.42 23.17 ? 6    LYS A DZ3  1 
ATOM   145  D  DZ3  B LYS A 1 7  ? -11.986 3.706   5.962   0.58 24.77 ? 6    LYS A DZ3  1 
ATOM   146  N  N    . ILE A 1 8  ? -7.207  8.273   1.923   1.00 10.58 ? 7    ILE A N    1 
ATOM   147  C  CA   . ILE A 1 8  ? -6.929  9.693   1.946   1.00 11.57 ? 7    ILE A CA   1 
ATOM   148  C  C    . ILE A 1 8  ? -6.788  10.242  0.514   1.00 11.27 ? 7    ILE A C    1 
ATOM   149  O  O    . ILE A 1 8  ? -7.496  11.178  0.138   1.00 14.37 ? 7    ILE A O    1 
ATOM   150  C  CB   . ILE A 1 8  ? -5.672  10.006  2.791   1.00 13.64 ? 7    ILE A CB   1 
ATOM   151  C  CG1  . ILE A 1 8  ? -5.743  9.353   4.193   1.00 15.89 ? 7    ILE A CG1  1 
ATOM   152  C  CG2  . ILE A 1 8  ? -5.438  11.501  2.840   1.00 16.09 ? 7    ILE A CG2  1 
ATOM   153  C  CD1  . ILE A 1 8  ? -6.972  9.673   4.986   1.00 18.79 ? 7    ILE A CD1  1 
ATOM   154  D  D    A ILE A 1 8  ? -6.525  7.775   2.087   0.50 12.70 ? 7    ILE A D    1 
ATOM   155  D  D    B ILE A 1 8  ? -6.503  7.779   1.918   0.50 12.70 ? 7    ILE A D    1 
ATOM   156  D  DA   . ILE A 1 8  ? -7.687  10.152  2.365   1.00 13.88 ? 7    ILE A DA   1 
ATOM   157  D  DB   . ILE A 1 8  ? -4.913  9.613   2.331   1.00 16.36 ? 7    ILE A DB   1 
ATOM   158  H  HG12 . ILE A 1 8  ? -5.708  8.390   4.086   1.00 19.07 ? 7    ILE A HG12 1 
ATOM   159  H  HG13 . ILE A 1 8  ? -4.978  9.650   4.709   1.00 19.07 ? 7    ILE A HG13 1 
ATOM   160  H  HG21 . ILE A 1 8  ? -6.203  11.923  3.238   1.00 19.31 ? 7    ILE A HG21 1 
ATOM   161  H  HG22 . ILE A 1 8  ? -4.656  11.677  3.367   1.00 19.31 ? 7    ILE A HG22 1 
ATOM   162  H  HG23 . ILE A 1 8  ? -5.311  11.827  1.946   1.00 19.31 ? 7    ILE A HG23 1 
ATOM   163  H  HDD2 . ILE A 1 8  ? -6.921  9.224   5.833   1.00 22.55 ? 7    ILE A HDD2 1 
ATOM   164  H  HDD3 . ILE A 1 8  ? -7.018  10.622  5.119   1.00 22.55 ? 7    ILE A HDD3 1 
ATOM   165  H  HDD1 . ILE A 1 8  ? -7.742  9.371   4.501   1.00 22.55 ? 7    ILE A HDD1 1 
ATOM   166  N  N    . CYS A 1 9  ? -5.894  9.660   -0.286  1.00 10.43 ? 8    CYS A N    1 
ATOM   167  C  CA   . CYS A 1 9  ? -5.519  10.271  -1.559  1.00 10.40 ? 8    CYS A CA   1 
ATOM   168  C  C    . CYS A 1 9  ? -5.916  9.486   -2.802  1.00 9.92  ? 8    CYS A C    1 
ATOM   169  O  O    . CYS A 1 9  ? -5.861  10.033  -3.894  1.00 11.67 ? 8    CYS A O    1 
ATOM   170  C  CB   . CYS A 1 9  ? -4.015  10.563  -1.603  1.00 10.76 ? 8    CYS A CB   1 
ATOM   171  S  SG   . CYS A 1 9  ? -2.970  9.080   -1.801  1.00 9.92  ? 8    CYS A SG   1 
ATOM   172  D  D    . CYS A 1 9  ? -5.494  8.918   -0.116  1.00 12.51 ? 8    CYS A D    1 
ATOM   173  D  DA   . CYS A 1 9  ? -5.976  11.137  -1.617  1.00 12.48 ? 8    CYS A DA   1 
ATOM   174  D  DB2  . CYS A 1 9  ? -3.835  11.154  -2.350  1.00 12.91 ? 8    CYS A DB2  1 
ATOM   175  D  DB3  . CYS A 1 9  ? -3.759  10.997  -0.773  1.00 12.91 ? 8    CYS A DB3  1 
ATOM   176  N  N    . GLY A 1 10 ? -6.280  8.217   -2.662  1.00 9.50  ? 9    GLY A N    1 
ATOM   177  C  CA   . GLY A 1 10 ? -6.647  7.405   -3.806  1.00 9.60  ? 9    GLY A CA   1 
ATOM   178  C  C    . GLY A 1 10 ? -5.526  6.607   -4.450  1.00 8.96  ? 9    GLY A C    1 
ATOM   179  O  O    . GLY A 1 10 ? -5.779  5.904   -5.417  1.00 10.17 ? 9    GLY A O    1 
ATOM   180  D  D    . GLY A 1 10 ? -6.321  7.804   -1.909  1.00 11.39 ? 9    GLY A D    1 
ATOM   181  D  DA2  . GLY A 1 10 ? -7.334  6.779   -3.533  1.00 11.53 ? 9    GLY A DA2  1 
ATOM   182  D  DA3  . GLY A 1 10 ? -7.025  7.984   -4.487  1.00 11.53 ? 9    GLY A DA3  1 
ATOM   183  N  N    . TYR A 1 11 ? -4.309  6.697   -3.926  1.00 8.80  ? 10   TYR A N    1 
ATOM   184  C  CA   . TYR A 1 11 ? -3.241  5.810   -4.356  1.00 8.50  ? 10   TYR A CA   1 
ATOM   185  C  C    . TYR A 1 11 ? -3.683  4.360   -4.179  1.00 8.47  ? 10   TYR A C    1 
ATOM   186  O  O    . TYR A 1 11 ? -4.291  4.007   -3.171  1.00 10.00 ? 10   TYR A O    1 
ATOM   187  C  CB   . TYR A 1 11 ? -1.985  6.067   -3.516  1.00 8.98  ? 10   TYR A CB   1 
ATOM   188  C  CG   . TYR A 1 11 ? -0.883  5.060   -3.757  1.00 8.74  ? 10   TYR A CG   1 
ATOM   189  C  CD1  . TYR A 1 11 ? -0.077  5.130   -4.878  1.00 9.67  ? 10   TYR A CD1  1 
ATOM   190  C  CD2  . TYR A 1 11 ? -0.643  4.047   -2.849  1.00 9.28  ? 10   TYR A CD2  1 
ATOM   191  C  CE1  . TYR A 1 11 ? 0.926   4.201   -5.097  1.00 10.84 ? 10   TYR A CE1  1 
ATOM   192  C  CE2  . TYR A 1 11 ? 0.357   3.116   -3.060  1.00 10.42 ? 10   TYR A CE2  1 
ATOM   193  C  CZ   . TYR A 1 11 ? 1.131   3.190   -4.186  1.00 11.05 ? 10   TYR A CZ   1 
ATOM   194  O  OH   . TYR A 1 11 ? 2.118   2.244   -4.373  1.00 13.17 ? 10   TYR A OH   1 
ATOM   195  D  D    . TYR A 1 11 ? -4.077  7.263   -3.321  1.00 10.56 ? 10   TYR A D    1 
ATOM   196  D  DA   . TYR A 1 11 ? -3.032  5.969   -5.301  1.00 10.20 ? 10   TYR A DA   1 
ATOM   197  D  DB2  . TYR A 1 11 ? -1.638  6.947   -3.733  1.00 10.77 ? 10   TYR A DB2  1 
ATOM   198  D  DB3  . TYR A 1 11 ? -2.223  6.030   -2.577  1.00 10.77 ? 10   TYR A DB3  1 
ATOM   199  D  DD1  . TYR A 1 11 ? -0.221  5.804   -5.503  1.00 11.61 ? 10   TYR A DD1  1 
ATOM   200  D  DD2  . TYR A 1 11 ? -1.174  3.982   -2.087  1.00 11.13 ? 10   TYR A DD2  1 
ATOM   201  D  DE1  . TYR A 1 11 ? 1.453   4.254   -5.862  1.00 13.01 ? 10   TYR A DE1  1 
ATOM   202  D  DE2  . TYR A 1 11 ? 0.497   2.433   -2.443  1.00 12.50 ? 10   TYR A DE2  1 
ATOM   203  N  N    A ILE A 1 12 ? -3.345  3.527   -5.165  0.49 8.43  ? 11   ILE A N    1 
ATOM   204  N  N    B ILE A 1 12 ? -3.327  3.503   -5.130  0.51 8.54  ? 11   ILE A N    1 
ATOM   205  C  CA   A ILE A 1 12 ? -3.586  2.088   -5.138  0.49 9.13  ? 11   ILE A CA   1 
ATOM   206  C  CA   B ILE A 1 12 ? -3.596  2.083   -4.988  0.51 9.23  ? 11   ILE A CA   1 
ATOM   207  C  C    A ILE A 1 12 ? -2.249  1.379   -4.834  0.49 8.70  ? 11   ILE A C    1 
ATOM   208  C  C    B ILE A 1 12 ? -2.311  1.295   -4.861  0.51 8.88  ? 11   ILE A C    1 
ATOM   209  O  O    A ILE A 1 12 ? -1.284  1.524   -5.593  0.49 9.17  ? 11   ILE A O    1 
ATOM   210  O  O    B ILE A 1 12 ? -1.481  1.258   -5.769  0.51 9.45  ? 11   ILE A O    1 
ATOM   211  C  CB   A ILE A 1 12 ? -4.139  1.602   -6.515  0.49 11.11 ? 11   ILE A CB   1 
ATOM   212  C  CB   B ILE A 1 12 ? -4.436  1.549   -6.141  0.51 11.02 ? 11   ILE A CB   1 
ATOM   213  C  CG1  A ILE A 1 12 ? -5.393  2.390   -6.943  0.49 11.99 ? 11   ILE A CG1  1 
ATOM   214  C  CG1  B ILE A 1 12 ? -5.804  2.215   -6.082  0.51 12.17 ? 11   ILE A CG1  1 
ATOM   215  C  CG2  A ILE A 1 12 ? -4.404  0.103   -6.480  0.49 12.96 ? 11   ILE A CG2  1 
ATOM   216  C  CG2  B ILE A 1 12 ? -4.551  0.027   -6.044  0.51 12.85 ? 11   ILE A CG2  1 
ATOM   217  C  CD1  A ILE A 1 12 ? -6.604  2.176   -6.065  0.49 13.86 ? 11   ILE A CD1  1 
ATOM   218  C  CD1  B ILE A 1 12 ? -6.644  1.970   -7.289  0.51 13.49 ? 11   ILE A CD1  1 
ATOM   219  D  D    A ILE A 1 12 ? -2.957  3.787   -5.888  0.49 10.11 ? 11   ILE A D    1 
ATOM   220  D  D    B ILE A 1 12 ? -2.929  3.719   -5.862  0.51 10.25 ? 11   ILE A D    1 
ATOM   221  D  DA   A ILE A 1 12 ? -4.234  1.869   -4.436  0.49 10.96 ? 11   ILE A DA   1 
ATOM   222  D  DA   B ILE A 1 12 ? -4.109  1.945   -4.164  0.51 11.07 ? 11   ILE A DA   1 
ATOM   223  D  DB   A ILE A 1 12 ? -3.452  1.763   -7.181  0.49 13.34 ? 11   ILE A DB   1 
ATOM   224  D  DB   B ILE A 1 12 ? -4.006  1.780   -6.979  0.51 13.22 ? 11   ILE A DB   1 
ATOM   225  H  HG12 A ILE A 1 12 ? -5.184  3.336   -6.929  0.49 14.39 ? 11   ILE A HG12 1 
ATOM   226  H  HG12 B ILE A 1 12 ? -6.284  1.873   -5.312  0.51 14.60 ? 11   ILE A HG12 1 
ATOM   227  H  HG13 A ILE A 1 12 ? -5.633  2.123   -7.844  0.49 14.39 ? 11   ILE A HG13 1 
ATOM   228  H  HG13 B ILE A 1 12 ? -5.681  3.172   -5.995  0.51 14.60 ? 11   ILE A HG13 1 
ATOM   229  H  HG21 A ILE A 1 12 ? -5.049  -0.085  -5.795  0.49 15.56 ? 11   ILE A HG21 1 
ATOM   230  H  HG21 B ILE A 1 12 ? -4.971  -0.201  -5.211  0.51 15.42 ? 11   ILE A HG21 1 
ATOM   231  H  HG22 A ILE A 1 12 ? -4.742  -0.175  -7.334  0.49 15.56 ? 11   ILE A HG22 1 
ATOM   232  H  HG22 B ILE A 1 12 ? -5.083  -0.293  -6.776  0.51 15.42 ? 11   ILE A HG22 1 
ATOM   233  H  HG23 A ILE A 1 12 ? -3.581  -0.354  -6.290  0.49 15.56 ? 11   ILE A HG23 1 
ATOM   234  H  HG23 B ILE A 1 12 ? -3.672  -0.356  -6.085  0.51 15.42 ? 11   ILE A HG23 1 
ATOM   235  H  HDD2 A ILE A 1 12 ? -7.333  2.701   -6.404  0.49 16.63 ? 11   ILE A HDD2 1 
ATOM   236  H  HDD3 A ILE A 1 12 ? -6.838  1.245   -6.077  0.49 16.63 ? 11   ILE A HDD3 1 
ATOM   237  H  HDD1 A ILE A 1 12 ? -6.392  2.448   -5.169  0.49 16.63 ? 11   ILE A HDD1 1 
ATOM   238  H  HDD2 B ILE A 1 12 ? -7.486  2.418   -7.178  0.51 16.19 ? 11   ILE A HDD2 1 
ATOM   239  H  HDD3 B ILE A 1 12 ? -6.189  2.312   -8.061  0.51 16.19 ? 11   ILE A HDD3 1 
ATOM   240  H  HDD1 B ILE A 1 12 ? -6.787  1.026   -7.384  0.51 16.19 ? 11   ILE A HDD1 1 
ATOM   241  N  N    . TYR A 1 13 ? -2.171  0.662   -3.706  1.00 8.77  ? 12   TYR A N    1 
ATOM   242  C  CA   . TYR A 1 13 ? -1.084  -0.271  -3.485  1.00 8.89  ? 12   TYR A CA   1 
ATOM   243  C  C    . TYR A 1 13 ? -1.458  -1.579  -4.172  1.00 8.98  ? 12   TYR A C    1 
ATOM   244  O  O    . TYR A 1 13 ? -2.416  -2.240  -3.797  1.00 10.78 ? 12   TYR A O    1 
ATOM   245  C  CB   . TYR A 1 13 ? -0.791  -0.518  -1.996  1.00 9.39  ? 12   TYR A CB   1 
ATOM   246  C  CG   . TYR A 1 13 ? 0.340   -1.504  -1.851  1.00 9.26  ? 12   TYR A CG   1 
ATOM   247  C  CD1  . TYR A 1 13 ? 1.648   -1.122  -2.101  1.00 9.98  ? 12   TYR A CD1  1 
ATOM   248  C  CD2  . TYR A 1 13 ? 0.101   -2.837  -1.548  1.00 9.59  ? 12   TYR A CD2  1 
ATOM   249  C  CE1  . TYR A 1 13 ? 2.682   -2.031  -2.051  1.00 10.27 ? 12   TYR A CE1  1 
ATOM   250  C  CE2  . TYR A 1 13 ? 1.144   -3.758  -1.483  1.00 9.78  ? 12   TYR A CE2  1 
ATOM   251  C  CZ   . TYR A 1 13 ? 2.426   -3.350  -1.755  1.00 9.76  ? 12   TYR A CZ   1 
ATOM   252  O  OH   . TYR A 1 13 ? 3.485   -4.232  -1.739  1.00 11.31 ? 12   TYR A OH   1 
ATOM   253  D  D    . TYR A 1 13 ? -2.717  0.731   -3.046  1.00 10.53 ? 12   TYR A D    1 
ATOM   254  D  DA   . TYR A 1 13 ? -0.270  0.076   -3.905  1.00 10.67 ? 12   TYR A DA   1 
ATOM   255  D  DB2  . TYR A 1 13 ? -0.531  0.315   -1.574  1.00 11.26 ? 12   TYR A DB2  1 
ATOM   256  D  DB3  . TYR A 1 13 ? -1.579  -0.886  -1.567  1.00 11.26 ? 12   TYR A DB3  1 
ATOM   257  D  DD1  . TYR A 1 13 ? 1.828   -0.239  -2.332  1.00 11.98 ? 12   TYR A DD1  1 
ATOM   258  D  DD2  . TYR A 1 13 ? -0.771  -3.121  -1.392  1.00 11.51 ? 12   TYR A DD2  1 
ATOM   259  D  DE1  . TYR A 1 13 ? 3.551   -1.756  -2.231  1.00 12.32 ? 12   TYR A DE1  1 
ATOM   260  D  DE2  . TYR A 1 13 ? 0.968   -4.650  -1.289  1.00 11.74 ? 12   TYR A DE2  1 
ATOM   261  N  N    . ASP A 1 14 ? -0.689  -1.920  -5.197  1.00 9.15  ? 13   ASP A N    1 
ATOM   262  C  CA   . ASP A 1 14 ? -0.910  -3.122  -5.978  1.00 9.74  ? 13   ASP A CA   1 
ATOM   263  C  C    . ASP A 1 14 ? 0.158   -4.122  -5.569  1.00 9.28  ? 13   ASP A C    1 
ATOM   264  O  O    . ASP A 1 14 ? 1.342   -3.887  -5.786  1.00 9.97  ? 13   ASP A O    1 
ATOM   265  C  CB   . ASP A 1 14 ? -0.778  -2.757  -7.458  1.00 11.94 ? 13   ASP A CB   1 
ATOM   266  C  CG   . ASP A 1 14 ? -1.032  -3.920  -8.396  1.00 14.56 ? 13   ASP A CG   1 
ATOM   267  O  OD1  . ASP A 1 14 ? -1.139  -5.068  -7.925  1.00 15.49 ? 13   ASP A OD1  1 
ATOM   268  O  OD2  . ASP A 1 14 ? -1.100  -3.666  -9.612  1.00 18.70 ? 13   ASP A OD2  1 
ATOM   269  D  D    . ASP A 1 14 ? -0.016  -1.457  -5.464  1.00 10.98 ? 13   ASP A D    1 
ATOM   270  D  DA   . ASP A 1 14 ? -1.801  -3.494  -5.804  1.00 11.69 ? 13   ASP A DA   1 
ATOM   271  D  DB2  . ASP A 1 14 ? -1.419  -2.061  -7.667  1.00 14.33 ? 13   ASP A DB2  1 
ATOM   272  D  DB3  . ASP A 1 14 ? 0.123   -2.435  -7.622  1.00 14.33 ? 13   ASP A DB3  1 
ATOM   273  N  N    . GLU A 1 15 ? -0.245  -5.213  -4.942  1.00 9.78  ? 14   GLU A N    1 
ATOM   274  C  CA   . GLU A 1 15 ? 0.713   -6.191  -4.449  1.00 10.32 ? 14   GLU A CA   1 
ATOM   275  C  C    . GLU A 1 15 ? 1.582   -6.734  -5.576  1.00 11.25 ? 14   GLU A C    1 
ATOM   276  O  O    . GLU A 1 15 ? 2.736   -7.082  -5.333  1.00 12.72 ? 14   GLU A O    1 
ATOM   277  C  CB   . GLU A 1 15 ? -0.011  -7.335  -3.734  1.00 11.15 ? 14   GLU A CB   1 
ATOM   278  C  CG   . GLU A 1 15 ? -0.647  -6.893  -2.430  1.00 11.61 ? 14   GLU A CG   1 
ATOM   279  C  CD   . GLU A 1 15 ? -1.453  -7.957  -1.718  1.00 12.57 ? 14   GLU A CD   1 
ATOM   280  O  OE1  . GLU A 1 15 ? -1.735  -9.018  -2.326  1.00 14.44 ? 14   GLU A OE1  1 
ATOM   281  O  OE2  . GLU A 1 15 ? -1.812  -7.703  -0.541  1.00 13.26 ? 14   GLU A OE2  1 
ATOM   282  D  D    . GLU A 1 15 ? -1.067  -5.413  -4.787  1.00 11.74 ? 14   GLU A D    1 
ATOM   283  D  DA   . GLU A 1 15 ? 1.303   -5.757  -3.798  1.00 12.38 ? 14   GLU A DA   1 
ATOM   284  D  DB2  . GLU A 1 15 ? -0.712  -7.675  -4.311  1.00 13.38 ? 14   GLU A DB2  1 
ATOM   285  D  DB3  . GLU A 1 15 ? 0.628   -8.038  -3.535  1.00 13.38 ? 14   GLU A DB3  1 
ATOM   286  D  DG2  . GLU A 1 15 ? 0.055   -6.605  -1.826  1.00 13.93 ? 14   GLU A DG2  1 
ATOM   287  D  DG3  . GLU A 1 15 ? -1.243  -6.150  -2.613  1.00 13.93 ? 14   GLU A DG3  1 
ATOM   288  N  N    . ASP A 1 16 ? 1.050   -6.826  -6.792  1.00 11.86 ? 15   ASP A N    1 
ATOM   289  C  CA   . ASP A 1 16 ? 1.857   -7.297  -7.914  1.00 13.57 ? 15   ASP A CA   1 
ATOM   290  C  C    . ASP A 1 16 ? 2.981   -6.328  -8.275  1.00 13.44 ? 15   ASP A C    1 
ATOM   291  O  O    . ASP A 1 16 ? 4.015   -6.742  -8.781  1.00 17.42 ? 15   ASP A O    1 
ATOM   292  C  CB   . ASP A 1 16 ? 0.983   -7.531  -9.132  1.00 15.95 ? 15   ASP A CB   1 
ATOM   293  C  CG   . ASP A 1 16 ? 0.120   -8.769  -8.992  1.00 19.32 ? 15   ASP A CG   1 
ATOM   294  O  OD1  . ASP A 1 16 ? 0.649   -9.813  -8.563  1.00 23.03 ? 15   ASP A OD1  1 
ATOM   295  O  OD2  . ASP A 1 16 ? -1.087  -8.693  -9.290  1.00 23.62 ? 15   ASP A OD2  1 
ATOM   296  D  D    . ASP A 1 16 ? 0.237   -6.626  -6.992  1.00 14.23 ? 15   ASP A D    1 
ATOM   297  D  DA   . ASP A 1 16 ? 2.266   -8.153  -7.670  1.00 16.28 ? 15   ASP A DA   1 
ATOM   298  D  DB2  . ASP A 1 16 ? 0.397   -6.767  -9.253  1.00 19.14 ? 15   ASP A DB2  1 
ATOM   299  D  DB3  . ASP A 1 16 ? 1.549   -7.643  -9.911  1.00 19.14 ? 15   ASP A DB3  1 
ATOM   300  N  N    . ALA A 1 17 ? 2.775   -5.036  -8.043  1.00 11.87 ? 16   ALA A N    1 
ATOM   301  C  CA   . ALA A 1 17 ? 3.769   -4.018  -8.361  1.00 12.40 ? 16   ALA A CA   1 
ATOM   302  C  C    . ALA A 1 17 ? 4.726   -3.732  -7.217  1.00 11.68 ? 16   ALA A C    1 
ATOM   303  O  O    . ALA A 1 17 ? 5.862   -3.315  -7.434  1.00 13.44 ? 16   ALA A O    1 
ATOM   304  C  CB   . ALA A 1 17 ? 3.084   -2.731  -8.767  1.00 14.17 ? 16   ALA A CB   1 
ATOM   305  D  D    . ALA A 1 17 ? 2.055   -4.720  -7.695  1.00 14.25 ? 16   ALA A D    1 
ATOM   306  D  DA   . ALA A 1 17 ? 4.302   -4.326  -9.124  1.00 14.88 ? 16   ALA A DA   1 
ATOM   307  D  DB1  . ALA A 1 17 ? 2.536   -2.427  -8.041  1.00 17.00 ? 16   ALA A DB1  1 
ATOM   308  D  DB2  . ALA A 1 17 ? 3.752   -2.073  -8.973  1.00 17.00 ? 16   ALA A DB2  1 
ATOM   309  D  DB3  . ALA A 1 17 ? 2.539   -2.898  -9.540  1.00 17.00 ? 16   ALA A DB3  1 
ATOM   310  N  N    . GLY A 1 18 ? 4.280   -3.938  -5.988  1.00 10.82 ? 17   GLY A N    1 
ATOM   311  C  CA   . GLY A 1 18 ? 5.061   -3.495  -4.853  1.00 10.58 ? 17   GLY A CA   1 
ATOM   312  C  C    . GLY A 1 18 ? 5.251   -1.986  -4.859  1.00 10.39 ? 17   GLY A C    1 
ATOM   313  O  O    . GLY A 1 18 ? 4.413   -1.222  -5.344  1.00 11.25 ? 17   GLY A O    1 
ATOM   314  D  D    . GLY A 1 18 ? 3.540   -4.326  -5.789  1.00 12.99 ? 17   GLY A D    1 
ATOM   315  D  DA2  . GLY A 1 18 ? 4.612   -3.747  -4.031  1.00 12.69 ? 17   GLY A DA2  1 
ATOM   316  D  DA3  . GLY A 1 18 ? 5.933   -3.918  -4.872  1.00 12.69 ? 17   GLY A DA3  1 
ATOM   317  N  N    . ASP A 1 19 ? 6.371   -1.553  -4.293  1.00 10.54 ? 18   ASP A N    1 
ATOM   318  C  CA   . ASP A 1 19 ? 6.705   -0.132  -4.154  1.00 11.08 ? 18   ASP A CA   1 
ATOM   319  C  C    . ASP A 1 19 ? 8.232   -0.073  -4.125  1.00 11.29 ? 18   ASP A C    1 
ATOM   320  O  O    . ASP A 1 19 ? 8.843   0.254   -3.101  1.00 11.66 ? 18   ASP A O    1 
ATOM   321  C  CB   . ASP A 1 19 ? 6.067   0.422   -2.869  1.00 11.29 ? 18   ASP A CB   1 
ATOM   322  C  CG   . ASP A 1 19 ? 6.287   1.915   -2.655  1.00 12.46 ? 18   ASP A CG   1 
ATOM   323  O  OD1  . ASP A 1 19 ? 6.581   2.652   -3.620  1.00 14.90 ? 18   ASP A OD1  1 
ATOM   324  O  OD2  . ASP A 1 19 ? 6.125   2.345   -1.489  1.00 13.60 ? 18   ASP A OD2  1 
ATOM   325  D  D    . ASP A 1 19 ? 6.973   -2.076  -3.971  1.00 12.65 ? 18   ASP A D    1 
ATOM   326  D  DA   . ASP A 1 19 ? 6.375   0.373   -4.926  1.00 13.30 ? 18   ASP A DA   1 
ATOM   327  D  DB2  . ASP A 1 19 ? 5.109   0.267   -2.907  1.00 13.55 ? 18   ASP A DB2  1 
ATOM   328  D  DB3  . ASP A 1 19 ? 6.444   -0.045  -2.107  1.00 13.55 ? 18   ASP A DB3  1 
ATOM   329  N  N    A PRO A 1 20 ? 8.866   -0.460  -5.241  0.39 12.14 ? 19   PRO A N    1 
ATOM   330  N  N    B PRO A 1 20 ? 8.864   -0.385  -5.256  0.61 12.36 ? 19   PRO A N    1 
ATOM   331  C  CA   A PRO A 1 20 ? 10.323  -0.609  -5.296  0.39 12.97 ? 19   PRO A CA   1 
ATOM   332  C  CA   B PRO A 1 20 ? 10.303  -0.644  -5.188  0.61 13.16 ? 19   PRO A CA   1 
ATOM   333  C  C    A PRO A 1 20 ? 11.095  0.617   -4.837  0.39 14.27 ? 19   PRO A C    1 
ATOM   334  C  C    B PRO A 1 20 ? 11.158  0.603   -4.952  0.61 14.63 ? 19   PRO A C    1 
ATOM   335  O  O    A PRO A 1 20 ? 12.085  0.489   -4.115  0.39 14.65 ? 19   PRO A O    1 
ATOM   336  O  O    B PRO A 1 20 ? 12.283  0.458   -4.483  0.61 15.55 ? 19   PRO A O    1 
ATOM   337  C  CB   A PRO A 1 20 ? 10.580  -0.871  -6.779  0.39 13.84 ? 19   PRO A CB   1 
ATOM   338  C  CB   B PRO A 1 20 ? 10.604  -1.304  -6.536  0.61 14.08 ? 19   PRO A CB   1 
ATOM   339  C  CG   A PRO A 1 20 ? 9.374   -1.614  -7.211  0.39 13.68 ? 19   PRO A CG   1 
ATOM   340  C  CG   B PRO A 1 20 ? 9.527   -0.807  -7.437  0.61 14.66 ? 19   PRO A CG   1 
ATOM   341  C  CD   A PRO A 1 20 ? 8.227   -0.990  -6.460  0.39 12.95 ? 19   PRO A CD   1 
ATOM   342  C  CD   B PRO A 1 20 ? 8.311   -0.652  -6.591  0.61 13.66 ? 19   PRO A CD   1 
ATOM   343  D  DA   A PRO A 1 20 ? 10.607  -1.388  -4.774  0.39 15.57 ? 19   PRO A DA   1 
ATOM   344  D  DA   B PRO A 1 20 ? 10.489  -1.290  -4.475  0.61 15.79 ? 19   PRO A DA   1 
ATOM   345  D  DB2  A PRO A 1 20 ? 10.658  -0.029  -7.255  0.39 16.61 ? 19   PRO A DB2  1 
ATOM   346  D  DB2  B PRO A 1 20 ? 11.477  -1.023  -6.853  0.61 16.90 ? 19   PRO A DB2  1 
ATOM   347  D  DB3  A PRO A 1 20 ? 11.379  -1.410  -6.888  0.39 16.61 ? 19   PRO A DB3  1 
ATOM   348  D  DB3  B PRO A 1 20 ? 10.562  -2.269  -6.448  0.61 16.90 ? 19   PRO A DB3  1 
ATOM   349  D  DG2  A PRO A 1 20 ? 9.252   -1.511  -8.168  0.39 16.41 ? 19   PRO A DG2  1 
ATOM   350  D  DG2  B PRO A 1 20 ? 9.790   0.048   -7.814  0.61 17.59 ? 19   PRO A DG2  1 
ATOM   351  D  DG3  A PRO A 1 20 ? 9.467   -2.550  -6.977  0.39 16.41 ? 19   PRO A DG3  1 
ATOM   352  D  DG3  B PRO A 1 20 ? 9.371   -1.455  -8.142  0.61 17.59 ? 19   PRO A DG3  1 
ATOM   353  D  DD2  A PRO A 1 20 ? 7.837   -0.268  -6.977  0.39 15.55 ? 19   PRO A DD2  1 
ATOM   354  D  DD2  B PRO A 1 20 ? 7.781   0.102   -6.896  0.61 16.40 ? 19   PRO A DD2  1 
ATOM   355  D  DD3  A PRO A 1 20 ? 7.566   -1.661  -6.231  0.39 15.55 ? 19   PRO A DD3  1 
ATOM   356  D  DD3  B PRO A 1 20 ? 7.795   -1.473  -6.588  0.61 16.40 ? 19   PRO A DD3  1 
ATOM   357  N  N    . ASP A 1 21 ? 10.640  1.789   -5.257  1.00 15.78 ? 20   ASP A N    1 
ATOM   358  C  CA   . ASP A 1 21 ? 11.350  3.034   -4.968  1.00 18.39 ? 20   ASP A CA   1 
ATOM   359  C  C    . ASP A 1 21 ? 11.434  3.290   -3.460  1.00 17.92 ? 20   ASP A C    1 
ATOM   360  O  O    . ASP A 1 21 ? 12.258  4.078   -3.003  1.00 20.49 ? 20   ASP A O    1 
ATOM   361  C  CB   . ASP A 1 21 ? 10.672  4.217   -5.670  1.00 21.52 ? 20   ASP A CB   1 
ATOM   362  C  CG   . ASP A 1 21 ? 10.736  4.119   -7.185  1.00 24.66 ? 20   ASP A CG   1 
ATOM   363  O  OD1  . ASP A 1 21 ? 11.661  3.457   -7.701  1.00 26.43 ? 20   ASP A OD1  1 
ATOM   364  O  OD2  . ASP A 1 21 ? 9.860   4.707   -7.859  1.00 26.52 ? 20   ASP A OD2  1 
ATOM   365  D  D    A ASP A 1 21 ? 9.919   1.895   -5.712  0.50 18.94 ? 20   ASP A D    1 
ATOM   366  D  D    B ASP A 1 21 ? 9.876   1.902   -5.632  0.50 18.94 ? 20   ASP A D    1 
ATOM   367  D  DA   . ASP A 1 21 ? 12.265  2.965   -5.313  1.00 22.07 ? 20   ASP A DA   1 
ATOM   368  D  DB2  . ASP A 1 21 ? 9.737   4.244   -5.411  1.00 25.83 ? 20   ASP A DB2  1 
ATOM   369  D  DB3  . ASP A 1 21 ? 11.114  5.038   -5.403  1.00 25.83 ? 20   ASP A DB3  1 
ATOM   370  N  N    . ASN A 1 22 ? 10.571  2.626   -2.693  1.00 15.92 ? 21   ASN A N    1 
ATOM   371  C  CA   . ASN A 1 22 ? 10.556  2.757   -1.243  1.00 15.53 ? 21   ASN A CA   1 
ATOM   372  C  C    . ASN A 1 22 ? 10.880  1.442   -0.536  1.00 15.05 ? 21   ASN A C    1 
ATOM   373  O  O    . ASN A 1 22 ? 10.501  1.234   0.622   1.00 17.64 ? 21   ASN A O    1 
ATOM   374  C  CB   . ASN A 1 22 ? 9.219   3.329   -0.788  1.00 17.12 ? 21   ASN A CB   1 
ATOM   375  C  CG   . ASN A 1 22 ? 9.007   4.734   -1.302  1.00 18.94 ? 21   ASN A CG   1 
ATOM   376  O  OD1  . ASN A 1 22 ? 9.702   5.653   -0.883  1.00 21.38 ? 21   ASN A OD1  1 
ATOM   377  N  ND2  . ASN A 1 22 ? 8.077   4.907   -2.234  1.00 19.31 ? 21   ASN A ND2  1 
ATOM   378  D  D    . ASN A 1 22 ? 9.976   2.085   -2.997  1.00 19.10 ? 21   ASN A D    1 
ATOM   379  D  DA   . ASN A 1 22 ? 11.249  3.400   -0.987  1.00 18.64 ? 21   ASN A DA   1 
ATOM   380  D  DB2  . ASN A 1 22 ? 8.501   2.771   -1.126  1.00 20.55 ? 21   ASN A DB2  1 
ATOM   381  D  DB3  . ASN A 1 22 ? 9.195   3.354   0.182   1.00 20.55 ? 21   ASN A DB3  1 
ATOM   382  H  HDD1 . ASN A 1 22 ? 7.624   4.235   -2.520  1.00 23.17 ? 21   ASN A HDD1 1 
ATOM   383  H  HDD2 . ASN A 1 22 ? 7.928   5.692   -2.552  1.00 23.17 ? 21   ASN A HDD2 1 
ATOM   384  N  N    . GLY A 1 23 ? 11.587  0.558   -1.237  1.00 13.73 ? 22   GLY A N    1 
ATOM   385  C  CA   . GLY A 1 23 ? 12.136  -0.619  -0.613  1.00 13.18 ? 22   GLY A CA   1 
ATOM   386  C  C    . GLY A 1 23 ? 11.273  -1.858  -0.622  1.00 12.18 ? 22   GLY A C    1 
ATOM   387  O  O    . GLY A 1 23 ? 11.568  -2.784  0.124   1.00 13.40 ? 22   GLY A O    1 
ATOM   388  D  D    . GLY A 1 23 ? 11.758  0.627   -2.077  1.00 16.48 ? 22   GLY A D    1 
ATOM   389  D  DA2  . GLY A 1 23 ? 12.971  -0.841  -1.055  1.00 15.81 ? 22   GLY A DA2  1 
ATOM   390  D  DA3  . GLY A 1 23 ? 12.339  -0.411  0.313   1.00 15.81 ? 22   GLY A DA3  1 
ATOM   391  N  N    . ILE A 1 24 ? 10.239  -1.897  -1.464  1.00 11.11 ? 23   ILE A N    1 
ATOM   392  C  CA   . ILE A 1 24 ? 9.281   -2.994  -1.461  1.00 10.49 ? 23   ILE A CA   1 
ATOM   393  C  C    . ILE A 1 24 ? 9.253   -3.670  -2.833  1.00 10.13 ? 23   ILE A C    1 
ATOM   394  O  O    . ILE A 1 24 ? 8.790   -3.095  -3.823  1.00 10.78 ? 23   ILE A O    1 
ATOM   395  C  CB   . ILE A 1 24 ? 7.863   -2.481  -1.127  1.00 11.09 ? 23   ILE A CB   1 
ATOM   396  C  CG1  . ILE A 1 24 ? 7.831   -1.688  0.190   1.00 12.88 ? 23   ILE A CG1  1 
ATOM   397  C  CG2  . ILE A 1 24 ? 6.886   -3.625  -1.100  1.00 12.04 ? 23   ILE A CG2  1 
ATOM   398  C  CD1  . ILE A 1 24 ? 8.267   -2.448  1.420   1.00 14.82 ? 23   ILE A CD1  1 
ATOM   399  D  D    . ILE A 1 24 ? 10.072  -1.291  -2.052  1.00 13.33 ? 23   ILE A D    1 
ATOM   400  D  DA   . ILE A 1 24 ? 9.541   -3.659  -0.789  1.00 12.58 ? 23   ILE A DA   1 
ATOM   401  D  DB   . ILE A 1 24 ? 7.592   -1.879  -1.838  1.00 13.31 ? 23   ILE A DB   1 
ATOM   402  H  HG12 . ILE A 1 24 ? 8.419   -0.921  0.099   1.00 15.46 ? 23   ILE A HG12 1 
ATOM   403  H  HG13 . ILE A 1 24 ? 6.924   -1.383  0.342   1.00 15.46 ? 23   ILE A HG13 1 
ATOM   404  H  HG21 . ILE A 1 24 ? 7.161   -4.254  -0.430  1.00 14.44 ? 23   ILE A HG21 1 
ATOM   405  H  HG22 . ILE A 1 24 ? 6.012   -3.284  -0.891  1.00 14.44 ? 23   ILE A HG22 1 
ATOM   406  H  HG23 . ILE A 1 24 ? 6.875   -4.047  -1.962  1.00 14.44 ? 23   ILE A HG23 1 
ATOM   407  H  HDD2 . ILE A 1 24 ? 8.212   -1.867  2.182   1.00 17.79 ? 23   ILE A HDD2 1 
ATOM   408  H  HDD3 . ILE A 1 24 ? 7.688   -3.204  1.541   1.00 17.79 ? 23   ILE A HDD3 1 
ATOM   409  H  HDD1 . ILE A 1 24 ? 9.173   -2.745  1.300   1.00 17.79 ? 23   ILE A HDD1 1 
ATOM   410  N  N    . SER A 1 25 ? 9.739   -4.903  -2.903  1.00 10.04 ? 24   SER A N    1 
ATOM   411  C  CA   . SER A 1 25 ? 9.785   -5.607  -4.167  1.00 9.98  ? 24   SER A CA   1 
ATOM   412  C  C    . SER A 1 25 ? 8.386   -6.046  -4.618  1.00 9.92  ? 24   SER A C    1 
ATOM   413  O  O    . SER A 1 25 ? 7.471   -6.229  -3.815  1.00 10.17 ? 24   SER A O    1 
ATOM   414  C  CB   . SER A 1 25 ? 10.719  -6.810  -4.048  1.00 10.83 ? 24   SER A CB   1 
ATOM   415  O  OG   . SER A 1 25 ? 10.297  -7.688  -3.025  1.00 11.65 ? 24   SER A OG   1 
ATOM   416  D  D    . SER A 1 25 ? 10.045  -5.348  -2.234  1.00 12.05 ? 24   SER A D    1 
ATOM   417  D  DA   . SER A 1 25 ? 10.149  -5.008  -4.852  1.00 11.97 ? 24   SER A DA   1 
ATOM   418  D  DB2  . SER A 1 25 ? 10.724  -7.290  -4.891  1.00 13.00 ? 24   SER A DB2  1 
ATOM   419  D  DB3  . SER A 1 25 ? 11.614  -6.495  -3.842  1.00 13.00 ? 24   SER A DB3  1 
ATOM   420  N  N    . PRO A 1 26 ? 8.220   -6.247  -5.930  1.00 11.23 ? 25   PRO A N    1 
ATOM   421  C  CA   . PRO A 1 26 ? 6.950   -6.767  -6.447  1.00 11.43 ? 25   PRO A CA   1 
ATOM   422  C  C    . PRO A 1 26 ? 6.559   -8.084  -5.798  1.00 11.48 ? 25   PRO A C    1 
ATOM   423  O  O    . PRO A 1 26 ? 7.411   -8.928  -5.564  1.00 13.77 ? 25   PRO A O    1 
ATOM   424  C  CB   . PRO A 1 26 ? 7.236   -6.960  -7.945  1.00 14.06 ? 25   PRO A CB   1 
ATOM   425  C  CG   . PRO A 1 26 ? 8.312   -6.008  -8.244  1.00 14.94 ? 25   PRO A CG   1 
ATOM   426  C  CD   . PRO A 1 26 ? 9.168   -5.969  -7.020  1.00 13.20 ? 25   PRO A CD   1 
ATOM   427  D  DA   . PRO A 1 26 ? 6.232   -6.112  -6.328  1.00 13.72 ? 25   PRO A DA   1 
ATOM   428  D  DB2  . PRO A 1 26 ? 7.526   -7.872  -8.110  1.00 16.87 ? 25   PRO A DB2  1 
ATOM   429  D  DB3  . PRO A 1 26 ? 6.440   -6.753  -8.460  1.00 16.87 ? 25   PRO A DB3  1 
ATOM   430  D  DG2  . PRO A 1 26 ? 8.821   -6.323  -9.007  1.00 17.92 ? 25   PRO A DG2  1 
ATOM   431  D  DG3  . PRO A 1 26 ? 7.931   -5.135  -8.423  1.00 17.92 ? 25   PRO A DG3  1 
ATOM   432  D  DD2  . PRO A 1 26 ? 9.848   -6.660  -7.060  1.00 15.84 ? 25   PRO A DD2  1 
ATOM   433  D  DD3  . PRO A 1 26 ? 9.560   -5.089  -6.910  1.00 15.84 ? 25   PRO A DD3  1 
ATOM   434  N  N    . GLY A 1 27 ? 5.268   -8.259  -5.547  1.00 10.97 ? 26   GLY A N    1 
ATOM   435  C  CA   . GLY A 1 27 ? 4.743   -9.464  -4.940  1.00 11.90 ? 26   GLY A CA   1 
ATOM   436  C  C    . GLY A 1 27 ? 4.731   -9.450  -3.426  1.00 12.95 ? 26   GLY A C    1 
ATOM   437  O  O    . GLY A 1 27 ? 4.564   -10.491 -2.802  1.00 16.85 ? 26   GLY A O    1 
ATOM   438  D  D    . GLY A 1 27 ? 4.663   -7.676  -5.727  1.00 13.16 ? 26   GLY A D    1 
ATOM   439  D  DA2  . GLY A 1 27 ? 3.833   -9.602  -5.246  1.00 14.28 ? 26   GLY A DA2  1 
ATOM   440  D  DA3  . GLY A 1 27 ? 5.275   -10.223 -5.229  1.00 14.28 ? 26   GLY A DA3  1 
ATOM   441  N  N    . THR A 1 28 ? 4.903   -8.276  -2.829  1.00 12.41 ? 27   THR A N    1 
ATOM   442  C  CA   . THR A 1 28 ? 4.850   -8.144  -1.386  1.00 11.67 ? 27   THR A CA   1 
ATOM   443  C  C    . THR A 1 28 ? 3.413   -7.864  -0.954  1.00 11.23 ? 27   THR A C    1 
ATOM   444  O  O    . THR A 1 28 ? 2.819   -6.866  -1.352  1.00 11.63 ? 27   THR A O    1 
ATOM   445  C  CB   . THR A 1 28 ? 5.788   -7.026  -0.907  1.00 12.15 ? 27   THR A CB   1 
ATOM   446  O  OG1  . THR A 1 28 ? 7.129   -7.318  -1.305  1.00 13.21 ? 27   THR A OG1  1 
ATOM   447  C  CG2  . THR A 1 28 ? 5.744   -6.890  0.597   1.00 13.43 ? 27   THR A CG2  1 
ATOM   448  D  D    . THR A 1 28 ? 5.052   -7.538  -3.244  1.00 14.90 ? 27   THR A D    1 
ATOM   449  D  DA   . THR A 1 28 ? 5.139   -8.984  -0.973  1.00 14.00 ? 27   THR A DA   1 
ATOM   450  D  DB   . THR A 1 28 ? 5.512   -6.182  -1.299  1.00 14.58 ? 27   THR A DB   1 
ATOM   451  H  HG21 . THR A 1 28 ? 6.019   -7.714  1.008   1.00 16.11 ? 27   THR A HG21 1 
ATOM   452  H  HG22 . THR A 1 28 ? 6.335   -6.189  0.880   1.00 16.11 ? 27   THR A HG22 1 
ATOM   453  H  HG23 . THR A 1 28 ? 4.852   -6.682  0.882   1.00 16.11 ? 27   THR A HG23 1 
ATOM   454  N  N    . LYS A 1 29 ? 2.847   -8.754  -0.148  1.00 11.94 ? 28   LYS A N    1 
ATOM   455  C  CA   . LYS A 1 29 ? 1.486   -8.579  0.334   1.00 12.70 ? 28   LYS A CA   1 
ATOM   456  C  C    . LYS A 1 29 ? 1.415   -7.383  1.268   1.00 11.78 ? 28   LYS A C    1 
ATOM   457  O  O    . LYS A 1 29 ? 2.369   -7.071  1.976   1.00 12.47 ? 28   LYS A O    1 
ATOM   458  C  CB   . LYS A 1 29 ? 1.003   -9.836  1.050   1.00 15.46 ? 28   LYS A CB   1 
ATOM   459  C  CG   . LYS A 1 29 ? 0.747   -11.000 0.102   1.00 18.57 ? 28   LYS A CG   1 
ATOM   460  C  CD   . LYS A 1 29 ? 0.366   -12.280 0.827   1.00 21.20 ? 28   LYS A CD   1 
ATOM   461  C  CE   . LYS A 1 29 ? 0.032   -13.387 -0.166  1.00 23.18 ? 28   LYS A CE   1 
ATOM   462  N  NZ   . LYS A 1 29 ? 0.028   -14.740 0.452   1.00 24.62 ? 28   LYS A NZ   1 
ATOM   463  D  D    . LYS A 1 29 ? 3.232   -9.469  0.135   1.00 14.33 ? 28   LYS A D    1 
ATOM   464  D  DA   . LYS A 1 29 ? 0.893   -8.410  -0.428  1.00 15.24 ? 28   LYS A DA   1 
ATOM   465  D  DB2  . LYS A 1 29 ? 1.677   -10.114 1.689   1.00 18.55 ? 28   LYS A DB2  1 
ATOM   466  D  DB3  . LYS A 1 29 ? 0.172   -9.637  1.510   1.00 18.55 ? 28   LYS A DB3  1 
ATOM   467  D  DG2  . LYS A 1 29 ? 0.019   -10.766 -0.496  1.00 22.28 ? 28   LYS A DG2  1 
ATOM   468  D  DG3  . LYS A 1 29 ? 1.552   -11.175 -0.409  1.00 22.28 ? 28   LYS A DG3  1 
ATOM   469  D  DD2  . LYS A 1 29 ? 1.109   -12.573 1.375   1.00 25.44 ? 28   LYS A DD2  1 
ATOM   470  D  DD3  . LYS A 1 29 ? -0.417  -12.117 1.378   1.00 25.44 ? 28   LYS A DD3  1 
ATOM   471  D  DE2  . LYS A 1 29 ? -0.848  -13.225 -0.536  1.00 27.82 ? 28   LYS A DE2  1 
ATOM   472  D  DE3  . LYS A 1 29 ? 0.695   -13.385 -0.875  1.00 27.82 ? 28   LYS A DE3  1 
ATOM   473  D  DZ1  . LYS A 1 29 ? -0.579  -14.775 1.102   1.00 29.55 ? 28   LYS A DZ1  1 
ATOM   474  D  DZ2  . LYS A 1 29 ? -0.171  -15.354 -0.161  1.00 29.55 ? 28   LYS A DZ2  1 
ATOM   475  D  DZ3  . LYS A 1 29 ? 0.829   -14.921 0.795   1.00 29.55 ? 28   LYS A DZ3  1 
ATOM   476  N  N    . PHE A 1 30 ? 0.265   -6.723  1.295   1.00 11.68 ? 29   PHE A N    1 
ATOM   477  C  CA   . PHE A 1 30 ? 0.086   -5.572  2.170   1.00 11.43 ? 29   PHE A CA   1 
ATOM   478  C  C    . PHE A 1 30 ? 0.403   -5.917  3.623   1.00 12.68 ? 29   PHE A C    1 
ATOM   479  O  O    . PHE A 1 30 ? 1.017   -5.122  4.328   1.00 12.79 ? 29   PHE A O    1 
ATOM   480  C  CB   . PHE A 1 30 ? -1.345  -5.038  2.042   1.00 12.51 ? 29   PHE A CB   1 
ATOM   481  C  CG   . PHE A 1 30 ? -1.572  -3.735  2.746   1.00 13.21 ? 29   PHE A CG   1 
ATOM   482  C  CD1  . PHE A 1 30 ? -1.281  -2.535  2.119   1.00 13.96 ? 29   PHE A CD1  1 
ATOM   483  C  CD2  . PHE A 1 30 ? -2.085  -3.699  4.030   1.00 15.26 ? 29   PHE A CD2  1 
ATOM   484  C  CE1  . PHE A 1 30 ? -1.482  -1.334  2.755   1.00 15.55 ? 29   PHE A CE1  1 
ATOM   485  C  CE2  . PHE A 1 30 ? -2.287  -2.486  4.672   1.00 16.42 ? 29   PHE A CE2  1 
ATOM   486  C  CZ   . PHE A 1 30 ? -1.979  -1.314  4.029   1.00 16.08 ? 29   PHE A CZ   1 
ATOM   487  D  D    . PHE A 1 30 ? -0.424  -6.921  0.820   1.00 14.01 ? 29   PHE A D    1 
ATOM   488  D  DA   . PHE A 1 30 ? 0.699   -4.861  1.889   1.00 13.72 ? 29   PHE A DA   1 
ATOM   489  D  DB2  . PHE A 1 30 ? -1.547  -4.907  1.102   1.00 15.01 ? 29   PHE A DB2  1 
ATOM   490  D  DB3  . PHE A 1 30 ? -1.957  -5.690  2.421   1.00 15.01 ? 29   PHE A DB3  1 
ATOM   491  D  DD1  . PHE A 1 30 ? -0.936  -2.543  1.255   1.00 16.76 ? 29   PHE A DD1  1 
ATOM   492  D  DD2  . PHE A 1 30 ? -2.286  -4.494  4.468   1.00 18.31 ? 29   PHE A DD2  1 
ATOM   493  D  DE1  . PHE A 1 30 ? -1.278  -0.537  2.321   1.00 18.66 ? 29   PHE A DE1  1 
ATOM   494  D  DE2  . PHE A 1 30 ? -2.628  -2.468  5.537   1.00 19.70 ? 29   PHE A DE2  1 
ATOM   495  D  DZ   . PHE A 1 30 ? -2.120  -0.500  4.457   1.00 19.30 ? 29   PHE A DZ   1 
ATOM   496  N  N    . GLU A 1 31 ? -0.006  -7.102  4.074   1.00 14.76 ? 30   GLU A N    1 
ATOM   497  C  CA   . GLU A 1 31 ? 0.243   -7.516  5.454   1.00 17.88 ? 30   GLU A CA   1 
ATOM   498  C  C    . GLU A 1 31 ? 1.732   -7.704  5.766   1.00 18.22 ? 30   GLU A C    1 
ATOM   499  O  O    . GLU A 1 31 ? 2.131   -7.734  6.934   1.00 21.13 ? 30   GLU A O    1 
ATOM   500  C  CB   . GLU A 1 31 ? -0.514  -8.807  5.754   1.00 20.28 ? 30   GLU A CB   1 
ATOM   501  C  CG   . GLU A 1 31 ? -2.021  -8.632  5.810   1.00 22.50 ? 30   GLU A CG   1 
ATOM   502  C  CD   . GLU A 1 31 ? -2.710  -8.819  4.468   1.00 23.74 ? 30   GLU A CD   1 
ATOM   503  O  OE1  . GLU A 1 31 ? -2.025  -8.885  3.422   1.00 23.48 ? 30   GLU A OE1  1 
ATOM   504  O  OE2  . GLU A 1 31 ? -3.957  -8.909  4.470   1.00 25.55 ? 30   GLU A OE2  1 
ATOM   505  D  D    . GLU A 1 31 ? -0.429  -7.684  3.602   1.00 17.71 ? 30   GLU A D    1 
ATOM   506  D  DA   . GLU A 1 31 ? -0.100  -6.822  6.055   1.00 21.46 ? 30   GLU A DA   1 
ATOM   507  D  DB2  . GLU A 1 31 ? -0.316  -9.454  5.058   1.00 24.33 ? 30   GLU A DB2  1 
ATOM   508  D  DB3  . GLU A 1 31 ? -0.222  -9.149  6.613   1.00 24.33 ? 30   GLU A DB3  1 
ATOM   509  D  DG2  . GLU A 1 31 ? -2.388  -9.285  6.426   1.00 27.00 ? 30   GLU A DG2  1 
ATOM   510  D  DG3  . GLU A 1 31 ? -2.220  -7.736  6.123   1.00 27.00 ? 30   GLU A DG3  1 
ATOM   511  N  N    . GLU A 1 32 ? 2.540   -7.841  4.719   1.00 16.55 ? 31   GLU A N    1 
ATOM   512  C  CA   . GLU A 1 32 ? 3.981   -8.033  4.851   1.00 16.95 ? 31   GLU A CA   1 
ATOM   513  C  C    . GLU A 1 32 ? 4.749   -6.717  4.809   1.00 16.56 ? 31   GLU A C    1 
ATOM   514  O  O    . GLU A 1 32 ? 5.955   -6.701  5.008   1.00 18.71 ? 31   GLU A O    1 
ATOM   515  C  CB   . GLU A 1 32 ? 4.507   -8.959  3.738   1.00 18.96 ? 31   GLU A CB   1 
ATOM   516  C  CG   . GLU A 1 32 ? 3.904   -10.355 3.760   1.00 20.74 ? 31   GLU A CG   1 
ATOM   517  C  CD   . GLU A 1 32 ? 4.249   -11.216 2.542   1.00 22.74 ? 31   GLU A CD   1 
ATOM   518  O  OE1  . GLU A 1 32 ? 4.502   -10.692 1.428   1.00 22.25 ? 31   GLU A OE1  1 
ATOM   519  O  OE2  . GLU A 1 32 ? 4.253   -12.454 2.711   1.00 25.21 ? 31   GLU A OE2  1 
ATOM   520  D  D    . GLU A 1 32 ? 2.271   -7.825  3.902   1.00 19.85 ? 31   GLU A D    1 
ATOM   521  D  DA   . GLU A 1 32 ? 4.166   -8.462  5.713   1.00 20.34 ? 31   GLU A DA   1 
ATOM   522  D  DB2  . GLU A 1 32 ? 4.300   -8.562  2.878   1.00 22.76 ? 31   GLU A DB2  1 
ATOM   523  D  DB3  . GLU A 1 32 ? 5.468   -9.050  3.836   1.00 22.76 ? 31   GLU A DB3  1 
ATOM   524  D  DG2  . GLU A 1 32 ? 4.227   -10.819 4.550   1.00 24.89 ? 31   GLU A DG2  1 
ATOM   525  D  DG3  . GLU A 1 32 ? 2.939   -10.276 3.801   1.00 24.89 ? 31   GLU A DG3  1 
ATOM   526  N  N    . LEU A 1 33 ? 4.069   -5.608  4.542   1.00 14.42 ? 32   LEU A N    1 
ATOM   527  C  CA   . LEU A 1 33 ? 4.752   -4.326  4.528   1.00 13.49 ? 32   LEU A CA   1 
ATOM   528  C  C    . LEU A 1 33 ? 5.230   -3.986  5.928   1.00 14.91 ? 32   LEU A C    1 
ATOM   529  O  O    . LEU A 1 33 ? 4.529   -4.249  6.903   1.00 16.67 ? 32   LEU A O    1 
ATOM   530  C  CB   . LEU A 1 33 ? 3.813   -3.226  4.042   1.00 12.22 ? 32   LEU A CB   1 
ATOM   531  C  CG   . LEU A 1 33 ? 3.378   -3.307  2.578   1.00 12.06 ? 32   LEU A CG   1 
ATOM   532  C  CD1  . LEU A 1 33 ? 2.244   -2.341  2.316   1.00 12.79 ? 32   LEU A CD1  1 
ATOM   533  C  CD2  . LEU A 1 33 ? 4.517   -3.014  1.644   1.00 13.81 ? 32   LEU A CD2  1 
ATOM   534  D  D    . LEU A 1 33 ? 3.227   -5.572  4.367   1.00 17.30 ? 32   LEU A D    1 
ATOM   535  D  DA   . LEU A 1 33 ? 5.528   -4.368  3.931   1.00 16.19 ? 32   LEU A DA   1 
ATOM   536  D  DB2  . LEU A 1 33 ? 3.009   -3.250  4.584   1.00 14.66 ? 32   LEU A DB2  1 
ATOM   537  D  DB3  . LEU A 1 33 ? 4.257   -2.372  4.164   1.00 14.66 ? 32   LEU A DB3  1 
ATOM   538  D  DG   . LEU A 1 33 ? 3.058   -4.203  2.392   1.00 14.47 ? 32   LEU A DG   1 
ATOM   539  D  DD11 . LEU A 1 33 ? 1.986   -2.407  1.395   1.00 15.35 ? 32   LEU A DD11 1 
ATOM   540  D  DD12 . LEU A 1 33 ? 1.504   -2.570  2.882   1.00 15.35 ? 32   LEU A DD12 1 
ATOM   541  D  DD13 . LEU A 1 33 ? 2.543   -1.450  2.511   1.00 15.35 ? 32   LEU A DD13 1 
ATOM   542  D  DD21 . LEU A 1 33 ? 4.201   -3.074  0.739   1.00 16.57 ? 32   LEU A DD21 1 
ATOM   543  D  DD22 . LEU A 1 33 ? 4.844   -2.128  1.817   1.00 16.57 ? 32   LEU A DD22 1 
ATOM   544  D  DD23 . LEU A 1 33 ? 5.215   -3.656  1.791   1.00 16.57 ? 32   LEU A DD23 1 
ATOM   545  N  N    . PRO A 1 34 ? 6.413   -3.373  6.029   1.00 16.12 ? 33   PRO A N    1 
ATOM   546  C  CA   . PRO A 1 34 ? 6.915   -2.945  7.339   1.00 17.97 ? 33   PRO A CA   1 
ATOM   547  C  C    . PRO A 1 34 ? 5.911   -2.056  8.077   1.00 18.20 ? 33   PRO A C    1 
ATOM   548  O  O    . PRO A 1 34 ? 5.158   -1.319  7.451   1.00 17.83 ? 33   PRO A O    1 
ATOM   549  C  CB   . PRO A 1 34 ? 8.170   -2.135  7.001   1.00 20.19 ? 33   PRO A CB   1 
ATOM   550  C  CG   . PRO A 1 34 ? 8.514   -2.457  5.595   1.00 20.09 ? 33   PRO A CG   1 
ATOM   551  C  CD   . PRO A 1 34 ? 7.289   -2.959  4.920   1.00 17.52 ? 33   PRO A CD   1 
ATOM   552  D  DA   . PRO A 1 34 ? 7.154   -3.716  7.895   1.00 21.56 ? 33   PRO A DA   1 
ATOM   553  D  DB2  . PRO A 1 34 ? 7.979   -1.189  7.095   1.00 24.23 ? 33   PRO A DB2  1 
ATOM   554  D  DB3  . PRO A 1 34 ? 8.892   -2.396  7.594   1.00 24.23 ? 33   PRO A DB3  1 
ATOM   555  D  DG2  . PRO A 1 34 ? 8.833   -1.653  5.155   1.00 24.11 ? 33   PRO A DG2  1 
ATOM   556  D  DG3  . PRO A 1 34 ? 9.204   -3.138  5.585   1.00 24.11 ? 33   PRO A DG3  1 
ATOM   557  D  DD2  . PRO A 1 34 ? 6.870   -2.247  4.410   1.00 21.03 ? 33   PRO A DD2  1 
ATOM   558  D  DD3  . PRO A 1 34 ? 7.501   -3.719  4.358   1.00 21.03 ? 33   PRO A DD3  1 
ATOM   559  N  N    . ASP A 1 35 ? 5.921   -2.109  9.405   1.00 20.25 ? 34   ASP A N    1 
ATOM   560  C  CA   . ASP A 1 35 ? 4.957   -1.357  10.205  1.00 21.95 ? 34   ASP A CA   1 
ATOM   561  C  C    . ASP A 1 35 ? 5.039   0.152   9.954   1.00 22.16 ? 34   ASP A C    1 
ATOM   562  O  O    . ASP A 1 35 ? 4.045   0.863   10.130  1.00 24.73 ? 34   ASP A O    1 
ATOM   563  C  CB   . ASP A 1 35 ? 5.137   -1.640  11.702  1.00 23.58 ? 34   ASP A CB   1 
ATOM   564  C  CG   . ASP A 1 35 ? 4.521   -2.965  12.133  1.00 25.62 ? 34   ASP A CG   1 
ATOM   565  O  OD1  . ASP A 1 35 ? 3.910   -3.659  11.291  1.00 27.31 ? 34   ASP A OD1  1 
ATOM   566  O  OD2  . ASP A 1 35 ? 4.637   -3.304  13.331  1.00 26.69 ? 34   ASP A OD2  1 
ATOM   567  D  D    . ASP A 1 35 ? 6.477   -2.573  9.868   1.00 24.30 ? 34   ASP A D    1 
ATOM   568  D  DA   . ASP A 1 35 ? 4.055   -1.648  9.957   1.00 26.34 ? 34   ASP A DA   1 
ATOM   569  D  DB2  . ASP A 1 35 ? 6.085   -1.670  11.906  1.00 28.29 ? 34   ASP A DB2  1 
ATOM   570  D  DB3  . ASP A 1 35 ? 4.711   -0.933  12.211  1.00 28.29 ? 34   ASP A DB3  1 
ATOM   571  N  N    . ASP A 1 36 ? 6.212   0.640   9.550   1.00 20.53 ? 35   ASP A N    1 
ATOM   572  C  CA   . ASP A 1 36 ? 6.378   2.074   9.290   1.00 20.61 ? 35   ASP A CA   1 
ATOM   573  C  C    . ASP A 1 36 ? 6.355   2.476   7.794   1.00 19.15 ? 35   ASP A C    1 
ATOM   574  O  O    . ASP A 1 36 ? 6.648   3.624   7.447   1.00 20.31 ? 35   ASP A O    1 
ATOM   575  C  CB   . ASP A 1 36 ? 7.649   2.588   9.954   1.00 22.16 ? 35   ASP A CB   1 
ATOM   576  C  CG   . ASP A 1 36 ? 8.876   1.890   9.453   1.00 24.22 ? 35   ASP A CG   1 
ATOM   577  O  OD1  . ASP A 1 36 ? 8.725   0.886   8.726   1.00 26.03 ? 35   ASP A OD1  1 
ATOM   578  O  OD2  . ASP A 1 36 ? 9.990   2.326   9.805   1.00 26.03 ? 35   ASP A OD2  1 
ATOM   579  D  D    . ASP A 1 36 ? 6.919   0.170   9.418   1.00 24.63 ? 35   ASP A D    1 
ATOM   580  D  DA   . ASP A 1 36 ? 5.629   2.540   9.717   1.00 24.74 ? 35   ASP A DA   1 
ATOM   581  D  DB2  . ASP A 1 36 ? 7.745   3.535   9.767   1.00 26.59 ? 35   ASP A DB2  1 
ATOM   582  D  DB3  . ASP A 1 36 ? 7.590   2.441   10.911  1.00 26.59 ? 35   ASP A DB3  1 
ATOM   583  N  N    . TRP A 1 37 ? 5.981   1.556   6.909   1.00 16.66 ? 36   TRP A N    1 
ATOM   584  C  CA   . TRP A 1 37 ? 5.650   1.921   5.529   1.00 14.33 ? 36   TRP A CA   1 
ATOM   585  C  C    . TRP A 1 37 ? 4.426   2.828   5.555   1.00 12.08 ? 36   TRP A C    1 
ATOM   586  O  O    . TRP A 1 37 ? 3.492   2.594   6.319   1.00 14.01 ? 36   TRP A O    1 
ATOM   587  C  CB   . TRP A 1 37 ? 5.360   0.665   4.710   1.00 14.20 ? 36   TRP A CB   1 
ATOM   588  C  CG   . TRP A 1 37 ? 5.054   0.905   3.254   1.00 12.86 ? 36   TRP A CG   1 
ATOM   589  C  CD1  . TRP A 1 37 ? 5.936   0.878   2.218   1.00 13.47 ? 36   TRP A CD1  1 
ATOM   590  C  CD2  . TRP A 1 37 ? 3.771   1.183   2.674   1.00 11.60 ? 36   TRP A CD2  1 
ATOM   591  N  NE1  . TRP A 1 37 ? 5.289   1.119   1.032   1.00 13.16 ? 36   TRP A NE1  1 
ATOM   592  C  CE2  . TRP A 1 37 ? 3.959   1.307   1.285   1.00 11.67 ? 36   TRP A CE2  1 
ATOM   593  C  CE3  . TRP A 1 37 ? 2.489   1.343   3.192   1.00 12.16 ? 36   TRP A CE3  1 
ATOM   594  C  CZ2  . TRP A 1 37 ? 2.912   1.588   0.413   1.00 12.03 ? 36   TRP A CZ2  1 
ATOM   595  C  CZ3  . TRP A 1 37 ? 1.454   1.620   2.320   1.00 12.80 ? 36   TRP A CZ3  1 
ATOM   596  C  CH2  . TRP A 1 37 ? 1.671   1.729   0.949   1.00 12.43 ? 36   TRP A CH2  1 
ATOM   597  D  D    . TRP A 1 37 ? 5.911   0.716   7.080   1.00 19.99 ? 36   TRP A D    1 
ATOM   598  D  DA   . TRP A 1 37 ? 6.399   2.404   5.121   1.00 17.19 ? 36   TRP A DA   1 
ATOM   599  D  DB2  . TRP A 1 37 ? 6.135   0.083   4.754   1.00 17.04 ? 36   TRP A DB2  1 
ATOM   600  D  DB3  . TRP A 1 37 ? 4.593   0.215   5.099   1.00 17.04 ? 36   TRP A DB3  1 
ATOM   601  D  DD1  . TRP A 1 37 ? 6.847   0.708   2.300   1.00 16.16 ? 36   TRP A DD1  1 
ATOM   602  D  DE1  . TRP A 1 37 ? 5.659   1.146   0.256   1.00 15.79 ? 36   TRP A DE1  1 
ATOM   603  D  DE3  . TRP A 1 37 ? 2.332   1.259   4.105   1.00 14.59 ? 36   TRP A DE3  1 
ATOM   604  D  DZ2  . TRP A 1 37 ? 3.055   1.672   -0.502  1.00 14.43 ? 36   TRP A DZ2  1 
ATOM   605  D  DZ3  . TRP A 1 37 ? 0.592   1.721   2.654   1.00 15.36 ? 36   TRP A DZ3  1 
ATOM   606  D  DH2  . TRP A 1 37 ? 0.954   1.923   0.389   1.00 14.92 ? 36   TRP A DH2  1 
ATOM   607  N  N    . VAL A 1 38 ? 4.437   3.850   4.702   1.00 10.73 ? 37   VAL A N    1 
ATOM   608  C  CA   . VAL A 1 38 ? 3.321   4.769   4.573   1.00 10.06 ? 37   VAL A CA   1 
ATOM   609  C  C    . VAL A 1 38 ? 3.002   4.956   3.096   1.00 9.36  ? 37   VAL A C    1 
ATOM   610  O  O    . VAL A 1 38 ? 3.801   4.637   2.209   1.00 10.53 ? 37   VAL A O    1 
ATOM   611  C  CB   . VAL A 1 38 ? 3.612   6.138   5.225   1.00 11.82 ? 37   VAL A CB   1 
ATOM   612  C  CG1  . VAL A 1 38 ? 3.819   5.983   6.719   1.00 13.61 ? 37   VAL A CG1  1 
ATOM   613  C  CG2  . VAL A 1 38 ? 4.789   6.830   4.563   1.00 14.03 ? 37   VAL A CG2  1 
ATOM   614  D  D    . VAL A 1 38 ? 5.096   4.032   4.180   1.00 12.88 ? 37   VAL A D    1 
ATOM   615  D  DA   . VAL A 1 38 ? 2.533   4.382   5.010   1.00 12.07 ? 37   VAL A DA   1 
ATOM   616  D  DB   . VAL A 1 38 ? 2.828   6.712   5.097   1.00 14.18 ? 37   VAL A DB   1 
ATOM   617  H  HG11 . VAL A 1 38 ? 4.562   5.396   6.872   1.00 16.33 ? 37   VAL A HG11 1 
ATOM   618  H  HG12 . VAL A 1 38 ? 3.998   6.846   7.100   1.00 16.33 ? 37   VAL A HG12 1 
ATOM   619  H  HG13 . VAL A 1 38 ? 3.023   5.612   7.107   1.00 16.33 ? 37   VAL A HG13 1 
ATOM   620  H  HG21 . VAL A 1 38 ? 4.589   6.967   3.635   1.00 16.84 ? 37   VAL A HG21 1 
ATOM   621  H  HG22 . VAL A 1 38 ? 4.938   7.674   4.995   1.00 16.84 ? 37   VAL A HG22 1 
ATOM   622  H  HG23 . VAL A 1 38 ? 5.568   6.275   4.653   1.00 16.84 ? 37   VAL A HG23 1 
ATOM   623  N  N    . CYS A 1 39 ? 1.824   5.504   2.827   1.00 9.04  ? 38   CYS A N    1 
ATOM   624  C  CA   . CYS A 1 39 ? 1.447   5.814   1.458   1.00 8.51  ? 38   CYS A CA   1 
ATOM   625  C  C    . CYS A 1 39 ? 2.535   6.661   0.805   1.00 9.01  ? 38   CYS A C    1 
ATOM   626  O  O    . CYS A 1 39 ? 2.915   7.695   1.357   1.00 9.86  ? 38   CYS A O    1 
ATOM   627  C  CB   . CYS A 1 39 ? 0.140   6.595   1.462   1.00 8.48  ? 38   CYS A CB   1 
ATOM   628  S  SG   . CYS A 1 39 ? -0.397  7.059   -0.211  1.00 8.82  ? 38   CYS A SG   1 
ATOM   629  D  D    . CYS A 1 39 ? 1.228   5.702   3.415   1.00 10.85 ? 38   CYS A D    1 
ATOM   630  D  DA   . CYS A 1 39 ? 1.328   4.988   0.943   1.00 10.21 ? 38   CYS A DA   1 
ATOM   631  D  DB2  . CYS A 1 39 ? -0.556  6.049   1.860   1.00 10.17 ? 38   CYS A DB2  1 
ATOM   632  D  DB3  . CYS A 1 39 ? 0.259   7.409   1.977   1.00 10.17 ? 38   CYS A DB3  1 
ATOM   633  N  N    . PRO A 1 40 ? 3.016   6.266   -0.375  1.00 9.68  ? 39   PRO A N    1 
ATOM   634  C  CA   . PRO A 1 40 ? 4.102   7.026   -1.002  1.00 11.25 ? 39   PRO A CA   1 
ATOM   635  C  C    . PRO A 1 40 ? 3.670   8.382   -1.541  1.00 11.19 ? 39   PRO A C    1 
ATOM   636  O  O    . PRO A 1 40 ? 4.532   9.196   -1.879  1.00 14.34 ? 39   PRO A O    1 
ATOM   637  C  CB   . PRO A 1 40 ? 4.570   6.102   -2.136  1.00 13.37 ? 39   PRO A CB   1 
ATOM   638  C  CG   . PRO A 1 40 ? 3.424   5.223   -2.423  1.00 13.24 ? 39   PRO A CG   1 
ATOM   639  C  CD   . PRO A 1 40 ? 2.712   5.030   -1.108  1.00 10.81 ? 39   PRO A CD   1 
ATOM   640  D  DA   . PRO A 1 40 ? 4.836   7.152   -0.366  1.00 13.50 ? 39   PRO A DA   1 
ATOM   641  D  DB2  . PRO A 1 40 ? 4.798   6.632   -2.915  1.00 16.04 ? 39   PRO A DB2  1 
ATOM   642  D  DB3  . PRO A 1 40 ? 5.335   5.584   -1.840  1.00 16.04 ? 39   PRO A DB3  1 
ATOM   643  D  DG2  . PRO A 1 40 ? 2.840   5.650   -3.068  1.00 15.89 ? 39   PRO A DG2  1 
ATOM   644  D  DG3  . PRO A 1 40 ? 3.744   4.373   -2.765  1.00 15.89 ? 39   PRO A DG3  1 
ATOM   645  D  DD2  . PRO A 1 40 ? 1.756   4.948   -1.248  1.00 12.97 ? 39   PRO A DD2  1 
ATOM   646  D  DD3  . PRO A 1 40 ? 3.070   4.262   -0.637  1.00 12.97 ? 39   PRO A DD3  1 
ATOM   647  N  N    . ILE A 1 41 ? 2.366   8.611   -1.645  1.00 10.28 ? 40   ILE A N    1 
ATOM   648  C  CA   . ILE A 1 41 ? 1.840   9.868   -2.144  1.00 10.90 ? 40   ILE A CA   1 
ATOM   649  C  C    . ILE A 1 41 ? 1.581   10.851  -0.997  1.00 11.29 ? 40   ILE A C    1 
ATOM   650  O  O    . ILE A 1 41 ? 2.163   11.933  -0.958  1.00 14.33 ? 40   ILE A O    1 
ATOM   651  C  CB   . ILE A 1 41 ? 0.564   9.636   -2.983  1.00 12.03 ? 40   ILE A CB   1 
ATOM   652  C  CG1  . ILE A 1 41 ? 0.840   8.640   -4.112  1.00 13.54 ? 40   ILE A CG1  1 
ATOM   653  C  CG2  . ILE A 1 41 ? 0.001   10.959  -3.483  1.00 13.90 ? 40   ILE A CG2  1 
ATOM   654  C  CD1  . ILE A 1 41 ? 2.007   9.010   -5.022  1.00 16.05 ? 40   ILE A CD1  1 
ATOM   655  D  D    . ILE A 1 41 ? 1.758   8.042   -1.428  1.00 12.34 ? 40   ILE A D    1 
ATOM   656  D  DA   . ILE A 1 41 ? 2.510   10.273  -2.733  1.00 13.08 ? 40   ILE A DA   1 
ATOM   657  D  DB   . ILE A 1 41 ? -0.101  9.238   -2.399  1.00 14.43 ? 40   ILE A DB   1 
ATOM   658  H  HG12 . ILE A 1 41 ? 1.037   7.775   -3.720  1.00 16.25 ? 40   ILE A HG12 1 
ATOM   659  H  HG13 . ILE A 1 41 ? 0.046   8.574   -4.666  1.00 16.25 ? 40   ILE A HG13 1 
ATOM   660  H  HG21 . ILE A 1 41 ? 0.660   11.393  -4.028  1.00 16.68 ? 40   ILE A HG21 1 
ATOM   661  H  HG22 . ILE A 1 41 ? -0.789  10.786  -3.999  1.00 16.68 ? 40   ILE A HG22 1 
ATOM   662  H  HG23 . ILE A 1 41 ? -0.216  11.511  -2.727  1.00 16.68 ? 40   ILE A HG23 1 
ATOM   663  H  HDD2 . ILE A 1 41 ? 2.103   8.333   -5.696  1.00 19.26 ? 40   ILE A HDD2 1 
ATOM   664  H  HDD3 . ILE A 1 41 ? 1.825   9.858   -5.434  1.00 19.26 ? 40   ILE A HDD3 1 
ATOM   665  H  HDD1 . ILE A 1 41 ? 2.808   9.066   -4.497  1.00 19.26 ? 40   ILE A HDD1 1 
ATOM   666  N  N    . CYS A 1 42 ? 0.733   10.469  -0.051  1.00 10.32 ? 41   CYS A N    1 
ATOM   667  C  CA   . CYS A 1 42 ? 0.271   11.415  0.954   1.00 10.17 ? 41   CYS A CA   1 
ATOM   668  C  C    . CYS A 1 42 ? 0.858   11.207  2.345   1.00 9.81  ? 41   CYS A C    1 
ATOM   669  O  O    . CYS A 1 42 ? 0.696   12.071  3.198   1.00 11.19 ? 41   CYS A O    1 
ATOM   670  C  CB   . CYS A 1 42 ? -1.258  11.402  1.046   1.00 10.39 ? 41   CYS A CB   1 
ATOM   671  S  SG   . CYS A 1 42 ? -1.967  9.925   1.824   1.00 9.71  ? 41   CYS A SG   1 
ATOM   672  D  D    . CYS A 1 42 ? 0.412   9.676   0.031   1.00 12.39 ? 41   CYS A D    1 
ATOM   673  D  DA   . CYS A 1 42 ? 0.534   12.315  0.665   1.00 12.21 ? 41   CYS A DA   1 
ATOM   674  D  DB2  . CYS A 1 42 ? -1.543  12.171  1.564   1.00 12.46 ? 41   CYS A DB2  1 
ATOM   675  D  DB3  . CYS A 1 42 ? -1.622  11.462  0.148   1.00 12.46 ? 41   CYS A DB3  1 
ATOM   676  N  N    . GLY A 1 43 ? 1.524   10.074  2.574   1.00 9.65  ? 42   GLY A N    1 
ATOM   677  C  CA   . GLY A 1 43 ? 2.094   9.770   3.871   1.00 10.18 ? 42   GLY A CA   1 
ATOM   678  C  C    . GLY A 1 43 ? 1.168   9.095   4.858   1.00 9.63  ? 42   GLY A C    1 
ATOM   679  O  O    . GLY A 1 43 ? 1.542   8.897   6.006   1.00 10.76 ? 42   GLY A O    1 
ATOM   680  D  D    . GLY A 1 43 ? 1.656   9.462   1.985   1.00 11.58 ? 42   GLY A D    1 
ATOM   681  D  DA2  . GLY A 1 43 ? 2.863   9.193   3.745   1.00 12.21 ? 42   GLY A DA2  1 
ATOM   682  D  DA3  . GLY A 1 43 ? 2.405   10.595  4.276   1.00 12.21 ? 42   GLY A DA3  1 
ATOM   683  N  N    . ALA A 1 44 ? -0.026  8.708   4.436   1.00 9.20  ? 43   ALA A N    1 
ATOM   684  C  CA   . ALA A 1 44 ? -0.960  8.069   5.350   1.00 9.62  ? 43   ALA A CA   1 
ATOM   685  C  C    . ALA A 1 44 ? -0.413  6.752   5.874   1.00 9.39  ? 43   ALA A C    1 
ATOM   686  O  O    . ALA A 1 44 ? 0.181   5.973   5.135   1.00 10.20 ? 43   ALA A O    1 
ATOM   687  C  CB   . ALA A 1 44 ? -2.285  7.806   4.652   1.00 11.10 ? 43   ALA A CB   1 
ATOM   688  D  D    . ALA A 1 44 ? -0.319  8.803   3.633   1.00 11.05 ? 43   ALA A D    1 
ATOM   689  D  DA   . ALA A 1 44 ? -1.126  8.661   6.113   1.00 11.55 ? 43   ALA A DA   1 
ATOM   690  D  DB1  . ALA A 1 44 ? -2.132  7.229   3.899   1.00 13.32 ? 43   ALA A DB1  1 
ATOM   691  D  DB2  . ALA A 1 44 ? -2.886  7.384   5.271   1.00 13.32 ? 43   ALA A DB2  1 
ATOM   692  D  DB3  . ALA A 1 44 ? -2.652  8.641   4.355   1.00 13.32 ? 43   ALA A DB3  1 
ATOM   693  N  N    A PRO A 1 45 ? -0.672  6.462   7.141   0.58 9.43  ? 44   PRO A N    1 
ATOM   694  N  N    B PRO A 1 45 ? -0.655  6.472   7.168   0.42 9.59  ? 44   PRO A N    1 
ATOM   695  C  CA   A PRO A 1 45 ? -0.249  5.170   7.670   0.58 9.82  ? 44   PRO A CA   1 
ATOM   696  C  CA   B PRO A 1 45 ? -0.361  5.156   7.737   0.42 10.05 ? 44   PRO A CA   1 
ATOM   697  C  C    A PRO A 1 45 ? -1.096  4.023   7.119   0.58 8.95  ? 44   PRO A C    1 
ATOM   698  C  C    B PRO A 1 45 ? -1.145  4.046   7.066   0.42 9.59  ? 44   PRO A C    1 
ATOM   699  O  O    A PRO A 1 45 ? -2.182  4.221   6.561   0.58 9.18  ? 44   PRO A O    1 
ATOM   700  O  O    B PRO A 1 45 ? -2.151  4.275   6.389   0.42 9.86  ? 44   PRO A O    1 
ATOM   701  C  CB   A PRO A 1 45 ? -0.439  5.339   9.173   0.58 11.52 ? 44   PRO A CB   1 
ATOM   702  C  CB   B PRO A 1 45 ? -0.823  5.289   9.192   0.42 11.44 ? 44   PRO A CB   1 
ATOM   703  C  CG   A PRO A 1 45 ? -1.544  6.365   9.288   0.58 11.55 ? 44   PRO A CG   1 
ATOM   704  C  CG   B PRO A 1 45 ? -0.695  6.713   9.489   0.42 11.57 ? 44   PRO A CG   1 
ATOM   705  C  CD   A PRO A 1 45 ? -1.363  7.290   8.137   0.58 10.50 ? 44   PRO A CD   1 
ATOM   706  C  CD   B PRO A 1 45 ? -1.065  7.422   8.214   0.42 10.61 ? 44   PRO A CD   1 
ATOM   707  D  DA   A PRO A 1 45 ? 0.698   5.008   7.473   0.58 11.79 ? 44   PRO A DA   1 
ATOM   708  D  DA   B PRO A 1 45 ? 0.599   4.962   7.704   0.42 12.06 ? 44   PRO A DA   1 
ATOM   709  D  DB2  A PRO A 1 45 ? -0.707  4.495   9.569   0.58 13.83 ? 44   PRO A DB2  1 
ATOM   710  D  DB2  B PRO A 1 45 ? -1.746  5.003   9.272   0.42 13.73 ? 44   PRO A DB2  1 
ATOM   711  D  DB3  A PRO A 1 45 ? 0.381   5.666   9.576   0.58 13.83 ? 44   PRO A DB3  1 
ATOM   712  D  DB3  B PRO A 1 45 ? -0.246  4.764   9.769   0.42 13.73 ? 44   PRO A DB3  1 
ATOM   713  D  DG2  A PRO A 1 45 ? -2.405  5.921   9.236   0.58 13.86 ? 44   PRO A DG2  1 
ATOM   714  D  DG2  B PRO A 1 45 ? -1.305  6.953   10.204  0.42 13.88 ? 44   PRO A DG2  1 
ATOM   715  D  DG3  A PRO A 1 45 ? -1.457  6.844   10.128  0.58 13.86 ? 44   PRO A DG3  1 
ATOM   716  D  DG3  B PRO A 1 45 ? 0.221   6.913   9.738   0.42 13.88 ? 44   PRO A DG3  1 
ATOM   717  D  DD2  A PRO A 1 45 ? -2.223  7.581   7.798   0.58 12.60 ? 44   PRO A DD2  1 
ATOM   718  D  DD2  B PRO A 1 45 ? -2.022  7.574   8.176   0.42 12.73 ? 44   PRO A DD2  1 
ATOM   719  D  DD3  A PRO A 1 45 ? -0.809  8.045   8.394   0.58 12.60 ? 44   PRO A DD3  1 
ATOM   720  D  DD3  B PRO A 1 45 ? -0.569  8.252   8.131   0.42 12.73 ? 44   PRO A DD3  1 
ATOM   721  N  N    A LYS A 1 46 ? -0.597  2.808   7.314   0.58 9.51  ? 45   LYS A N    1 
ATOM   722  N  N    B LYS A 1 46 ? -0.688  2.825   7.307   0.42 10.04 ? 45   LYS A N    1 
ATOM   723  C  CA   A LYS A 1 46 ? -1.275  1.608   6.834   0.58 9.77  ? 45   LYS A CA   1 
ATOM   724  C  CA   B LYS A 1 46 ? -1.338  1.642   6.775   0.42 10.34 ? 45   LYS A CA   1 
ATOM   725  C  C    A LYS A 1 46 ? -2.733  1.511   7.283   0.58 9.45  ? 45   LYS A C    1 
ATOM   726  C  C    B LYS A 1 46 ? -2.747  1.448   7.314   0.42 9.80  ? 45   LYS A C    1 
ATOM   727  O  O    A LYS A 1 46 ? -3.556  0.957   6.556   0.58 10.02 ? 45   LYS A O    1 
ATOM   728  O  O    B LYS A 1 46 ? -3.544  0.738   6.703   0.42 10.38 ? 45   LYS A O    1 
ATOM   729  C  CB   A LYS A 1 46 ? -0.515  0.332   7.238   0.58 11.20 ? 45   LYS A CB   1 
ATOM   730  C  CB   B LYS A 1 46 ? -0.503  0.395   7.063   0.42 11.70 ? 45   LYS A CB   1 
ATOM   731  C  CG   A LYS A 1 46 ? 0.752   0.055   6.434   0.58 13.03 ? 45   LYS A CG   1 
ATOM   732  C  CG   B LYS A 1 46 ? 0.812   0.373   6.323   0.42 13.35 ? 45   LYS A CG   1 
ATOM   733  C  CD   A LYS A 1 46 ? 1.488   -1.216  6.914   0.58 14.50 ? 45   LYS A CD   1 
ATOM   734  C  CD   B LYS A 1 46 ? 1.490   -0.985  6.422   0.42 14.82 ? 45   LYS A CD   1 
ATOM   735  C  CE   A LYS A 1 46 ? 0.774   -2.509  6.489   0.58 15.58 ? 45   LYS A CE   1 
ATOM   736  C  CE   B LYS A 1 46 ? 1.862   -1.326  7.857   0.42 16.09 ? 45   LYS A CE   1 
ATOM   737  N  NZ   A LYS A 1 46 ? 1.425   -3.768  6.981   0.58 16.12 ? 45   LYS A NZ   1 
ATOM   738  N  NZ   B LYS A 1 46 ? 2.462   -2.689  7.970   0.42 16.97 ? 45   LYS A NZ   1 
ATOM   739  D  D    A LYS A 1 46 ? 0.141   2.650   7.725   0.58 11.42 ? 45   LYS A D    1 
ATOM   740  D  D    B LYS A 1 46 ? 0.007   2.655   7.783   0.42 12.04 ? 45   LYS A D    1 
ATOM   741  D  DA   A LYS A 1 46 ? -1.280  1.638   5.854   0.58 11.72 ? 45   LYS A DA   1 
ATOM   742  D  DA   B LYS A 1 46 ? -1.405  1.734   5.801   0.42 12.40 ? 45   LYS A DA   1 
ATOM   743  D  DB2  A LYS A 1 46 ? -0.258  0.407   8.172   0.58 13.44 ? 45   LYS A DB2  1 
ATOM   744  D  DB2  B LYS A 1 46 ? -0.310  0.360   8.014   0.42 14.04 ? 45   LYS A DB2  1 
ATOM   745  D  DB3  A LYS A 1 46 ? -1.106  -0.429  7.125   0.58 13.44 ? 45   LYS A DB3  1 
ATOM   746  D  DB3  B LYS A 1 46 ? -1.008  -0.390  6.799   0.42 14.04 ? 45   LYS A DB3  1 
ATOM   747  D  DG2  A LYS A 1 46 ? 0.515   -0.069  5.501   0.58 15.63 ? 45   LYS A DG2  1 
ATOM   748  D  DG2  B LYS A 1 46 ? 0.654   0.564   5.385   0.42 16.02 ? 45   LYS A DG2  1 
ATOM   749  D  DG3  A LYS A 1 46 ? 1.358   0.806   6.527   0.58 15.63 ? 45   LYS A DG3  1 
ATOM   750  D  DG3  B LYS A 1 46 ? 1.406   1.037   6.706   0.42 16.02 ? 45   LYS A DG3  1 
ATOM   751  D  DD2  A LYS A 1 46 ? 2.380   -1.228  6.534   0.58 17.39 ? 45   LYS A DD2  1 
ATOM   752  D  DD2  B LYS A 1 46 ? 0.884   -1.669  6.096   0.42 17.78 ? 45   LYS A DD2  1 
ATOM   753  D  DD3  A LYS A 1 46 ? 1.538   -1.207  7.882   0.58 17.39 ? 45   LYS A DD3  1 
ATOM   754  D  DD3  B LYS A 1 46 ? 2.302   -0.977  5.892   0.42 17.78 ? 45   LYS A DD3  1 
ATOM   755  D  DE2  A LYS A 1 46 ? -0.132  -2.491  6.834   0.58 18.70 ? 45   LYS A DE2  1 
ATOM   756  D  DE2  B LYS A 1 46 ? 2.512   -0.681  8.180   0.42 19.30 ? 45   LYS A DE2  1 
ATOM   757  D  DE3  A LYS A 1 46 ? 0.753   -2.548  5.519   0.58 18.70 ? 45   LYS A DE3  1 
ATOM   758  D  DE3  B LYS A 1 46 ? 1.064   -1.301  8.408   0.42 19.30 ? 45   LYS A DE3  1 
ATOM   759  D  DZ1  A LYS A 1 46 ? 1.448   -3.771  7.870   0.58 19.35 ? 45   LYS A DZ1  1 
ATOM   760  D  DZ1  B LYS A 1 46 ? 3.201   -2.737  7.477   0.42 20.36 ? 45   LYS A DZ1  1 
ATOM   761  D  DZ2  A LYS A 1 46 ? 0.964   -4.478  6.701   0.58 19.35 ? 45   LYS A DZ2  1 
ATOM   762  D  DZ2  B LYS A 1 46 ? 2.669   -2.860  8.819   0.42 20.36 ? 45   LYS A DZ2  1 
ATOM   763  D  DZ3  A LYS A 1 46 ? 2.257   -3.823  6.669   0.58 19.35 ? 45   LYS A DZ3  1 
ATOM   764  D  DZ3  B LYS A 1 46 ? 1.883   -3.300  7.685   0.42 20.36 ? 45   LYS A DZ3  1 
ATOM   765  N  N    . SER A 1 47 ? -3.055  2.056   8.455   1.00 9.49  ? 46   SER A N    1 
ATOM   766  C  CA   . SER A 1 47 ? -4.410  2.006   8.977   1.00 9.75  ? 46   SER A CA   1 
ATOM   767  C  C    . SER A 1 47 ? -5.435  2.607   8.023   1.00 9.42  ? 46   SER A C    1 
ATOM   768  O  O    . SER A 1 47 ? -6.617  2.292   8.150   1.00 11.36 ? 46   SER A O    1 
ATOM   769  C  CB   . SER A 1 47 ? -4.492  2.732   10.317  1.00 10.98 ? 46   SER A CB   1 
ATOM   770  O  OG   . SER A 1 47 ? -4.163  4.103   10.191  1.00 11.44 ? 46   SER A OG   1 
ATOM   771  D  D    . SER A 1 47 ? -2.499  2.482   8.953   1.00 11.38 ? 46   SER A D    1 
ATOM   772  D  DA   . SER A 1 47 ? -4.654  1.069   9.127   1.00 11.70 ? 46   SER A DA   1 
ATOM   773  D  DB2  . SER A 1 47 ? -5.398  2.658   10.657  1.00 13.17 ? 46   SER A DB2  1 
ATOM   774  D  DB3  . SER A 1 47 ? -3.873  2.317   10.936  1.00 13.17 ? 46   SER A DB3  1 
ATOM   775  N  N    . GLU A 1 48 ? -4.995  3.479   7.113   1.00 8.93  ? 47   GLU A N    1 
ATOM   776  C  CA   . GLU A 1 48 ? -5.917  4.213   6.259   1.00 9.14  ? 47   GLU A CA   1 
ATOM   777  C  C    . GLU A 1 48 ? -6.137  3.561   4.891   1.00 9.56  ? 47   GLU A C    1 
ATOM   778  O  O    . GLU A 1 48 ? -6.762  4.161   4.018   1.00 11.85 ? 47   GLU A O    1 
ATOM   779  C  CB   . GLU A 1 48 ? -5.464  5.669   6.104   1.00 10.61 ? 47   GLU A CB   1 
ATOM   780  C  CG   . GLU A 1 48 ? -5.245  6.366   7.443   1.00 11.59 ? 47   GLU A CG   1 
ATOM   781  C  CD   . GLU A 1 48 ? -6.420  6.199   8.388   1.00 12.70 ? 47   GLU A CD   1 
ATOM   782  O  OE1  . GLU A 1 48 ? -7.471  6.809   8.114   1.00 15.41 ? 47   GLU A OE1  1 
ATOM   783  O  OE2  . GLU A 1 48 ? -6.303  5.452   9.384   1.00 13.00 ? 47   GLU A OE2  1 
ATOM   784  D  D    . GLU A 1 48 ? -4.166  3.661   6.973   1.00 10.72 ? 47   GLU A D    1 
ATOM   785  D  DA   . GLU A 1 48 ? -6.789  4.233   6.707   1.00 10.97 ? 47   GLU A DA   1 
ATOM   786  D  DB2  . GLU A 1 48 ? -4.626  5.688   5.615   1.00 12.73 ? 47   GLU A DB2  1 
ATOM   787  D  DB3  . GLU A 1 48 ? -6.144  6.160   5.617   1.00 12.73 ? 47   GLU A DB3  1 
ATOM   788  D  DG2  . GLU A 1 48 ? -4.460  5.991   7.871   1.00 13.91 ? 47   GLU A DG2  1 
ATOM   789  D  DG3  . GLU A 1 48 ? -5.117  7.315   7.287   1.00 13.91 ? 47   GLU A DG3  1 
ATOM   790  N  N    . PHE A 1 49 ? -5.657  2.332   4.723   1.00 9.29  ? 48   PHE A N    1 
ATOM   791  C  CA   . PHE A 1 49 ? -5.857  1.579   3.498   1.00 9.50  ? 48   PHE A CA   1 
ATOM   792  C  C    . PHE A 1 49 ? -6.987  0.579   3.665   1.00 10.77 ? 48   PHE A C    1 
ATOM   793  O  O    . PHE A 1 49 ? -7.205  0.036   4.747   1.00 13.28 ? 48   PHE A O    1 
ATOM   794  C  CB   . PHE A 1 49 ? -4.577  0.843   3.104   1.00 9.70  ? 48   PHE A CB   1 
ATOM   795  C  CG   . PHE A 1 49 ? -3.550  1.731   2.466   1.00 9.17  ? 48   PHE A CG   1 
ATOM   796  C  CD1  . PHE A 1 49 ? -2.816  2.635   3.210   1.00 9.95  ? 48   PHE A CD1  1 
ATOM   797  C  CD2  . PHE A 1 49 ? -3.331  1.664   1.102   1.00 9.44  ? 48   PHE A CD2  1 
ATOM   798  C  CE1  . PHE A 1 49 ? -1.897  3.456   2.601   1.00 10.71 ? 48   PHE A CE1  1 
ATOM   799  C  CE2  . PHE A 1 49 ? -2.399  2.483   0.494   1.00 10.07 ? 48   PHE A CE2  1 
ATOM   800  C  CZ   . PHE A 1 49 ? -1.685  3.374   1.245   1.00 10.75 ? 48   PHE A CZ   1 
ATOM   801  D  D    . PHE A 1 49 ? -5.205  1.909   5.319   1.00 11.15 ? 48   PHE A D    1 
ATOM   802  D  DA   . PHE A 1 49 ? -6.093  2.195   2.772   1.00 11.40 ? 48   PHE A DA   1 
ATOM   803  D  DB2  . PHE A 1 49 ? -4.181  0.454   3.900   1.00 11.63 ? 48   PHE A DB2  1 
ATOM   804  D  DB3  . PHE A 1 49 ? -4.800  0.142   2.471   1.00 11.63 ? 48   PHE A DB3  1 
ATOM   805  D  DD1  . PHE A 1 49 ? -2.956  2.699   4.128   1.00 11.94 ? 48   PHE A DD1  1 
ATOM   806  D  DD2  . PHE A 1 49 ? -3.818  1.062   0.587   1.00 11.33 ? 48   PHE A DD2  1 
ATOM   807  D  DE1  . PHE A 1 49 ? -1.405  4.059   3.110   1.00 12.85 ? 48   PHE A DE1  1 
ATOM   808  D  DE2  . PHE A 1 49 ? -2.259  2.429   -0.424  1.00 12.09 ? 48   PHE A DE2  1 
ATOM   809  D  DZ   . PHE A 1 49 ? -1.056  3.926   0.839   1.00 12.90 ? 48   PHE A DZ   1 
ATOM   810  N  N    . GLU A 1 50 ? -7.689  0.331   2.566   1.00 10.97 ? 49   GLU A N    1 
ATOM   811  C  CA   . GLU A 1 50 ? -8.771  -0.647  2.519   1.00 12.28 ? 49   GLU A CA   1 
ATOM   812  C  C    . GLU A 1 50 ? -8.536  -1.592  1.351   1.00 10.80 ? 49   GLU A C    1 
ATOM   813  O  O    . GLU A 1 50 ? -8.204  -1.158  0.251   1.00 11.17 ? 49   GLU A O    1 
ATOM   814  C  CB   . GLU A 1 50 ? -10.102 0.087   2.351   1.00 16.65 ? 49   GLU A CB   1 
ATOM   815  C  CG   . GLU A 1 50 ? -11.316 -0.747  2.139   1.00 21.44 ? 49   GLU A CG   1 
ATOM   816  C  CD   . GLU A 1 50 ? -12.542 0.129   2.061   1.00 24.21 ? 49   GLU A CD   1 
ATOM   817  O  OE1  . GLU A 1 50 ? -12.840 0.793   3.076   1.00 25.20 ? 49   GLU A OE1  1 
ATOM   818  O  OE2  . GLU A 1 50 ? -13.180 0.187   0.984   1.00 25.75 ? 49   GLU A OE2  1 
ATOM   819  D  D    . GLU A 1 50 ? -7.555  0.728   1.815   1.00 13.17 ? 49   GLU A D    1 
ATOM   820  D  DA   . GLU A 1 50 ? -8.793  -1.165  3.351   1.00 14.73 ? 49   GLU A DA   1 
ATOM   821  D  DB2  . GLU A 1 50 ? -10.255 0.617   3.148   1.00 19.98 ? 49   GLU A DB2  1 
ATOM   822  D  DB3  . GLU A 1 50 ? -10.025 0.678   1.585   1.00 19.98 ? 49   GLU A DB3  1 
ATOM   823  D  DG2  . GLU A 1 50 ? -11.233 -1.235  1.305   1.00 25.73 ? 49   GLU A DG2  1 
ATOM   824  D  DG3  . GLU A 1 50 ? -11.422 -1.360  2.882   1.00 25.73 ? 49   GLU A DG3  1 
ATOM   825  N  N    . LYS A 1 51 ? -8.726  -2.884  1.576   1.00 11.44 ? 50   LYS A N    1 
ATOM   826  C  CA   . LYS A 1 51 ? -8.574  -3.868  0.520   1.00 11.17 ? 50   LYS A CA   1 
ATOM   827  C  C    . LYS A 1 51 ? -9.738  -3.770  -0.454  1.00 11.07 ? 50   LYS A C    1 
ATOM   828  O  O    . LYS A 1 51 ? -10.898 -3.673  -0.047  1.00 12.95 ? 50   LYS A O    1 
ATOM   829  C  CB   . LYS A 1 51 ? -8.504  -5.263  1.119   1.00 13.27 ? 50   LYS A CB   1 
ATOM   830  C  CG   . LYS A 1 51 ? -8.038  -6.318  0.151   1.00 15.28 ? 50   LYS A CG   1 
ATOM   831  C  CD   . LYS A 1 51 ? -7.907  -7.649  0.864   1.00 18.43 ? 50   LYS A CD   1 
ATOM   832  C  CE   . LYS A 1 51 ? -7.202  -8.689  0.022   1.00 20.96 ? 50   LYS A CE   1 
ATOM   833  N  NZ   . LYS A 1 51 ? -7.124  -10.000 0.728   1.00 22.63 ? 50   LYS A NZ   1 
ATOM   834  D  D    . LYS A 1 51 ? -8.944  -3.217  2.338   1.00 13.73 ? 50   LYS A D    1 
ATOM   835  D  DA   . LYS A 1 51 ? -7.742  -3.698  0.030   1.00 13.41 ? 50   LYS A DA   1 
ATOM   836  D  DB2  . LYS A 1 51 ? -7.884  -5.251  1.866   1.00 15.93 ? 50   LYS A DB2  1 
ATOM   837  D  DB3  . LYS A 1 51 ? -9.388  -5.515  1.430   1.00 15.93 ? 50   LYS A DB3  1 
ATOM   838  D  DG2  . LYS A 1 51 ? -8.687  -6.412  -0.565  1.00 18.34 ? 50   LYS A DG2  1 
ATOM   839  D  DG3  . LYS A 1 51 ? -7.170  -6.071  -0.207  1.00 18.34 ? 50   LYS A DG3  1 
ATOM   840  D  DD2  . LYS A 1 51 ? -7.396  -7.523  1.678   1.00 22.12 ? 50   LYS A DD2  1 
ATOM   841  D  DD3  . LYS A 1 51 ? -8.793  -7.984  1.075   1.00 22.12 ? 50   LYS A DD3  1 
ATOM   842  D  DE2  . LYS A 1 51 ? -7.691  -8.817  -0.805  1.00 25.16 ? 50   LYS A DE2  1 
ATOM   843  D  DE3  . LYS A 1 51 ? -6.298  -8.390  -0.164  1.00 25.16 ? 50   LYS A DE3  1 
ATOM   844  D  DZ1  . LYS A 1 51 ? -7.943  -10.297 0.908   1.00 27.15 ? 50   LYS A DZ1  1 
ATOM   845  D  DZ2  . LYS A 1 51 ? -6.706  -10.596 0.217   1.00 27.15 ? 50   LYS A DZ2  1 
ATOM   846  D  DZ3  . LYS A 1 51 ? -6.676  -9.909  1.492   1.00 27.15 ? 50   LYS A DZ3  1 
ATOM   847  N  N    . LEU A 1 52 ? -9.426  -3.817  -1.745  1.00 10.32 ? 51   LEU A N    1 
ATOM   848  C  CA   . LEU A 1 52 ? -10.443 -3.775  -2.783  1.00 11.34 ? 51   LEU A CA   1 
ATOM   849  C  C    . LEU A 1 52 ? -10.938 -5.161  -3.097  1.00 13.63 ? 51   LEU A C    1 
ATOM   850  O  O    . LEU A 1 52 ? -10.398 -5.876  -3.946  1.00 18.09 ? 51   LEU A O    1 
ATOM   851  C  CB   . LEU A 1 52 ? -9.913  -3.090  -4.038  1.00 11.60 ? 51   LEU A CB   1 
ATOM   852  C  CG   . LEU A 1 52 ? -9.495  -1.640  -3.806  1.00 11.67 ? 51   LEU A CG   1 
ATOM   853  C  CD1  . LEU A 1 52 ? -8.976  -1.007  -5.096  1.00 14.23 ? 51   LEU A CD1  1 
ATOM   854  C  CD2  . LEU A 1 52 ? -10.617 -0.812  -3.231  1.00 13.15 ? 51   LEU A CD2  1 
ATOM   855  D  D    . LEU A 1 52 ? -8.622  -3.874  -2.046  1.00 12.39 ? 51   LEU A D    1 
ATOM   856  D  DA   . LEU A 1 52 ? -11.205 -3.252  -2.457  1.00 13.60 ? 51   LEU A DA   1 
ATOM   857  D  DB2  . LEU A 1 52 ? -9.137  -3.576  -4.356  1.00 13.92 ? 51   LEU A DB2  1 
ATOM   858  D  DB3  . LEU A 1 52 ? -10.606 -3.094  -4.715  1.00 13.92 ? 51   LEU A DB3  1 
ATOM   859  D  DG   . LEU A 1 52 ? -8.767  -1.629  -3.164  1.00 14.00 ? 51   LEU A DG   1 
ATOM   860  D  DD11 . LEU A 1 52 ? -8.722  -0.098  -4.916  1.00 17.08 ? 51   LEU A DD11 1 
ATOM   861  D  DD12 . LEU A 1 52 ? -8.217  -1.505  -5.405  1.00 17.08 ? 51   LEU A DD12 1 
ATOM   862  D  DD13 . LEU A 1 52 ? -9.674  -1.028  -5.756  1.00 17.08 ? 51   LEU A DD13 1 
ATOM   863  D  DD21 . LEU A 1 52 ? -10.308 0.088   -3.104  1.00 15.78 ? 51   LEU A DD21 1 
ATOM   864  D  DD22 . LEU A 1 52 ? -11.357 -0.821  -3.842  1.00 15.78 ? 51   LEU A DD22 1 
ATOM   865  D  DD23 . LEU A 1 52 ? -10.883 -1.190  -2.389  1.00 15.78 ? 51   LEU A DD23 1 
ATOM   866  N  N    . GLU A 1 53 ? -12.036 -5.497  -2.425  1.00 17.22 ? 52   GLU A N    1 
ATOM   867  C  CA   . GLU A 1 53 ? -12.707 -6.778  -2.531  1.00 45.08 ? 52   GLU A CA   1 
ATOM   868  C  C    . GLU A 1 53 ? -13.992 -6.606  -1.740  1.00 48.12 ? 52   GLU A C    1 
ATOM   869  O  O    . GLU A 1 53 ? -14.094 -5.700  -0.911  1.00 42.07 ? 52   GLU A O    1 
ATOM   870  C  CB   . GLU A 1 53 ? -11.866 -7.884  -1.901  1.00 59.23 ? 52   GLU A CB   1 
ATOM   871  C  CG   . GLU A 1 53 ? -11.829 -7.819  -0.381  1.00 61.51 ? 52   GLU A CG   1 
ATOM   872  C  CD   . GLU A 1 53 ? -11.273 -9.082  0.251   1.00 52.75 ? 52   GLU A CD   1 
ATOM   873  O  OE1  . GLU A 1 53 ? -10.627 -9.877  -0.467  1.00 47.37 ? 52   GLU A OE1  1 
ATOM   874  O  OE2  . GLU A 1 53 ? -11.483 -9.278  1.467   1.00 48.58 ? 52   GLU A OE2  1 
ATOM   875  D  D    . GLU A 1 53 ? -12.426 -4.965  -1.874  1.00 20.66 ? 52   GLU A D    1 
ATOM   876  D  DA   . GLU A 1 53 ? -12.911 -6.995  -3.465  1.00 54.10 ? 52   GLU A DA   1 
ATOM   877  D  DB2  . GLU A 1 53 ? -12.237 -8.743  -2.156  1.00 71.08 ? 52   GLU A DB2  1 
ATOM   878  D  DB3  . GLU A 1 53 ? -10.954 -7.809  -2.226  1.00 71.08 ? 52   GLU A DB3  1 
ATOM   879  D  DG2  . GLU A 1 53 ? -11.267 -7.077  -0.110  1.00 73.81 ? 52   GLU A DG2  1 
ATOM   880  D  DG3  . GLU A 1 53 ? -12.732 -7.692  -0.049  1.00 73.81 ? 52   GLU A DG3  1 
ATOM   881  N  N    . ASP A 1 54 ? -14.972 -7.467  -1.977  0.67 53.87 ? 53   ASP A N    1 
ATOM   882  C  CA   . ASP A 1 54 ? -16.217 -7.389  -1.230  0.67 57.06 ? 53   ASP A CA   1 
ATOM   883  C  C    . ASP A 1 54 ? -16.088 -8.162  0.078   0.67 51.22 ? 53   ASP A C    1 
ATOM   884  O  O    . ASP A 1 54 ? -15.253 -9.060  0.199   0.67 45.79 ? 53   ASP A O    1 
ATOM   885  C  CB   . ASP A 1 54 ? -17.376 -7.933  -2.062  0.67 61.49 ? 53   ASP A CB   1 
ATOM   886  C  CG   . ASP A 1 54 ? -18.728 -7.587  -1.472  0.67 54.83 ? 53   ASP A CG   1 
ATOM   887  O  OD1  . ASP A 1 54 ? -19.149 -6.417  -1.594  0.67 50.72 ? 53   ASP A OD1  1 
ATOM   888  O  OD2  . ASP A 1 54 ? -19.367 -8.482  -0.879  0.67 51.07 ? 53   ASP A OD2  1 
ATOM   889  O  OXT  . ASP A 1 54 ? -16.806 -7.906  1.044   0.67 51.16 ? 53   ASP A OXT  1 
ATOM   890  D  D    . ASP A 1 54 ? -14.942 -8.099  -2.559  0.67 64.64 ? 53   ASP A D    1 
ATOM   891  D  DA   . ASP A 1 54 ? -16.406 -6.452  -1.014  0.67 68.47 ? 53   ASP A DA   1 
ATOM   892  D  DB2  . ASP A 1 54 ? -17.332 -7.553  -2.954  0.67 73.79 ? 53   ASP A DB2  1 
ATOM   893  D  DB3  . ASP A 1 54 ? -17.307 -8.899  -2.108  0.67 73.79 ? 53   ASP A DB3  1 
HETATM 894  FE FE   . FE  B 2 .  ? -2.356  8.259   0.267   1.00 8.74  ? 1054 FE  A FE   1 
HETATM 895  O  O    . DOD C 3 .  ? -1.802  -13.429 -8.395  0.51 30.01 ? 2001 DOD A O    1 
HETATM 896  O  O    . DOD C 3 .  ? -4.266  -12.176 -7.975  0.43 30.09 ? 2002 DOD A O    1 
HETATM 897  O  O    . DOD C 3 .  ? -7.383  -7.556  -7.337  0.59 30.10 ? 2003 DOD A O    1 
HETATM 898  O  O    . DOD C 3 .  ? -2.818  -6.825  -8.792  0.65 31.26 ? 2004 DOD A O    1 
HETATM 899  O  O    . DOD C 3 .  ? -5.312  -7.802  -8.667  0.56 30.11 ? 2005 DOD A O    1 
HETATM 900  O  O    . DOD C 3 .  ? -6.002  -10.037 -9.344  0.51 30.14 ? 2006 DOD A O    1 
HETATM 901  O  O    . DOD C 3 .  ? 1.923   -14.340 -5.860  0.59 30.08 ? 2007 DOD A O    1 
HETATM 902  O  O    . DOD C 3 .  ? -2.690  -15.392 -8.325  0.55 30.11 ? 2008 DOD A O    1 
HETATM 903  O  O    . DOD C 3 .  ? -4.942  -14.015 -10.191 0.44 30.14 ? 2009 DOD A O    1 
HETATM 904  O  O    . DOD C 3 .  ? -5.654  -8.030  -11.928 0.45 30.02 ? 2010 DOD A O    1 
HETATM 905  O  O    . DOD C 3 .  ? -8.398  -9.620  -3.682  0.78 45.05 ? 2011 DOD A O    1 
HETATM 906  O  O    . DOD C 3 .  ? -11.913 5.657   -1.787  0.64 29.31 ? 2012 DOD A O    1 
HETATM 907  O  O    . DOD C 3 .  ? -10.093 8.501   -4.014  0.86 27.22 ? 2013 DOD A O    1 
HETATM 908  O  O    . DOD C 3 .  ? -7.939  -6.776  -4.685  0.95 28.46 ? 2014 DOD A O    1 
HETATM 909  O  O    . DOD C 3 .  ? -12.941 9.859   -0.605  0.67 31.68 ? 2015 DOD A O    1 
HETATM 910  O  O    . DOD C 3 .  ? -6.435  13.918  -3.407  1.00 43.83 ? 2016 DOD A O    1 
HETATM 911  O  O    . DOD C 3 .  ? -9.108  8.762   -6.620  0.93 20.04 ? 2017 DOD A O    1 
HETATM 912  O  O    . DOD C 3 .  ? -18.249 1.661   2.892   0.43 30.07 ? 2018 DOD A O    1 
HETATM 913  O  O    . DOD C 3 .  ? -3.495  -9.071  0.975   0.90 28.25 ? 2019 DOD A O    1 
HETATM 914  O  O    . DOD C 3 .  ? 1.364   0.606   -8.427  1.00 34.97 ? 2020 DOD A O    1 
HETATM 915  O  O    . DOD C 3 .  ? -2.113  0.993   -9.650  1.00 37.42 ? 2021 DOD A O    1 
HETATM 916  O  O    . DOD C 3 .  ? 2.635   0.334   -10.933 0.98 40.08 ? 2022 DOD A O    1 
HETATM 917  O  O    . DOD C 3 .  ? 1.054   -2.563  -13.179 0.28 30.06 ? 2023 DOD A O    1 
HETATM 918  O  O    . DOD C 3 .  ? -9.561  7.089   -1.740  0.95 21.78 ? 2024 DOD A O    1 
HETATM 919  O  O    . DOD C 3 .  ? -5.221  -11.933 -3.056  0.85 52.35 ? 2025 DOD A O    1 
HETATM 920  O  O    . DOD C 3 .  ? 6.250   -0.056  -9.678  0.48 30.03 ? 2026 DOD A O    1 
HETATM 921  O  O    . DOD C 3 .  ? 8.682   -0.351  -10.952 0.50 30.02 ? 2027 DOD A O    1 
HETATM 922  O  O    . DOD C 3 .  ? -3.283  -14.079 -12.662 0.43 30.11 ? 2028 DOD A O    1 
HETATM 923  O  O    . DOD C 3 .  ? -10.244 10.803  3.404   0.55 30.91 ? 2029 DOD A O    1 
HETATM 924  O  O    . DOD C 3 .  ? -10.612 11.201  0.852   0.42 30.02 ? 2030 DOD A O    1 
HETATM 925  O  O    . DOD C 3 .  ? -14.636 2.781   3.358   0.93 41.95 ? 2031 DOD A O    1 
HETATM 926  O  O    . DOD C 3 .  ? -8.891  1.392   6.827   1.00 25.34 ? 2032 DOD A O    1 
HETATM 927  O  O    A DOD C 3 .  ? -12.059 8.205   1.042   0.66 31.43 ? 2033 DOD A O    1 
HETATM 928  O  O    B DOD C 3 .  ? 5.344   6.930   13.296  0.34 31.39 ? 2033 DOD A O    1 
HETATM 929  O  O    . DOD C 3 .  ? -12.718 7.610   4.771   0.36 30.10 ? 2034 DOD A O    1 
HETATM 930  O  O    . DOD C 3 .  ? -15.376 4.556   0.363   0.95 37.63 ? 2035 DOD A O    1 
HETATM 931  O  O    . DOD C 3 .  ? -15.099 6.786   3.266   0.26 30.10 ? 2036 DOD A O    1 
HETATM 932  O  O    . DOD C 3 .  ? -11.556 1.274   8.565   0.56 31.80 ? 2037 DOD A O    1 
HETATM 933  O  O    . DOD C 3 .  ? -9.958  5.217   7.727   0.83 41.62 ? 2038 DOD A O    1 
HETATM 934  O  O    . DOD C 3 .  ? 8.957   1.375   4.618   0.65 30.05 ? 2039 DOD A O    1 
HETATM 935  O  O    A DOD C 3 .  ? 8.562   6.366   4.002   0.47 30.00 ? 2040 DOD A O    1 
HETATM 936  O  O    B DOD C 3 .  ? 11.494  -6.975  0.835   0.53 30.06 ? 2040 DOD A O    1 
HETATM 937  O  O    . DOD C 3 .  ? -9.149  12.855  1.507   1.00 44.62 ? 2041 DOD A O    1 
HETATM 938  O  O    . DOD C 3 .  ? -8.831  12.310  -2.417  1.00 46.51 ? 2042 DOD A O    1 
HETATM 939  O  O    . DOD C 3 .  ? 11.494  -6.975  0.835   0.43 18.15 ? 2043 DOD A O    1 
HETATM 940  O  O    . DOD C 3 .  ? -4.915  12.576  -4.665  0.71 22.91 ? 2044 DOD A O    1 
HETATM 941  O  O    . DOD C 3 .  ? -7.357  11.025  -6.064  0.93 30.94 ? 2045 DOD A O    1 
HETATM 942  O  O    . DOD C 3 .  ? 1.744   -0.353  -5.730  1.00 11.88 ? 2046 DOD A O    1 
HETATM 943  O  O    . DOD C 3 .  ? 4.258   2.994   -5.635  0.98 22.38 ? 2047 DOD A O    1 
HETATM 944  O  O    . DOD C 3 .  ? 1.067   -7.196  11.397  0.45 30.05 ? 2048 DOD A O    1 
HETATM 945  O  O    . DOD C 3 .  ? 5.206   -11.030 8.879   0.38 30.06 ? 2049 DOD A O    1 
HETATM 946  O  O    . DOD C 3 .  ? 4.589   -11.031 6.759   0.34 30.02 ? 2050 DOD A O    1 
HETATM 947  O  O    . DOD C 3 .  ? 10.544  -5.082  4.483   0.39 30.11 ? 2051 DOD A O    1 
HETATM 948  O  O    . DOD C 3 .  ? 8.834   -8.830  2.865   0.35 30.02 ? 2052 DOD A O    1 
HETATM 949  O  O    . DOD C 3 .  ? -0.670  2.201   -7.888  0.67 13.35 ? 2053 DOD A O    1 
HETATM 950  O  O    . DOD C 3 .  ? 4.456   -7.750  11.916  0.55 30.15 ? 2054 DOD A O    1 
HETATM 951  O  O    . DOD C 3 .  ? 3.041   4.934   10.277  0.95 31.22 ? 2055 DOD A O    1 
HETATM 952  O  O    . DOD C 3 .  ? 8.288   8.077   5.386   0.57 30.05 ? 2056 DOD A O    1 
HETATM 953  O  O    . DOD C 3 .  ? 8.939   4.907   12.576  0.48 30.13 ? 2057 DOD A O    1 
HETATM 954  O  O    . DOD C 3 .  ? 9.634   -0.455  12.800  0.46 30.07 ? 2058 DOD A O    1 
HETATM 955  O  O    A DOD C 3 .  ? 9.601   -7.398  11.452  0.51 30.11 ? 2059 DOD A O    1 
HETATM 956  O  O    B DOD C 3 .  ? 5.822   1.497   19.756  0.49 30.11 ? 2059 DOD A O    1 
HETATM 957  O  O    . DOD C 3 .  ? 5.822   1.497   19.756  0.28 30.07 ? 2060 DOD A O    1 
HETATM 958  O  O    . DOD C 3 .  ? -0.047  -1.140  -10.422 0.75 30.53 ? 2061 DOD A O    1 
HETATM 959  O  O    . DOD C 3 .  ? 0.729   -4.362  -11.761 0.80 44.58 ? 2062 DOD A O    1 
HETATM 960  O  O    . DOD C 3 .  ? -2.859  -11.369 -1.574  1.00 39.88 ? 2063 DOD A O    1 
HETATM 961  O  O    . DOD C 3 .  ? 4.842   -5.795  -11.489 0.71 28.98 ? 2064 DOD A O    1 
HETATM 962  O  O    . DOD C 3 .  ? 0.379   -12.307 -9.534  0.88 37.60 ? 2065 DOD A O    1 
HETATM 963  O  O    . DOD C 3 .  ? -2.365  -10.291 -11.396 0.45 30.06 ? 2066 DOD A O    1 
HETATM 964  O  O    . DOD C 3 .  ? -8.885  -6.553  4.994   1.00 45.82 ? 2067 DOD A O    1 
HETATM 965  O  O    . DOD C 3 .  ? 7.016   -2.696  -9.872  0.98 25.77 ? 2068 DOD A O    1 
HETATM 966  O  O    . DOD C 3 .  ? -11.795 -11.617 -5.335  0.52 30.08 ? 2069 DOD A O    1 
HETATM 967  O  O    . DOD C 3 .  ? 4.769   0.711   -7.418  0.73 19.22 ? 2070 DOD A O    1 
HETATM 968  O  O    . DOD C 3 .  ? 7.934   2.564   -6.099  0.91 21.14 ? 2071 DOD A O    1 
HETATM 969  O  O    . DOD C 3 .  ? 6.085   4.326   0.653   0.89 14.85 ? 2072 DOD A O    1 
HETATM 970  O  O    . DOD C 3 .  ? 14.664  1.576   -3.537  1.00 42.41 ? 2073 DOD A O    1 
HETATM 971  O  O    A DOD C 3 .  ? 13.651  0.788   -7.540  0.55 35.84 ? 2074 DOD A O    1 
HETATM 972  O  O    B DOD C 3 .  ? 14.215  3.113   -0.879  0.45 36.44 ? 2074 DOD A O    1 
HETATM 973  O  O    . DOD C 3 .  ? 7.317   5.056   -7.418  0.97 46.81 ? 2075 DOD A O    1 
HETATM 974  O  O    . DOD C 3 .  ? 14.215  3.113   -0.879  1.00 42.08 ? 2076 DOD A O    1 
HETATM 975  O  O    . DOD C 3 .  ? 11.761  6.987   -2.450  0.48 30.05 ? 2077 DOD A O    1 
HETATM 976  O  O    . DOD C 3 .  ? 10.902  -0.206  3.068   1.00 44.87 ? 2078 DOD A O    1 
HETATM 977  O  O    . DOD C 3 .  ? 7.235   6.886   0.980   1.00 28.65 ? 2079 DOD A O    1 
HETATM 978  O  O    . DOD C 3 .  ? 7.956   7.850   -3.695  0.46 30.08 ? 2080 DOD A O    1 
HETATM 979  O  O    . DOD C 3 .  ? 11.275  3.318   2.913   0.56 30.02 ? 2081 DOD A O    1 
HETATM 980  O  O    . DOD C 3 .  ? 13.203  3.345   1.413   0.55 30.07 ? 2082 DOD A O    1 
HETATM 981  O  O    . DOD C 3 .  ? 10.737  5.253   1.926   0.80 32.24 ? 2083 DOD A O    1 
HETATM 982  O  O    . DOD C 3 .  ? 9.176   8.195   -0.625  0.38 30.01 ? 2084 DOD A O    1 
HETATM 983  O  O    . DOD C 3 .  ? 9.385   -6.371  0.203   0.83 23.13 ? 2085 DOD A O    1 
HETATM 984  O  O    . DOD C 3 .  ? 12.185  -8.488  -1.114  0.80 16.59 ? 2086 DOD A O    1 
HETATM 985  O  O    . DOD C 3 .  ? 9.556   -9.977  -4.360  1.00 12.48 ? 2087 DOD A O    1 
HETATM 986  O  O    . DOD C 3 .  ? 8.332   -9.809  -0.898  0.70 29.42 ? 2088 DOD A O    1 
HETATM 987  O  O    . DOD C 3 .  ? 6.025   -12.949 -2.633  0.57 30.07 ? 2089 DOD A O    1 
HETATM 988  O  O    . DOD C 3 .  ? 7.493   -11.593 -2.534  0.59 30.01 ? 2090 DOD A O    1 
HETATM 989  O  O    . DOD C 3 .  ? 4.376   -13.246 -4.073  0.74 31.58 ? 2091 DOD A O    1 
HETATM 990  O  O    . DOD C 3 .  ? 2.945   -14.585 1.580   0.52 30.03 ? 2092 DOD A O    1 
HETATM 991  O  O    A DOD C 3 .  ? 2.383   -7.319  9.324   0.56 30.09 ? 2094 DOD A O    1 
HETATM 992  O  O    B DOD C 3 .  ? 4.289   -8.676  9.517   0.44 30.09 ? 2094 DOD A O    1 
HETATM 993  O  O    . DOD C 3 .  ? 4.280   -6.219  8.767   1.00 40.31 ? 2095 DOD A O    1 
HETATM 994  O  O    . DOD C 3 .  ? -6.470  -9.393  3.523   0.70 31.61 ? 2096 DOD A O    1 
HETATM 995  O  O    . DOD C 3 .  ? 2.016   -11.421 7.764   0.41 30.04 ? 2097 DOD A O    1 
HETATM 996  O  O    . DOD C 3 .  ? 7.539   -6.820  7.375   0.56 30.06 ? 2098 DOD A O    1 
HETATM 997  O  O    . DOD C 3 .  ? 6.883   -9.572  6.675   0.45 30.04 ? 2099 DOD A O    1 
HETATM 998  O  O    . DOD C 3 .  ? 8.384   -6.107  3.085   0.81 37.65 ? 2100 DOD A O    1 
HETATM 999  O  O    . DOD C 3 .  ? 7.237   -11.179 1.127   0.53 30.32 ? 2101 DOD A O    1 
HETATM 1000 O  O    . DOD C 3 .  ? 5.326   -15.590 5.225   0.31 30.02 ? 2102 DOD A O    1 
HETATM 1001 O  O    . DOD C 3 .  ? 0.970   -12.780 5.007   0.45 30.08 ? 2103 DOD A O    1 
HETATM 1002 O  O    . DOD C 3 .  ? 4.400   -0.741  15.810  0.46 30.09 ? 2104 DOD A O    1 
HETATM 1003 O  O    . DOD C 3 .  ? 7.220   -2.283  15.050  0.44 30.02 ? 2105 DOD A O    1 
HETATM 1004 O  O    . DOD C 3 .  ? 6.100   -5.621  14.325  0.42 30.08 ? 2106 DOD A O    1 
HETATM 1005 O  O    . DOD C 3 .  ? 7.924   -3.939  10.600  0.93 40.15 ? 2107 DOD A O    1 
HETATM 1006 O  O    . DOD C 3 .  ? 5.057   2.316   13.147  0.51 30.07 ? 2108 DOD A O    1 
HETATM 1007 O  O    . DOD C 3 .  ? 2.480   1.425   12.671  0.39 30.02 ? 2109 DOD A O    1 
HETATM 1008 O  O    . DOD C 3 .  ? 2.104   2.810   8.611   0.99 16.10 ? 2110 DOD A O    1 
HETATM 1009 O  O    . DOD C 3 .  ? 1.758   -3.551  10.330  0.65 31.77 ? 2111 DOD A O    1 
HETATM 1010 O  O    . DOD C 3 .  ? 7.188   6.103   8.548   0.53 30.98 ? 2112 DOD A O    1 
HETATM 1011 O  O    . DOD C 3 .  ? 9.861   0.849   7.211   0.49 30.07 ? 2113 DOD A O    1 
HETATM 1012 O  O    . DOD C 3 .  ? 10.934  4.580   10.732  0.69 42.43 ? 2114 DOD A O    1 
HETATM 1013 O  O    . DOD C 3 .  ? 8.751   2.002   13.012  0.32 30.11 ? 2115 DOD A O    1 
HETATM 1014 O  O    . DOD C 3 .  ? 10.603  -0.985  9.307   0.51 30.03 ? 2116 DOD A O    1 
HETATM 1015 O  O    . DOD C 3 .  ? 12.846  1.108   10.415  0.41 30.06 ? 2117 DOD A O    1 
HETATM 1016 O  O    . DOD C 3 .  ? 7.296   3.979   3.146   0.69 19.92 ? 2118 DOD A O    1 
HETATM 1017 O  O    . DOD C 3 .  ? 5.156   9.318   1.713   1.00 24.98 ? 2119 DOD A O    1 
HETATM 1018 O  O    . DOD C 3 .  ? 5.701   11.258  -0.516  0.76 31.95 ? 2120 DOD A O    1 
HETATM 1019 O  O    . DOD C 3 .  ? 7.384   8.490   -1.622  0.77 30.62 ? 2121 DOD A O    1 
HETATM 1020 O  O    . DOD C 3 .  ? 3.894   12.799  1.479   0.85 31.38 ? 2122 DOD A O    1 
HETATM 1021 O  O    . DOD C 3 .  ? 2.499   13.826  4.312   1.00 28.98 ? 2123 DOD A O    1 
HETATM 1022 O  O    . DOD C 3 .  ? 3.552   9.750   7.579   1.00 29.62 ? 2124 DOD A O    1 
HETATM 1023 O  O    . DOD C 3 .  ? 2.071   8.133   8.704   0.60 30.07 ? 2125 DOD A O    1 
HETATM 1024 O  O    . DOD C 3 .  ? -0.981  2.031   10.650  0.91 16.34 ? 2126 DOD A O    1 
HETATM 1025 O  O    . DOD C 3 .  ? -5.520  -1.136  6.791   0.65 17.26 ? 2127 DOD A O    1 
HETATM 1026 O  O    . DOD C 3 .  ? -1.465  -4.382  8.002   0.65 30.19 ? 2128 DOD A O    1 
HETATM 1027 O  O    . DOD C 3 .  ? -8.469  4.039   10.382  0.69 14.93 ? 2129 DOD A O    1 
HETATM 1028 O  O    . DOD C 3 .  ? -2.856  5.088   12.449  1.00 14.79 ? 2130 DOD A O    1 
HETATM 1029 O  O    . DOD C 3 .  ? -9.114  8.942   7.513   0.73 36.65 ? 2131 DOD A O    1 
HETATM 1030 O  O    . DOD C 3 .  ? -9.783  6.951   6.301   0.55 31.96 ? 2132 DOD A O    1 
HETATM 1031 O  O    . DOD C 3 .  ? -8.383  -2.246  6.392   1.00 47.64 ? 2133 DOD A O    1 
HETATM 1032 O  O    . DOD C 3 .  ? -16.414 1.149   0.127   1.00 37.70 ? 2134 DOD A O    1 
HETATM 1033 O  O    . DOD C 3 .  ? -9.614  -3.762  4.215   1.00 27.10 ? 2135 DOD A O    1 
HETATM 1034 O  O    . DOD C 3 .  ? -12.335 -4.241  2.192   1.00 39.91 ? 2136 DOD A O    1 
HETATM 1035 O  O    . DOD C 3 .  ? -11.343 -7.924  -5.923  0.46 30.02 ? 2137 DOD A O    1 
HETATM 1036 O  O    . DOD C 3 .  ? -15.233 -4.454  1.144   0.56 30.02 ? 2138 DOD A O    1 
HETATM 1037 O  O    . DOD C 3 .  ? -11.575 -12.719 -0.288  0.48 30.09 ? 2139 DOD A O    1 
HETATM 1038 O  O    A DOD C 3 .  ? -14.622 -8.676  -4.970  0.53 30.14 ? 2140 DOD A O    1 
HETATM 1039 O  O    B DOD C 3 .  ? -13.227 -8.516  -5.582  0.47 30.14 ? 2140 DOD A O    1 
HETATM 1040 O  O    . DOD C 3 .  ? -14.397 -11.733 -1.276  0.84 40.70 ? 2141 DOD A O    1 
HETATM 1041 O  O    . DOD C 3 .  ? -20.262 -10.996 -0.268  0.87 36.85 ? 2142 DOD A O    1 
HETATM 1042 O  O    . DOD C 3 .  ? -19.096 -6.063  1.508   0.47 30.08 ? 2143 DOD A O    1 
HETATM 1043 O  O    . DOD C 3 .  ? 8.702   13.377  1.706   0.44 30.10 ? 2144 DOD A O    1 
# 
loop_
_atom_site_anisotrop.id 
_atom_site_anisotrop.type_symbol 
_atom_site_anisotrop.pdbx_label_atom_id 
_atom_site_anisotrop.pdbx_label_alt_id 
_atom_site_anisotrop.pdbx_label_comp_id 
_atom_site_anisotrop.pdbx_label_asym_id 
_atom_site_anisotrop.pdbx_label_seq_id 
_atom_site_anisotrop.pdbx_PDB_ins_code 
_atom_site_anisotrop.U[1][1] 
_atom_site_anisotrop.U[2][2] 
_atom_site_anisotrop.U[3][3] 
_atom_site_anisotrop.U[1][2] 
_atom_site_anisotrop.U[1][3] 
_atom_site_anisotrop.U[2][3] 
_atom_site_anisotrop.pdbx_auth_seq_id 
_atom_site_anisotrop.pdbx_auth_comp_id 
_atom_site_anisotrop.pdbx_auth_asym_id 
_atom_site_anisotrop.pdbx_auth_atom_id 
1    N  N   . MET A 1  ? 0.6200 0.6933 0.6714 -0.0083 0.0533  0.0090  0    MET A N   
2    C  CA  . MET A 1  ? 0.5943 0.6535 0.6347 -0.0047 0.0464  0.0052  0    MET A CA  
3    C  C   . MET A 1  ? 0.3979 0.4301 0.4192 0.0042  0.0282  -0.0042 0    MET A C   
4    O  O   . MET A 1  ? 0.4117 0.4451 0.4325 0.0085  0.0337  -0.0119 0    MET A O   
5    C  CB  . MET A 1  ? 0.7378 0.8014 0.7816 -0.0085 0.0516  0.0077  0    MET A CB  
6    C  CG  . MET A 1  ? 0.8444 0.9074 0.8892 -0.0093 0.0517  0.0073  0    MET A CG  
7    S  SD  . MET A 1  ? 0.9114 0.9747 0.9603 -0.0090 0.0505  0.0058  0    MET A SD  
8    C  CE  . MET A 1  ? 0.9494 1.0171 1.0008 -0.0096 0.0511  0.0069  0    MET A CE  
20   N  N   . ALA A 2  ? 0.2002 0.1951 0.1995 0.0014  -0.0016 -0.0039 1    ALA A N   
21   C  CA  . ALA A 2  ? 0.1800 0.1783 0.1831 -0.0004 -0.0005 -0.0020 1    ALA A CA  
22   C  C   . ALA A 2  ? 0.1459 0.1457 0.1511 -0.0003 -0.0009 -0.0040 1    ALA A C   
23   O  O   . ALA A 2  ? 0.1599 0.1641 0.1713 0.0013  -0.0001 -0.0022 1    ALA A O   
24   C  CB  . ALA A 2  ? 0.2274 0.2283 0.2293 -0.0003 0.0011  -0.0003 1    ALA A CB  
30   N  N   . LYS A 3  ? 0.1340 0.1370 0.1471 0.0002  -0.0009 -0.0074 2    LYS A N   
31   C  CA  . LYS A 3  ? 0.1333 0.1351 0.1401 -0.0001 -0.0009 -0.0047 2    LYS A CA  
32   C  C   . LYS A 3  ? 0.1229 0.1252 0.1289 0.0014  -0.0010 -0.0038 2    LYS A C   
33   O  O   . LYS A 3  ? 0.1353 0.1421 0.1490 -0.0019 -0.0007 -0.0050 2    LYS A O   
34   C  CB  . LYS A 3  ? 0.1516 0.1510 0.1507 0.0009  -0.0012 -0.0038 2    LYS A CB  
35   C  CG  . LYS A 3  ? 0.2083 0.2090 0.2074 0.0006  -0.0007 -0.0007 2    LYS A CG  
36   C  CD  . LYS A 3  ? 0.2838 0.2854 0.2844 0.0001  0.0008  0.0001  2    LYS A CD  
37   C  CE  . LYS A 3  ? 0.3203 0.3211 0.3208 0.0000  0.0007  0.0000  2    LYS A CE  
38   N  NZ  . LYS A 3  ? 0.3249 0.3249 0.3246 0.0001  0.0001  0.0000  2    LYS A NZ  
52   N  N   . TRP A 4  ? 0.1188 0.1203 0.1222 0.0004  0.0021  -0.0054 3    TRP A N   
53   C  CA  . TRP A 4  ? 0.1223 0.1208 0.1244 0.0006  0.0025  -0.0028 3    TRP A CA  
54   C  C   . TRP A 4  ? 0.1212 0.1220 0.1242 -0.0031 0.0044  -0.0016 3    TRP A C   
55   O  O   . TRP A 4  ? 0.1620 0.1622 0.1713 0.0004  0.0067  -0.0007 3    TRP A O   
56   C  CB  . TRP A 4  ? 0.1356 0.1340 0.1357 -0.0005 0.0011  -0.0027 3    TRP A CB  
57   C  CG  . TRP A 4  ? 0.1387 0.1368 0.1406 0.0002  -0.0011 -0.0024 3    TRP A CG  
58   C  CD1 . TRP A 4  ? 0.1543 0.1527 0.1549 0.0001  -0.0008 -0.0010 3    TRP A CD1 
59   C  CD2 . TRP A 4  ? 0.1447 0.1458 0.1474 -0.0013 -0.0031 0.0009  3    TRP A CD2 
60   N  NE1 . TRP A 4  ? 0.1723 0.1719 0.1758 -0.0002 -0.0016 -0.0004 3    TRP A NE1 
61   C  CE2 . TRP A 4  ? 0.1694 0.1703 0.1717 -0.0012 -0.0023 0.0018  3    TRP A CE2 
62   C  CE3 . TRP A 4  ? 0.1613 0.1627 0.1615 -0.0009 -0.0012 0.0015  3    TRP A CE3 
63   C  CZ2 . TRP A 4  ? 0.2004 0.2009 0.2020 -0.0008 -0.0005 0.0010  3    TRP A CZ2 
64   C  CZ3 . TRP A 4  ? 0.1964 0.1987 0.1964 -0.0002 0.0003  0.0007  3    TRP A CZ3 
65   C  CH2 . TRP A 4  ? 0.2098 0.2113 0.2107 -0.0009 -0.0001 0.0015  3    TRP A CH2 
76   N  N   . VAL A 5  ? 0.1043 0.1209 0.1154 -0.0044 0.0104  -0.0186 4    VAL A N   
77   C  CA  . VAL A 5  ? 0.1117 0.1221 0.1076 -0.0044 -0.0049 -0.0179 4    VAL A CA  
78   C  C   . VAL A 5  ? 0.1000 0.1217 0.0971 0.0017  -0.0020 -0.0073 4    VAL A C   
79   O  O   . VAL A 5  ? 0.1216 0.1347 0.1002 -0.0155 0.0004  -0.0118 4    VAL A O   
80   C  CB  . VAL A 5  ? 0.1258 0.1468 0.1315 0.0001  -0.0277 -0.0258 4    VAL A CB  
81   C  CG1 . VAL A 5  ? 0.1137 0.1886 0.1735 0.0080  -0.0193 -0.0285 4    VAL A CG1 
82   C  CG2 . VAL A 5  ? 0.1533 0.1456 0.1485 0.0076  -0.0471 -0.0115 4    VAL A CG2 
92   N  N   . CYS A 6  ? 0.1019 0.1168 0.0911 0.0047  -0.0016 -0.0093 5    CYS A N   
93   C  CA  . CYS A 6  ? 0.1046 0.1113 0.0939 0.0061  -0.0045 -0.0110 5    CYS A CA  
94   C  C   . CYS A 6  ? 0.1036 0.1198 0.0992 0.0042  -0.0038 -0.0122 5    CYS A C   
95   O  O   . CYS A 6  ? 0.1191 0.1330 0.1065 0.0178  -0.0086 -0.0077 5    CYS A O   
96   C  CB  . CYS A 6  ? 0.1034 0.1134 0.1037 0.0014  -0.0036 -0.0164 5    CYS A CB  
97   S  SG  . CYS A 6  ? 0.1075 0.1190 0.1102 -0.0003 -0.0052 -0.0183 5    CYS A SG  
102  N  N   A LYS A 7  ? 0.1082 0.1379 0.1142 0.0063  0.0050  -0.0080 6    LYS A N   
103  N  N   B LYS A 7  ? 0.1002 0.1415 0.1161 0.0122  0.0069  -0.0106 6    LYS A N   
104  C  CA  A LYS A 7  ? 0.1147 0.1567 0.1457 0.0129  0.0146  -0.0084 6    LYS A CA  
105  C  CA  B LYS A 7  ? 0.0999 0.1622 0.1466 0.0236  0.0162  -0.0118 6    LYS A CA  
106  C  C   A LYS A 7  ? 0.1179 0.1626 0.1413 0.0226  0.0110  -0.0137 6    LYS A C   
107  C  C   B LYS A 7  ? 0.1116 0.1595 0.1433 0.0262  0.0105  -0.0158 6    LYS A C   
108  O  O   A LYS A 7  ? 0.1265 0.1752 0.1594 0.0331  0.0068  -0.0103 6    LYS A O   
109  O  O   B LYS A 7  ? 0.1232 0.1691 0.1768 0.0396  0.0166  -0.0173 6    LYS A O   
110  C  CB  A LYS A 7  ? 0.1429 0.1768 0.1888 0.0123  0.0339  0.0019  6    LYS A CB  
111  C  CB  B LYS A 7  ? 0.1203 0.1891 0.1995 0.0329  0.0403  -0.0073 6    LYS A CB  
112  C  CG  A LYS A 7  ? 0.1652 0.1997 0.2282 0.0014  0.0354  0.0077  6    LYS A CG  
113  C  CG  B LYS A 7  ? 0.1488 0.2054 0.2418 0.0152  0.0402  0.0011  6    LYS A CG  
114  C  CD  A LYS A 7  ? 0.1836 0.2183 0.2483 -0.0067 0.0203  0.0026  6    LYS A CD  
115  C  CD  B LYS A 7  ? 0.1941 0.2331 0.2513 0.0026  0.0298  0.0065  6    LYS A CD  
116  C  CE  A LYS A 7  ? 0.2037 0.2390 0.2539 0.0044  0.0073  -0.0005 6    LYS A CE  
117  C  CE  B LYS A 7  ? 0.2355 0.2580 0.2530 -0.0019 0.0185  0.0072  6    LYS A CE  
118  N  NZ  A LYS A 7  ? 0.2163 0.2547 0.2625 0.0099  0.0016  -0.0016 6    LYS A NZ  
119  N  NZ  B LYS A 7  ? 0.2565 0.2720 0.2557 -0.0032 0.0173  0.0153  6    LYS A NZ  
146  N  N   . ILE A 8  ? 0.1242 0.1464 0.1313 0.0241  0.0068  -0.0283 7    ILE A N   
147  C  CA  . ILE A 8  ? 0.1420 0.1525 0.1451 0.0280  0.0004  -0.0456 7    ILE A CA  
148  C  C   . ILE A 8  ? 0.1418 0.1327 0.1538 0.0320  -0.0010 -0.0266 7    ILE A C   
149  O  O   . ILE A 8  ? 0.1703 0.1698 0.2060 0.0638  0.0203  0.0030  7    ILE A O   
150  C  CB  . ILE A 8  ? 0.1789 0.1831 0.1561 0.0217  -0.0156 -0.0652 7    ILE A CB  
151  C  CG1 . ILE A 8  ? 0.2056 0.2280 0.1699 0.0326  -0.0209 -0.0579 7    ILE A CG1 
152  C  CG2 . ILE A 8  ? 0.2049 0.1710 0.2356 0.0012  -0.0163 -0.0741 7    ILE A CG2 
153  C  CD1 . ILE A 8  ? 0.2272 0.2728 0.2140 0.0300  -0.0087 -0.0255 7    ILE A CD1 
166  N  N   . CYS A 9  ? 0.1408 0.1279 0.1274 0.0347  -0.0068 -0.0186 8    CYS A N   
167  C  CA  . CYS A 9  ? 0.1409 0.1227 0.1316 0.0270  -0.0082 -0.0082 8    CYS A CA  
168  C  C   . CYS A 9  ? 0.1274 0.1306 0.1189 0.0292  -0.0104 -0.0034 8    CYS A C   
169  O  O   . CYS A 9  ? 0.1643 0.1486 0.1307 0.0173  -0.0108 0.0085  8    CYS A O   
170  C  CB  . CYS A 9  ? 0.1461 0.1269 0.1357 0.0099  -0.0131 -0.0059 8    CYS A CB  
171  S  SG  . CYS A 9  ? 0.1256 0.1327 0.1186 0.0144  -0.0128 -0.0077 8    CYS A SG  
176  N  N   . GLY A 10 ? 0.1193 0.1261 0.1152 0.0254  -0.0098 -0.0096 9    GLY A N   
177  C  CA  . GLY A 10 ? 0.1144 0.1332 0.1172 0.0202  -0.0158 -0.0102 9    GLY A CA  
178  C  C   . GLY A 10 ? 0.1164 0.1190 0.1050 0.0165  -0.0162 -0.0036 9    GLY A C   
179  O  O   . GLY A 10 ? 0.1274 0.1437 0.1154 0.0193  -0.0189 -0.0197 9    GLY A O   
183  N  N   . TYR A 11 ? 0.1136 0.1145 0.1062 0.0175  -0.0116 -0.0139 10   TYR A N   
184  C  CA  . TYR A 11 ? 0.1121 0.1129 0.0980 0.0159  -0.0050 -0.0076 10   TYR A CA  
185  C  C   . TYR A 11 ? 0.1112 0.1170 0.0937 0.0099  -0.0013 -0.0056 10   TYR A C   
186  O  O   . TYR A 11 ? 0.1389 0.1321 0.1091 -0.0006 0.0185  -0.0069 10   TYR A O   
187  C  CB  . TYR A 11 ? 0.1147 0.1179 0.1086 0.0134  -0.0036 -0.0122 10   TYR A CB  
188  C  CG  . TYR A 11 ? 0.1076 0.1171 0.1072 0.0084  -0.0063 -0.0053 10   TYR A CG  
189  C  CD1 . TYR A 11 ? 0.1126 0.1361 0.1187 0.0122  0.0035  0.0024  10   TYR A CD1 
190  C  CD2 . TYR A 11 ? 0.1125 0.1193 0.1207 0.0024  -0.0092 -0.0020 10   TYR A CD2 
191  C  CE1 . TYR A 11 ? 0.1198 0.1528 0.1394 0.0136  0.0151  -0.0096 10   TYR A CE1 
192  C  CE2 . TYR A 11 ? 0.1168 0.1197 0.1594 0.0117  -0.0175 -0.0013 10   TYR A CE2 
193  C  CZ  . TYR A 11 ? 0.1114 0.1324 0.1761 0.0153  -0.0104 -0.0197 10   TYR A CZ  
194  O  OH  . TYR A 11 ? 0.1217 0.1456 0.2330 0.0319  -0.0049 -0.0249 10   TYR A OH  
203  N  N   A ILE A 12 ? 0.1137 0.1029 0.1036 0.0082  0.0048  -0.0079 11   ILE A N   
204  N  N   B ILE A 12 ? 0.1066 0.1130 0.1049 0.0190  -0.0005 -0.0070 11   ILE A N   
205  C  CA  A ILE A 12 ? 0.1139 0.1087 0.1244 0.0072  0.0102  -0.0115 11   ILE A CA  
206  C  CA  B ILE A 12 ? 0.1111 0.1187 0.1208 0.0135  -0.0031 -0.0101 11   ILE A CA  
207  C  C   A ILE A 12 ? 0.1146 0.1015 0.1145 0.0018  0.0065  -0.0122 11   ILE A C   
208  C  C   B ILE A 12 ? 0.1075 0.1099 0.1199 0.0163  0.0052  -0.0137 11   ILE A C   
209  O  O   A ILE A 12 ? 0.1235 0.1176 0.1073 -0.0003 0.0091  -0.0198 11   ILE A O   
210  O  O   B ILE A 12 ? 0.1134 0.1194 0.1262 0.0151  0.0192  -0.0174 11   ILE A O   
211  C  CB  A ILE A 12 ? 0.1410 0.1333 0.1479 -0.0044 -0.0116 -0.0197 11   ILE A CB  
212  C  CB  B ILE A 12 ? 0.1265 0.1432 0.1489 0.0067  -0.0245 -0.0210 11   ILE A CB  
213  C  CG1 A ILE A 12 ? 0.1505 0.1757 0.1294 -0.0034 -0.0123 -0.0026 11   ILE A CG1 
214  C  CG1 B ILE A 12 ? 0.1218 0.1683 0.1722 0.0029  -0.0340 -0.0139 11   ILE A CG1 
215  C  CG2 A ILE A 12 ? 0.1860 0.1338 0.1726 -0.0115 -0.0126 -0.0310 11   ILE A CG2 
216  C  CG2 B ILE A 12 ? 0.1661 0.1554 0.1668 -0.0029 -0.0308 -0.0215 11   ILE A CG2 
217  C  CD1 A ILE A 12 ? 0.1548 0.2095 0.1623 -0.0037 -0.0050 0.0023  11   ILE A CD1 
218  C  CD1 B ILE A 12 ? 0.1418 0.1842 0.1866 -0.0057 -0.0426 -0.0080 11   ILE A CD1 
241  N  N   . TYR A 13 ? 0.1104 0.1078 0.1151 0.0163  0.0074  -0.0118 12   TYR A N   
242  C  CA  . TYR A 13 ? 0.1092 0.1086 0.1201 0.0151  0.0058  -0.0122 12   TYR A CA  
243  C  C   . TYR A 13 ? 0.1040 0.1119 0.1250 0.0152  0.0033  -0.0170 12   TYR A C   
244  O  O   . TYR A 13 ? 0.1193 0.1309 0.1593 -0.0065 0.0205  -0.0364 12   TYR A O   
245  C  CB  . TYR A 13 ? 0.1240 0.1140 0.1187 0.0110  0.0029  -0.0172 12   TYR A CB  
246  C  CG  . TYR A 13 ? 0.1251 0.1124 0.1145 0.0070  -0.0043 -0.0090 12   TYR A CG  
247  C  CD1 . TYR A 13 ? 0.1270 0.1071 0.1452 -0.0002 -0.0072 -0.0038 12   TYR A CD1 
248  C  CD2 . TYR A 13 ? 0.1246 0.1147 0.1252 0.0064  -0.0019 -0.0063 12   TYR A CD2 
249  C  CE1 . TYR A 13 ? 0.1197 0.1203 0.1501 0.0027  -0.0056 0.0015  12   TYR A CE1 
250  C  CE2 . TYR A 13 ? 0.1337 0.1081 0.1299 0.0025  -0.0092 0.0015  12   TYR A CE2 
251  C  CZ  . TYR A 13 ? 0.1239 0.1142 0.1328 0.0104  -0.0135 -0.0035 12   TYR A CZ  
252  O  OH  . TYR A 13 ? 0.1291 0.1259 0.1744 0.0211  -0.0114 0.0007  12   TYR A OH  
261  N  N   . ASP A 14 ? 0.1120 0.1131 0.1225 0.0171  0.0007  -0.0197 13   ASP A N   
262  C  CA  . ASP A 14 ? 0.1188 0.1262 0.1252 0.0207  -0.0112 -0.0260 13   ASP A CA  
263  C  C   . ASP A 14 ? 0.1105 0.1128 0.1292 0.0146  -0.0055 -0.0330 13   ASP A C   
264  O  O   . ASP A 14 ? 0.1177 0.1205 0.1406 0.0186  0.0011  -0.0259 13   ASP A O   
265  C  CB  . ASP A 14 ? 0.1616 0.1709 0.1214 0.0432  -0.0239 -0.0317 13   ASP A CB  
266  C  CG  . ASP A 14 ? 0.2095 0.2076 0.1360 0.0516  -0.0418 -0.0528 13   ASP A CG  
267  O  OD1 . ASP A 14 ? 0.2243 0.1963 0.1678 0.0409  -0.0473 -0.0686 13   ASP A OD1 
268  O  OD2 . ASP A 14 ? 0.3003 0.2646 0.1455 0.0355  -0.0287 -0.0443 13   ASP A OD2 
273  N  N   . GLU A 15 ? 0.1127 0.1161 0.1429 0.0139  -0.0113 -0.0278 14   GLU A N   
274  C  CA  . GLU A 15 ? 0.1185 0.1187 0.1548 0.0212  -0.0151 -0.0244 14   GLU A CA  
275  C  C   . GLU A 15 ? 0.1258 0.1279 0.1736 0.0258  -0.0107 -0.0359 14   GLU A C   
276  O  O   . GLU A 15 ? 0.1359 0.1578 0.1899 0.0388  -0.0061 -0.0248 14   GLU A O   
277  C  CB  . GLU A 15 ? 0.1389 0.1162 0.1685 0.0147  -0.0086 -0.0167 14   GLU A CB  
278  C  CG  . GLU A 15 ? 0.1565 0.1206 0.1640 0.0028  -0.0087 -0.0173 14   GLU A CG  
279  C  CD  . GLU A 15 ? 0.1740 0.1284 0.1750 -0.0041 -0.0093 -0.0130 14   GLU A CD  
280  O  OE1 . GLU A 15 ? 0.2060 0.1368 0.2059 -0.0180 0.0026  -0.0244 14   GLU A OE1 
281  O  OE2 . GLU A 15 ? 0.1885 0.1442 0.1713 -0.0118 -0.0054 -0.0038 14   GLU A OE2 
288  N  N   . ASP A 16 ? 0.1336 0.1435 0.1734 0.0243  -0.0086 -0.0631 15   ASP A N   
289  C  CA  . ASP A 16 ? 0.1514 0.1661 0.1980 0.0229  -0.0005 -0.0800 15   ASP A CA  
290  C  C   . ASP A 16 ? 0.1530 0.1706 0.1871 0.0333  0.0100  -0.0699 15   ASP A C   
291  O  O   . ASP A 16 ? 0.1822 0.1904 0.2893 0.0325  0.0500  -0.0850 15   ASP A O   
292  C  CB  . ASP A 16 ? 0.1832 0.2118 0.2111 0.0036  -0.0162 -0.1007 15   ASP A CB  
293  C  CG  . ASP A 16 ? 0.2324 0.2379 0.2640 -0.0090 -0.0258 -0.0985 15   ASP A CG  
294  O  OD1 . ASP A 16 ? 0.2810 0.2739 0.3200 -0.0101 -0.0143 -0.0563 15   ASP A OD1 
295  O  OD2 . ASP A 16 ? 0.2629 0.3019 0.3326 -0.0103 -0.0127 -0.0523 15   ASP A OD2 
300  N  N   . ALA A 17 ? 0.1418 0.1617 0.1477 0.0238  0.0068  -0.0402 16   ALA A N   
301  C  CA  . ALA A 17 ? 0.1568 0.1772 0.1372 0.0203  0.0072  -0.0220 16   ALA A CA  
302  C  C   . ALA A 17 ? 0.1278 0.1646 0.1512 0.0174  0.0115  -0.0232 16   ALA A C   
303  O  O   . ALA A 17 ? 0.1383 0.1983 0.1741 0.0144  0.0259  -0.0172 16   ALA A O   
304  C  CB  . ALA A 17 ? 0.1768 0.1958 0.1656 0.0179  -0.0021 -0.0027 16   ALA A CB  
310  N  N   . GLY A 18 ? 0.1241 0.1429 0.1442 0.0139  0.0050  -0.0201 17   GLY A N   
311  C  CA  . GLY A 18 ? 0.1147 0.1372 0.1499 0.0168  0.0021  -0.0085 17   GLY A CA  
312  C  C   . GLY A 18 ? 0.1079 0.1349 0.1522 0.0181  0.0013  -0.0144 17   GLY A C   
313  O  O   . GLY A 18 ? 0.1125 0.1393 0.1755 0.0212  -0.0050 -0.0055 17   GLY A O   
317  N  N   . ASP A 19 ? 0.1136 0.1267 0.1600 0.0168  -0.0028 -0.0081 18   ASP A N   
318  C  CA  . ASP A 19 ? 0.1190 0.1354 0.1667 0.0141  0.0052  -0.0047 18   ASP A CA  
319  C  C   . ASP A 19 ? 0.1277 0.1404 0.1609 0.0132  0.0163  -0.0078 18   ASP A C   
320  O  O   . ASP A 19 ? 0.1194 0.1453 0.1782 0.0065  0.0111  -0.0165 18   ASP A O   
321  C  CB  . ASP A 19 ? 0.1218 0.1366 0.1706 0.0134  0.0190  -0.0115 18   ASP A CB  
322  C  CG  . ASP A 19 ? 0.1353 0.1453 0.1929 0.0145  0.0233  -0.0099 18   ASP A CG  
323  O  OD1 . ASP A 19 ? 0.1896 0.1572 0.2190 0.0010  0.0380  0.0166  18   ASP A OD1 
324  O  OD2 . ASP A 19 ? 0.1548 0.1600 0.2020 0.0053  0.0208  -0.0384 18   ASP A OD2 
329  N  N   A PRO A 20 ? 0.1392 0.1541 0.1679 0.0178  0.0220  -0.0078 19   PRO A N   
330  N  N   B PRO A 20 ? 0.1401 0.1662 0.1635 0.0146  0.0237  -0.0016 19   PRO A N   
331  C  CA  A PRO A 20 ? 0.1411 0.1756 0.1762 0.0240  0.0310  -0.0046 19   PRO A CA  
332  C  CA  B PRO A 20 ? 0.1309 0.1817 0.1874 0.0245  0.0279  0.0025  19   PRO A CA  
333  C  C   A PRO A 20 ? 0.1431 0.1900 0.2091 0.0179  0.0427  0.0053  19   PRO A C   
334  C  C   B PRO A 20 ? 0.1272 0.1952 0.2335 0.0158  0.0334  0.0161  19   PRO A C   
335  O  O   A PRO A 20 ? 0.1444 0.2053 0.2069 0.0196  0.0519  -0.0066 19   PRO A O   
336  O  O   B PRO A 20 ? 0.1133 0.2154 0.2620 0.0058  0.0239  0.0125  19   PRO A O   
337  C  CB  A PRO A 20 ? 0.1570 0.1859 0.1829 0.0258  0.0303  -0.0051 19   PRO A CB  
338  C  CB  B PRO A 20 ? 0.1556 0.1869 0.1925 0.0308  0.0331  0.0081  19   PRO A CB  
339  C  CG  A PRO A 20 ? 0.1660 0.1723 0.1813 0.0165  0.0234  -0.0084 19   PRO A CG  
340  C  CG  B PRO A 20 ? 0.1791 0.1965 0.1813 0.0225  0.0303  0.0093  19   PRO A CG  
341  C  CD  A PRO A 20 ? 0.1571 0.1664 0.1688 0.0188  0.0214  -0.0026 19   PRO A CD  
342  C  CD  B PRO A 20 ? 0.1701 0.1899 0.1592 0.0170  0.0282  0.0076  19   PRO A CD  
357  N  N   . ASP A 21 ? 0.1506 0.1954 0.2535 0.0005  0.0388  0.0235  20   ASP A N   
358  C  CA  . ASP A 21 ? 0.1934 0.1928 0.3127 -0.0135 0.0339  0.0176  20   ASP A CA  
359  C  C   . ASP A 21 ? 0.1626 0.1763 0.3421 -0.0276 0.0225  -0.0006 20   ASP A C   
360  O  O   . ASP A 21 ? 0.1960 0.2092 0.3734 -0.0548 0.0210  -0.0019 20   ASP A O   
361  C  CB  . ASP A 21 ? 0.2590 0.2360 0.3229 -0.0184 0.0236  0.0187  20   ASP A CB  
362  C  CG  . ASP A 21 ? 0.3010 0.3008 0.3351 -0.0023 0.0148  0.0178  20   ASP A CG  
363  O  OD1 . ASP A 21 ? 0.3345 0.3340 0.3356 -0.0025 0.0230  0.0165  20   ASP A OD1 
364  O  OD2 . ASP A 21 ? 0.3222 0.3347 0.3507 0.0032  0.0117  0.0203  20   ASP A OD2 
370  N  N   . ASN A 22 ? 0.1296 0.1562 0.3191 -0.0081 0.0128  -0.0211 21   ASN A N   
371  C  CA  . ASN A 22 ? 0.1278 0.1677 0.2947 -0.0046 0.0055  -0.0538 21   ASN A CA  
372  C  C   . ASN A 22 ? 0.1290 0.1914 0.2514 0.0051  0.0101  -0.0600 21   ASN A C   
373  O  O   . ASN A 22 ? 0.1849 0.2420 0.2432 0.0243  0.0240  -0.0584 21   ASN A O   
374  C  CB  . ASN A 22 ? 0.1463 0.1706 0.3339 0.0031  0.0167  -0.0719 21   ASN A CB  
375  C  CG  . ASN A 22 ? 0.1732 0.1640 0.3825 -0.0016 0.0130  -0.0601 21   ASN A CG  
376  O  OD1 . ASN A 22 ? 0.2120 0.1793 0.4214 -0.0176 0.0043  -0.0586 21   ASN A OD1 
377  N  ND2 . ASN A 22 ? 0.1835 0.1589 0.3911 0.0027  0.0184  -0.0357 21   ASN A ND2 
384  N  N   . GLY A 23 ? 0.1179 0.1686 0.2352 0.0044  0.0126  -0.0567 22   GLY A N   
385  C  CA  . GLY A 23 ? 0.1165 0.1754 0.2087 0.0027  0.0010  -0.0510 22   GLY A CA  
386  C  C   . GLY A 23 ? 0.1134 0.1753 0.1743 0.0170  0.0011  -0.0418 22   GLY A C   
387  O  O   . GLY A 23 ? 0.1213 0.2019 0.1859 0.0161  -0.0088 -0.0238 22   GLY A O   
391  N  N   . ILE A 24 ? 0.1154 0.1452 0.1615 0.0073  -0.0022 -0.0318 23   ILE A N   
392  C  CA  . ILE A 24 ? 0.1125 0.1339 0.1521 0.0130  -0.0020 -0.0201 23   ILE A CA  
393  C  C   . ILE A 24 ? 0.1091 0.1247 0.1512 0.0164  0.0005  -0.0203 23   ILE A C   
394  O  O   . ILE A 24 ? 0.1336 0.1287 0.1472 0.0223  0.0031  -0.0126 23   ILE A O   
395  C  CB  . ILE A 24 ? 0.1187 0.1474 0.1553 0.0135  0.0050  -0.0282 23   ILE A CB  
396  C  CG1 . ILE A 24 ? 0.1410 0.1748 0.1737 0.0073  0.0173  -0.0427 23   ILE A CG1 
397  C  CG2 . ILE A 24 ? 0.1195 0.1666 0.1711 0.0041  0.0087  -0.0239 23   ILE A CG2 
398  C  CD1 . ILE A 24 ? 0.1560 0.2346 0.1726 0.0190  0.0072  -0.0331 23   ILE A CD1 
410  N  N   . SER A 25 ? 0.1103 0.1228 0.1484 0.0146  -0.0054 -0.0203 24   SER A N   
411  C  CA  . SER A 25 ? 0.1099 0.1209 0.1484 0.0156  0.0035  -0.0190 24   SER A CA  
412  C  C   . SER A 25 ? 0.1076 0.1272 0.1421 0.0200  0.0093  -0.0179 24   SER A C   
413  O  O   . SER A 25 ? 0.1059 0.1420 0.1384 0.0141  0.0061  -0.0183 24   SER A O   
414  C  CB  . SER A 25 ? 0.1163 0.1280 0.1673 0.0180  0.0032  -0.0211 24   SER A CB  
415  O  OG  . SER A 25 ? 0.1428 0.1377 0.1622 0.0172  -0.0027 -0.0060 24   SER A OG  
420  N  N   . PRO A 26 ? 0.1200 0.1679 0.1386 0.0124  0.0148  -0.0293 25   PRO A N   
421  C  CA  . PRO A 26 ? 0.1214 0.1679 0.1450 0.0182  0.0026  -0.0426 25   PRO A CA  
422  C  C   . PRO A 26 ? 0.1212 0.1446 0.1705 0.0326  -0.0029 -0.0470 25   PRO A C   
423  O  O   . PRO A 26 ? 0.1339 0.1479 0.2413 0.0433  -0.0130 -0.0500 25   PRO A O   
424  C  CB  . PRO A 26 ? 0.1609 0.2245 0.1486 0.0094  0.0037  -0.0460 25   PRO A CB  
425  C  CG  . PRO A 26 ? 0.1756 0.2471 0.1447 0.0096  0.0215  -0.0277 25   PRO A CG  
426  C  CD  . PRO A 26 ? 0.1454 0.2101 0.1458 0.0084  0.0257  -0.0252 25   PRO A CD  
434  N  N   . GLY A 27 ? 0.1225 0.1428 0.1513 0.0276  -0.0059 -0.0339 26   GLY A N   
435  C  CA  . GLY A 27 ? 0.1557 0.1263 0.1702 0.0192  0.0008  -0.0321 26   GLY A CA  
436  C  C   . GLY A 27 ? 0.1892 0.1255 0.1773 0.0203  -0.0096 -0.0168 26   GLY A C   
437  O  O   . GLY A 27 ? 0.2882 0.1483 0.2037 -0.0204 -0.0057 -0.0043 26   GLY A O   
441  N  N   . THR A 28 ? 0.2059 0.1181 0.1478 0.0292  0.0089  -0.0159 27   THR A N   
442  C  CA  . THR A 28 ? 0.1766 0.1209 0.1459 0.0332  0.0008  -0.0049 27   THR A CA  
443  C  C   . THR A 28 ? 0.1738 0.1100 0.1428 0.0254  0.0017  -0.0062 27   THR A C   
444  O  O   . THR A 28 ? 0.1646 0.1213 0.1560 0.0270  -0.0085 0.0035  27   THR A O   
445  C  CB  . THR A 28 ? 0.1682 0.1477 0.1457 0.0322  0.0026  -0.0019 27   THR A CB  
446  O  OG1 . THR A 28 ? 0.1695 0.1757 0.1567 0.0400  0.0067  0.0075  27   THR A OG1 
447  C  CG2 . THR A 28 ? 0.1868 0.1710 0.1523 0.0201  0.0044  -0.0035 27   THR A CG2 
454  N  N   . LYS A 29 ? 0.1760 0.1144 0.1633 0.0267  0.0187  0.0042  28   LYS A N   
455  C  CA  . LYS A 29 ? 0.1843 0.1273 0.1708 0.0201  0.0169  -0.0024 28   LYS A CA  
456  C  C   . LYS A 29 ? 0.1661 0.1396 0.1419 0.0179  0.0071  -0.0032 28   LYS A C   
457  O  O   . LYS A 29 ? 0.1584 0.1613 0.1541 0.0223  0.0018  -0.0060 28   LYS A O   
458  C  CB  . LYS A 29 ? 0.2135 0.1393 0.2346 0.0125  0.0270  0.0043  28   LYS A CB  
459  C  CG  . LYS A 29 ? 0.2530 0.1597 0.2927 -0.0026 0.0263  -0.0078 28   LYS A CG  
460  C  CD  . LYS A 29 ? 0.2743 0.2006 0.3305 -0.0085 0.0188  0.0003  28   LYS A CD  
461  C  CE  . LYS A 29 ? 0.2908 0.2441 0.3460 -0.0116 0.0113  -0.0010 28   LYS A CE  
462  N  NZ  . LYS A 29 ? 0.3048 0.2739 0.3569 -0.0115 0.0077  -0.0015 28   LYS A NZ  
476  N  N   . PHE A 30 ? 0.1496 0.1461 0.1479 0.0114  0.0016  -0.0130 29   PHE A N   
477  C  CA  . PHE A 30 ? 0.1437 0.1470 0.1437 0.0161  0.0015  -0.0206 29   PHE A CA  
478  C  C   . PHE A 30 ? 0.1747 0.1676 0.1394 0.0101  0.0128  -0.0109 29   PHE A C   
479  O  O   . PHE A 30 ? 0.1684 0.1794 0.1380 0.0092  0.0021  -0.0111 29   PHE A O   
480  C  CB  . PHE A 30 ? 0.1400 0.1660 0.1693 0.0170  -0.0053 -0.0355 29   PHE A CB  
481  C  CG  . PHE A 30 ? 0.1399 0.1900 0.1723 0.0346  -0.0136 -0.0378 29   PHE A CG  
482  C  CD1 . PHE A 30 ? 0.1661 0.1769 0.1877 0.0408  -0.0191 -0.0279 29   PHE A CD1 
483  C  CD2 . PHE A 30 ? 0.1682 0.2385 0.1731 0.0481  -0.0025 -0.0450 29   PHE A CD2 
484  C  CE1 . PHE A 30 ? 0.1873 0.1811 0.2225 0.0438  -0.0261 -0.0428 29   PHE A CE1 
485  C  CE2 . PHE A 30 ? 0.1959 0.2542 0.1738 0.0477  -0.0092 -0.0580 29   PHE A CE2 
486  C  CZ  . PHE A 30 ? 0.1844 0.2200 0.2066 0.0506  -0.0313 -0.0589 29   PHE A CZ  
496  N  N   . GLU A 31 ? 0.2086 0.1917 0.1605 -0.0058 0.0225  0.0042  30   GLU A N   
497  C  CA  . GLU A 31 ? 0.2628 0.2388 0.1779 -0.0105 0.0213  0.0310  30   GLU A CA  
498  C  C   . GLU A 31 ? 0.2814 0.2447 0.1663 0.0076  -0.0013 0.0439  30   GLU A C   
499  O  O   . GLU A 31 ? 0.3197 0.3195 0.1636 0.0114  -0.0015 0.0398  30   GLU A O   
500  C  CB  . GLU A 31 ? 0.2900 0.2614 0.2191 -0.0229 0.0199  0.0412  30   GLU A CB  
501  C  CG  . GLU A 31 ? 0.2977 0.2845 0.2727 -0.0199 0.0153  0.0261  30   GLU A CG  
502  C  CD  . GLU A 31 ? 0.2960 0.2998 0.3061 -0.0201 0.0082  0.0195  30   GLU A CD  
503  O  OE1 . GLU A 31 ? 0.2924 0.2918 0.3078 -0.0309 0.0059  0.0165  30   GLU A OE1 
504  O  OE2 . GLU A 31 ? 0.3054 0.3289 0.3364 -0.0101 0.0061  0.0174  30   GLU A OE2 
511  N  N   . GLU A 32 ? 0.2568 0.1942 0.1777 0.0224  -0.0217 0.0337  31   GLU A N   
512  C  CA  . GLU A 32 ? 0.2429 0.1862 0.2150 0.0405  -0.0303 0.0273  31   GLU A CA  
513  C  C   . GLU A 32 ? 0.2098 0.2064 0.2129 0.0541  -0.0407 0.0176  31   GLU A C   
514  O  O   . GLU A 32 ? 0.2119 0.2313 0.2677 0.0646  -0.0472 0.0220  31   GLU A O   
515  C  CB  . GLU A 32 ? 0.2643 0.1915 0.2645 0.0379  -0.0205 0.0179  31   GLU A CB  
516  C  CG  . GLU A 32 ? 0.2935 0.2026 0.2917 0.0340  -0.0104 0.0148  31   GLU A CG  
517  C  CD  . GLU A 32 ? 0.3192 0.2325 0.3122 0.0366  -0.0034 0.0226  31   GLU A CD  
518  O  OE1 . GLU A 32 ? 0.3154 0.2169 0.3133 0.0545  0.0023  0.0300  31   GLU A OE1 
519  O  OE2 . GLU A 32 ? 0.3498 0.2707 0.3374 0.0243  0.0010  0.0249  31   GLU A OE2 
526  N  N   . LEU A 33 ? 0.1898 0.1800 0.1780 0.0428  -0.0232 -0.0024 32   LEU A N   
527  C  CA  . LEU A 33 ? 0.1730 0.1828 0.1567 0.0322  -0.0182 -0.0038 32   LEU A CA  
528  C  C   . LEU A 33 ? 0.2065 0.2051 0.1550 0.0232  -0.0258 0.0114  32   LEU A C   
529  O  O   . LEU A 33 ? 0.2497 0.2320 0.1515 0.0091  -0.0047 0.0101  32   LEU A O   
530  C  CB  . LEU A 33 ? 0.1506 0.1760 0.1377 0.0224  -0.0093 -0.0115 32   LEU A CB  
531  C  CG  . LEU A 33 ? 0.1399 0.1698 0.1484 0.0136  -0.0041 -0.0143 32   LEU A CG  
532  C  CD1 . LEU A 33 ? 0.1526 0.1645 0.1690 0.0193  -0.0119 -0.0110 32   LEU A CD1 
533  C  CD2 . LEU A 33 ? 0.1549 0.2159 0.1539 0.0134  0.0011  -0.0076 32   LEU A CD2 
545  N  N   . PRO A 34 ? 0.2007 0.2262 0.1858 0.0287  -0.0566 0.0143  33   PRO A N   
546  C  CA  . PRO A 34 ? 0.2349 0.2478 0.2000 0.0206  -0.0673 0.0156  33   PRO A CA  
547  C  C   . PRO A 34 ? 0.2949 0.2291 0.1676 0.0272  -0.0566 0.0104  33   PRO A C   
548  O  O   . PRO A 34 ? 0.3071 0.2123 0.1581 0.0369  -0.0562 0.0050  33   PRO A O   
549  C  CB  . PRO A 34 ? 0.2483 0.2715 0.2475 0.0052  -0.0436 -0.0037 33   PRO A CB  
550  C  CG  . PRO A 34 ? 0.2348 0.2707 0.2580 0.0095  -0.0397 -0.0037 33   PRO A CG  
551  C  CD  . PRO A 34 ? 0.1948 0.2419 0.2291 0.0251  -0.0508 0.0055  33   PRO A CD  
559  N  N   . ASP A 35 ? 0.3347 0.2579 0.1767 0.0366  -0.0363 0.0124  34   ASP A N   
560  C  CA  . ASP A 35 ? 0.3557 0.2799 0.1985 0.0328  -0.0167 0.0128  34   ASP A CA  
561  C  C   . ASP A 35 ? 0.3522 0.2962 0.1936 0.0388  -0.0330 0.0116  34   ASP A C   
562  O  O   . ASP A 35 ? 0.3740 0.3234 0.2424 0.0401  -0.0082 -0.0019 34   ASP A O   
563  C  CB  . ASP A 35 ? 0.3588 0.2957 0.2413 0.0201  -0.0094 0.0190  34   ASP A CB  
564  C  CG  . ASP A 35 ? 0.3602 0.3232 0.2902 0.0099  -0.0105 0.0153  34   ASP A CG  
565  O  OD1 . ASP A 35 ? 0.3711 0.3335 0.3329 0.0041  -0.0015 0.0024  34   ASP A OD1 
566  O  OD2 . ASP A 35 ? 0.3642 0.3432 0.3068 0.0128  -0.0131 0.0239  34   ASP A OD2 
571  N  N   . ASP A 36 ? 0.3409 0.2767 0.1624 0.0272  -0.0716 0.0070  35   ASP A N   
572  C  CA  . ASP A 36 ? 0.3278 0.2662 0.1892 0.0182  -0.0819 -0.0052 35   ASP A CA  
573  C  C   . ASP A 36 ? 0.2990 0.2313 0.1972 0.0206  -0.1003 -0.0107 35   ASP A C   
574  O  O   . ASP A 36 ? 0.3022 0.2357 0.2338 0.0055  -0.1102 -0.0086 35   ASP A O   
575  C  CB  . ASP A 36 ? 0.3230 0.2970 0.2219 0.0046  -0.0782 -0.0130 35   ASP A CB  
576  C  CG  . ASP A 36 ? 0.3161 0.3277 0.2762 -0.0002 -0.0714 -0.0151 35   ASP A CG  
577  O  OD1 . ASP A 36 ? 0.3411 0.3365 0.3115 0.0097  -0.0491 -0.0172 35   ASP A OD1 
578  O  OD2 . ASP A 36 ? 0.3278 0.3513 0.3097 -0.0099 -0.0612 -0.0079 35   ASP A OD2 
583  N  N   . TRP A 37 ? 0.2608 0.1966 0.1756 0.0362  -0.0974 -0.0125 36   TRP A N   
584  C  CA  . TRP A 37 ? 0.2033 0.1780 0.1629 0.0389  -0.0695 -0.0084 36   TRP A CA  
585  C  C   . TRP A 37 ? 0.1746 0.1560 0.1286 0.0206  -0.0372 -0.0094 36   TRP A C   
586  O  O   . TRP A 37 ? 0.2143 0.1836 0.1346 0.0094  -0.0087 0.0156  36   TRP A O   
587  C  CB  . TRP A 37 ? 0.1990 0.1696 0.1709 0.0478  -0.0538 -0.0154 36   TRP A CB  
588  C  CG  . TRP A 37 ? 0.1681 0.1554 0.1653 0.0340  -0.0363 -0.0268 36   TRP A CG  
589  C  CD1 . TRP A 37 ? 0.1505 0.1754 0.1859 0.0315  -0.0173 -0.0389 36   TRP A CD1 
590  C  CD2 . TRP A 37 ? 0.1527 0.1437 0.1445 0.0219  -0.0208 -0.0177 36   TRP A CD2 
591  N  NE1 . TRP A 37 ? 0.1539 0.1821 0.1641 0.0277  -0.0076 -0.0332 36   TRP A NE1 
592  C  CE2 . TRP A 37 ? 0.1530 0.1473 0.1430 0.0142  -0.0129 -0.0284 36   TRP A CE2 
593  C  CE3 . TRP A 37 ? 0.1655 0.1553 0.1413 0.0114  -0.0039 -0.0070 36   TRP A CE3 
594  C  CZ2 . TRP A 37 ? 0.1654 0.1549 0.1365 0.0100  -0.0252 -0.0267 36   TRP A CZ2 
595  C  CZ3 . TRP A 37 ? 0.1455 0.1756 0.1651 0.0118  -0.0107 -0.0125 36   TRP A CZ3 
596  C  CH2 . TRP A 37 ? 0.1514 0.1719 0.1491 0.0097  -0.0298 -0.0209 36   TRP A CH2 
607  N  N   . VAL A 38 ? 0.1326 0.1536 0.1217 0.0244  -0.0205 -0.0074 37   VAL A N   
608  C  CA  . VAL A 38 ? 0.1242 0.1429 0.1149 0.0143  -0.0123 -0.0119 37   VAL A CA  
609  C  C   . VAL A 38 ? 0.1080 0.1360 0.1115 0.0113  -0.0014 -0.0086 37   VAL A C   
610  O  O   . VAL A 38 ? 0.1155 0.1615 0.1228 0.0222  -0.0003 -0.0041 37   VAL A O   
611  C  CB  . VAL A 38 ? 0.1545 0.1575 0.1371 0.0146  -0.0302 -0.0258 37   VAL A CB  
612  C  CG1 . VAL A 38 ? 0.1835 0.1914 0.1423 0.0107  -0.0326 -0.0354 37   VAL A CG1 
613  C  CG2 . VAL A 38 ? 0.1814 0.1734 0.1784 -0.0080 -0.0303 -0.0131 37   VAL A CG2 
623  N  N   . CYS A 39 ? 0.1051 0.1348 0.1037 0.0111  0.0006  -0.0049 38   CYS A N   
624  C  CA  . CYS A 39 ? 0.1051 0.1231 0.0950 0.0025  -0.0005 -0.0080 38   CYS A CA  
625  C  C   . CYS A 39 ? 0.1066 0.1364 0.0993 -0.0017 -0.0035 -0.0098 38   CYS A C   
626  O  O   . CYS A 39 ? 0.1223 0.1410 0.1112 -0.0123 -0.0007 -0.0080 38   CYS A O   
627  C  CB  . CYS A 39 ? 0.1083 0.1154 0.0983 0.0022  0.0012  -0.0069 38   CYS A CB  
628  S  SG  . CYS A 39 ? 0.1062 0.1290 0.1000 0.0035  -0.0073 -0.0083 38   CYS A SG  
633  N  N   . PRO A 40 ? 0.1083 0.1550 0.1044 -0.0005 0.0045  -0.0120 39   PRO A N   
634  C  CA  . PRO A 40 ? 0.1143 0.1904 0.1229 -0.0056 0.0105  -0.0037 39   PRO A CA  
635  C  C   . PRO A 40 ? 0.1270 0.1790 0.1192 -0.0184 0.0080  0.0037  39   PRO A C   
636  O  O   . PRO A 40 ? 0.1385 0.2238 0.1826 -0.0349 0.0100  0.0361  39   PRO A O   
637  C  CB  . PRO A 40 ? 0.1494 0.2131 0.1455 0.0103  0.0352  -0.0143 39   PRO A CB  
638  C  CG  . PRO A 40 ? 0.1625 0.2011 0.1396 0.0031  0.0300  -0.0362 39   PRO A CG  
639  C  CD  . PRO A 40 ? 0.1240 0.1639 0.1228 0.0060  0.0091  -0.0309 39   PRO A CD  
647  N  N   . ILE A 41 ? 0.1306 0.1577 0.1024 -0.0180 0.0067  0.0052  40   ILE A N   
648  C  CA  . ILE A 41 ? 0.1585 0.1506 0.1052 -0.0211 0.0078  0.0141  40   ILE A CA  
649  C  C   . ILE A 41 ? 0.1653 0.1481 0.1156 -0.0303 0.0048  0.0093  40   ILE A C   
650  O  O   . ILE A 41 ? 0.2082 0.1622 0.1741 -0.0500 0.0383  -0.0111 40   ILE A O   
651  C  CB  . ILE A 41 ? 0.1854 0.1714 0.1001 -0.0119 -0.0129 0.0183  40   ILE A CB  
652  C  CG1 . ILE A 41 ? 0.1941 0.2058 0.1146 -0.0176 -0.0176 0.0073  40   ILE A CG1 
653  C  CG2 . ILE A 41 ? 0.2111 0.1886 0.1286 0.0053  -0.0161 0.0252  40   ILE A CG2 
654  C  CD1 . ILE A 41 ? 0.2299 0.2452 0.1348 -0.0110 0.0107  -0.0149 40   ILE A CD1 
666  N  N   . CYS A 42 ? 0.1590 0.1297 0.1036 -0.0263 0.0070  0.0012  41   CYS A N   
667  C  CA  . CYS A 42 ? 0.1559 0.1211 0.1095 -0.0205 0.0013  -0.0050 41   CYS A CA  
668  C  C   . CYS A 42 ? 0.1436 0.1225 0.1067 -0.0226 0.0037  -0.0106 41   CYS A C   
669  O  O   . CYS A 42 ? 0.1671 0.1381 0.1199 -0.0130 0.0016  -0.0211 41   CYS A O   
670  C  CB  . CYS A 42 ? 0.1544 0.1203 0.1199 -0.0034 -0.0064 -0.0068 41   CYS A CB  
671  S  SG  . CYS A 42 ? 0.1342 0.1192 0.1157 -0.0098 -0.0053 -0.0106 41   CYS A SG  
676  N  N   . GLY A 43 ? 0.1345 0.1240 0.1082 -0.0180 0.0024  -0.0046 42   GLY A N   
677  C  CA  . GLY A 43 ? 0.1330 0.1404 0.1133 -0.0221 -0.0033 -0.0038 42   GLY A CA  
678  C  C   . GLY A 43 ? 0.1365 0.1247 0.1048 -0.0094 -0.0040 -0.0090 42   GLY A C   
679  O  O   . GLY A 43 ? 0.1538 0.1480 0.1072 -0.0102 -0.0097 -0.0017 42   GLY A O   
683  N  N   . ALA A 44 ? 0.1348 0.1168 0.0982 -0.0144 0.0035  -0.0038 43   ALA A N   
684  C  CA  . ALA A 44 ? 0.1339 0.1215 0.1103 -0.0059 0.0125  0.0012  43   ALA A CA  
685  C  C   . ALA A 44 ? 0.1351 0.1175 0.1041 -0.0065 0.0116  -0.0065 43   ALA A C   
686  O  O   . ALA A 44 ? 0.1501 0.1269 0.1106 0.0089  0.0201  -0.0057 43   ALA A O   
687  C  CB  . ALA A 44 ? 0.1321 0.1536 0.1361 -0.0097 0.0091  0.0240  43   ALA A CB  
693  N  N   A PRO A 45 ? 0.1394 0.1195 0.0993 -0.0129 0.0130  -0.0024 44   PRO A N   
694  N  N   B PRO A 45 ? 0.1455 0.1203 0.0986 -0.0083 0.0059  -0.0070 44   PRO A N   
695  C  CA  A PRO A 45 ? 0.1430 0.1226 0.1077 -0.0165 -0.0036 0.0049  44   PRO A CA  
696  C  CA  B PRO A 45 ? 0.1506 0.1278 0.1034 -0.0085 -0.0059 0.0000  44   PRO A CA  
697  C  C   A PRO A 45 ? 0.1321 0.1147 0.0933 -0.0108 0.0029  0.0050  44   PRO A C   
698  C  C   B PRO A 45 ? 0.1408 0.1233 0.1002 -0.0029 -0.0017 -0.0017 44   PRO A C   
699  O  O   A PRO A 45 ? 0.1348 0.1197 0.0941 -0.0127 0.0008  0.0124  44   PRO A O   
700  O  O   B PRO A 45 ? 0.1371 0.1281 0.1095 -0.0002 -0.0056 -0.0043 44   PRO A O   
701  C  CB  A PRO A 45 ? 0.1737 0.1525 0.1116 -0.0252 -0.0133 0.0032  44   PRO A CB  
702  C  CB  B PRO A 45 ? 0.1837 0.1507 0.1004 -0.0156 -0.0100 -0.0033 44   PRO A CB  
703  C  CG  A PRO A 45 ? 0.1832 0.1548 0.1011 -0.0298 0.0026  -0.0058 44   PRO A CG  
704  C  CG  B PRO A 45 ? 0.1847 0.1479 0.1068 -0.0127 -0.0069 -0.0129 44   PRO A CG  
705  C  CD  A PRO A 45 ? 0.1662 0.1276 0.1050 -0.0216 0.0206  -0.0114 44   PRO A CD  
706  C  CD  B PRO A 45 ? 0.1737 0.1244 0.1050 -0.0144 0.0071  -0.0146 44   PRO A CD  
721  N  N   A LYS A 46 ? 0.1358 0.1244 0.1015 -0.0023 -0.0008 -0.0029 45   LYS A N   
722  N  N   B LYS A 46 ? 0.1427 0.1301 0.1086 -0.0033 -0.0043 -0.0021 45   LYS A N   
723  C  CA  A LYS A 46 ? 0.1500 0.1185 0.1028 0.0030  -0.0019 -0.0129 45   LYS A CA  
724  C  CA  B LYS A 46 ? 0.1558 0.1241 0.1128 -0.0015 -0.0009 -0.0084 45   LYS A CA  
725  C  C   A LYS A 46 ? 0.1558 0.1054 0.0980 -0.0057 -0.0026 -0.0069 45   LYS A C   
726  C  C   B LYS A 46 ? 0.1521 0.1133 0.1072 -0.0052 -0.0015 -0.0053 45   LYS A C   
727  O  O   A LYS A 46 ? 0.1620 0.1111 0.1077 -0.0072 -0.0097 -0.0146 45   LYS A O   
728  O  O   B LYS A 46 ? 0.1544 0.1160 0.1241 -0.0032 -0.0015 -0.0213 45   LYS A O   
729  C  CB  A LYS A 46 ? 0.1544 0.1301 0.1410 0.0152  0.0050  -0.0229 45   LYS A CB  
730  C  CB  B LYS A 46 ? 0.1678 0.1361 0.1407 0.0071  0.0079  -0.0169 45   LYS A CB  
731  C  CG  A LYS A 46 ? 0.1619 0.1607 0.1724 0.0151  0.0094  -0.0298 45   LYS A CG  
732  C  CG  B LYS A 46 ? 0.1754 0.1655 0.1665 0.0177  0.0159  -0.0216 45   LYS A CG  
733  C  CD  A LYS A 46 ? 0.1803 0.1871 0.1834 0.0302  0.0049  -0.0259 45   LYS A CD  
734  C  CD  B LYS A 46 ? 0.1867 0.1972 0.1793 0.0328  0.0155  -0.0174 45   LYS A CD  
735  C  CE  A LYS A 46 ? 0.1919 0.2113 0.1888 0.0374  0.0031  -0.0180 45   LYS A CE  
736  C  CE  B LYS A 46 ? 0.2004 0.2165 0.1942 0.0424  0.0110  -0.0145 45   LYS A CE  
737  N  NZ  A LYS A 46 ? 0.2089 0.2280 0.1758 0.0505  0.0068  -0.0132 45   LYS A NZ  
738  N  NZ  B LYS A 46 ? 0.2097 0.2367 0.1984 0.0563  0.0085  -0.0071 45   LYS A NZ  
765  N  N   . SER A 47 ? 0.1483 0.1195 0.0926 -0.0112 -0.0013 -0.0003 46   SER A N   
766  C  CA  . SER A 47 ? 0.1512 0.1255 0.0938 -0.0191 0.0056  0.0047  46   SER A CA  
767  C  C   . SER A 47 ? 0.1429 0.1244 0.0906 -0.0158 0.0114  -0.0001 46   SER A C   
768  O  O   . SER A 47 ? 0.1431 0.1601 0.1284 -0.0251 0.0148  0.0151  46   SER A O   
769  C  CB  . SER A 47 ? 0.1690 0.1518 0.0964 -0.0190 0.0106  0.0045  46   SER A CB  
770  O  OG  . SER A 47 ? 0.1796 0.1558 0.0993 -0.0167 0.0088  -0.0196 46   SER A OG  
775  N  N   . GLU A 48 ? 0.1301 0.1213 0.0880 -0.0108 0.0071  -0.0078 47   GLU A N   
776  C  CA  . GLU A 48 ? 0.1263 0.1258 0.0953 -0.0030 0.0057  -0.0045 47   GLU A CA  
777  C  C   . GLU A 48 ? 0.1284 0.1367 0.0982 -0.0010 0.0003  -0.0042 47   GLU A C   
778  O  O   . GLU A 48 ? 0.1718 0.1645 0.1138 0.0250  -0.0151 -0.0059 47   GLU A O   
779  C  CB  . GLU A 48 ? 0.1527 0.1371 0.1134 -0.0051 0.0038  0.0018  47   GLU A CB  
780  C  CG  . GLU A 48 ? 0.1776 0.1252 0.1375 -0.0070 0.0087  -0.0133 47   GLU A CG  
781  C  CD  . GLU A 48 ? 0.1924 0.1465 0.1437 0.0217  0.0101  -0.0172 47   GLU A CD  
782  O  OE1 . GLU A 48 ? 0.2058 0.1999 0.1797 0.0472  0.0133  -0.0003 47   GLU A OE1 
783  O  OE2 . GLU A 48 ? 0.1961 0.1617 0.1359 0.0156  0.0193  -0.0073 47   GLU A OE2 
790  N  N   . PHE A 49 ? 0.1280 0.1330 0.0920 -0.0059 -0.0016 -0.0077 48   PHE A N   
791  C  CA  . PHE A 49 ? 0.1295 0.1372 0.0943 -0.0176 0.0013  -0.0116 48   PHE A CA  
792  C  C   . PHE A 49 ? 0.1396 0.1610 0.1087 -0.0306 0.0092  -0.0117 48   PHE A C   
793  O  O   . PHE A 49 ? 0.1798 0.2008 0.1241 -0.0561 0.0049  0.0077  48   PHE A O   
794  C  CB  . PHE A 49 ? 0.1356 0.1276 0.1052 -0.0148 0.0049  -0.0162 48   PHE A CB  
795  C  CG  . PHE A 49 ? 0.1173 0.1252 0.1059 -0.0009 -0.0042 -0.0136 48   PHE A CG  
796  C  CD1 . PHE A 49 ? 0.1262 0.1408 0.1111 -0.0091 -0.0108 -0.0108 48   PHE A CD1 
797  C  CD2 . PHE A 49 ? 0.1213 0.1250 0.1125 0.0021  0.0049  -0.0162 48   PHE A CD2 
798  C  CE1 . PHE A 49 ? 0.1271 0.1440 0.1358 -0.0170 -0.0080 -0.0066 48   PHE A CE1 
799  C  CE2 . PHE A 49 ? 0.1265 0.1352 0.1210 0.0067  0.0152  -0.0072 48   PHE A CE2 
800  C  CZ  . PHE A 49 ? 0.1203 0.1363 0.1518 -0.0096 0.0072  -0.0024 48   PHE A CZ  
810  N  N   . GLU A 50 ? 0.1291 0.1691 0.1187 -0.0333 0.0040  -0.0226 49   GLU A N   
811  C  CA  . GLU A 50 ? 0.1264 0.1861 0.1539 -0.0434 0.0173  -0.0310 49   GLU A CA  
812  C  C   . GLU A 50 ? 0.1166 0.1614 0.1323 -0.0313 0.0015  -0.0146 49   GLU A C   
813  O  O   . GLU A 50 ? 0.1416 0.1453 0.1375 -0.0277 0.0172  -0.0137 49   GLU A O   
814  C  CB  . GLU A 50 ? 0.1515 0.2392 0.2421 -0.0227 0.0273  -0.0639 49   GLU A CB  
815  C  CG  . GLU A 50 ? 0.2212 0.2963 0.2971 -0.0126 0.0208  -0.0330 49   GLU A CG  
816  C  CD  . GLU A 50 ? 0.2727 0.3332 0.3140 0.0106  0.0127  -0.0170 49   GLU A CD  
817  O  OE1 . GLU A 50 ? 0.2837 0.3390 0.3346 0.0212  0.0212  -0.0254 49   GLU A OE1 
818  O  OE2 . GLU A 50 ? 0.3026 0.3560 0.3197 0.0242  0.0101  -0.0049 49   GLU A OE2 
825  N  N   . LYS A 51 ? 0.1396 0.1639 0.1312 -0.0355 -0.0027 -0.0038 50   LYS A N   
826  C  CA  . LYS A 51 ? 0.1356 0.1454 0.1435 -0.0279 -0.0170 0.0039  50   LYS A CA  
827  C  C   . LYS A 51 ? 0.1177 0.1535 0.1495 -0.0306 -0.0138 -0.0059 50   LYS A C   
828  O  O   . LYS A 51 ? 0.1195 0.2103 0.1623 -0.0324 0.0006  -0.0093 50   LYS A O   
829  C  CB  . LYS A 51 ? 0.1801 0.1508 0.1735 -0.0302 -0.0239 0.0180  50   LYS A CB  
830  C  CG  . LYS A 51 ? 0.2144 0.1503 0.2160 -0.0139 -0.0184 0.0195  50   LYS A CG  
831  C  CD  . LYS A 51 ? 0.2578 0.1793 0.2632 -0.0107 -0.0061 0.0191  50   LYS A CD  
832  C  CE  . LYS A 51 ? 0.2896 0.2183 0.2887 -0.0010 0.0042  0.0174  50   LYS A CE  
833  N  NZ  . LYS A 51 ? 0.3205 0.2352 0.3040 0.0028  0.0128  0.0126  50   LYS A NZ  
847  N  N   . LEU A 52 ? 0.1177 0.1381 0.1364 -0.0218 -0.0175 -0.0039 51   LEU A N   
848  C  CA  . LEU A 52 ? 0.1234 0.1474 0.1599 -0.0234 -0.0336 -0.0104 51   LEU A CA  
849  C  C   . LEU A 52 ? 0.1588 0.1531 0.2059 -0.0349 -0.0270 -0.0126 51   LEU A C   
850  O  O   . LEU A 52 ? 0.2479 0.1763 0.2631 -0.0475 0.0170  -0.0312 51   LEU A O   
851  C  CB  . LEU A 52 ? 0.1300 0.1635 0.1474 -0.0124 -0.0341 -0.0130 51   LEU A CB  
852  C  CG  . LEU A 52 ? 0.1339 0.1573 0.1520 -0.0161 -0.0385 0.0041  51   LEU A CG  
853  C  CD1 . LEU A 52 ? 0.1797 0.1823 0.1788 -0.0185 -0.0110 0.0163  51   LEU A CD1 
854  C  CD2 . LEU A 52 ? 0.1546 0.1566 0.1885 -0.0034 -0.0273 -0.0052 51   LEU A CD2 
866  N  N   . GLU A 53 ? 0.2229 0.2098 0.2216 -0.0049 -0.0092 -0.0015 52   GLU A N   
867  C  CA  . GLU A 53 ? 0.5685 0.5729 0.5715 -0.0007 0.0031  0.0006  52   GLU A CA  
894  FE FE  . FE  B .  ? 0.1053 0.1124 0.1145 0.0020  -0.0129 -0.0093 1054 FE  A FE  
895  O  O   . DOD C .  ? 0.3802 0.3800 0.3802 0.0000  0.0000  -0.0001 2001 DOD A O   
896  O  O   . DOD C .  ? 0.3817 0.3811 0.3805 -0.0008 -0.0001 0.0001  2002 DOD A O   
897  O  O   . DOD C .  ? 0.3816 0.3819 0.3800 0.0006  -0.0006 0.0001  2003 DOD A O   
898  O  O   . DOD C .  ? 0.4076 0.3812 0.3988 -0.0182 -0.0236 -0.0114 2004 DOD A O   
899  O  O   . DOD C .  ? 0.3813 0.3817 0.3808 -0.0019 -0.0006 0.0009  2005 DOD A O   
900  O  O   . DOD C .  ? 0.3813 0.3817 0.3824 -0.0005 0.0003  -0.0009 2006 DOD A O   
901  O  O   . DOD C .  ? 0.3812 0.3812 0.3804 0.0000  0.0003  0.0006  2007 DOD A O   
902  O  O   . DOD C .  ? 0.3818 0.3818 0.3805 0.0004  -0.0002 0.0008  2008 DOD A O   
903  O  O   . DOD C .  ? 0.3824 0.3816 0.3811 0.0002  -0.0002 -0.0006 2009 DOD A O   
904  O  O   . DOD C .  ? 0.3801 0.3802 0.3802 0.0001  0.0000  0.0000  2010 DOD A O   
905  O  O   . DOD C .  ? 0.7151 0.3256 0.6708 -0.0743 -0.0538 -0.1981 2011 DOD A O   
906  O  O   . DOD C .  ? 0.3506 0.3214 0.4419 -0.0629 -0.1518 0.0068  2012 DOD A O   
907  O  O   . DOD C .  ? 0.2701 0.4846 0.2795 0.1187  -0.0351 0.0289  2013 DOD A O   
908  O  O   . DOD C .  ? 0.1771 0.2762 0.6281 -0.0106 -0.0367 -0.1292 2014 DOD A O   
909  O  O   . DOD C .  ? 0.4045 0.3975 0.4014 0.0038  0.0004  -0.0084 2015 DOD A O   
910  O  O   . DOD C .  ? 0.5540 0.6494 0.4619 -0.0602 -0.0501 0.1460  2016 DOD A O   
911  O  O   . DOD C .  ? 0.2542 0.2235 0.2835 0.0342  -0.0825 -0.0433 2017 DOD A O   
912  O  O   . DOD C .  ? 0.3830 0.3799 0.3795 -0.0001 0.0008  -0.0005 2018 DOD A O   
913  O  O   . DOD C .  ? 0.3098 0.4936 0.2700 -0.1748 0.0268  -0.0042 2019 DOD A O   
914  O  O   . DOD C .  ? 0.5916 0.3634 0.3736 0.1601  -0.2208 -0.0128 2020 DOD A O   
915  O  O   . DOD C .  ? 0.4016 0.4747 0.5454 0.2002  0.0984  0.0681  2021 DOD A O   
916  O  O   . DOD C .  ? 0.8178 0.3958 0.3093 0.1141  -0.0126 0.0933  2022 DOD A O   
917  O  O   . DOD C .  ? 0.3806 0.3811 0.3802 0.0007  0.0005  0.0001  2023 DOD A O   
918  O  O   . DOD C .  ? 0.1644 0.3919 0.2711 0.0630  -0.0219 0.0825  2024 DOD A O   
919  O  O   . DOD C .  ? 0.6985 0.4102 0.8802 -0.1973 -0.0154 0.0272  2025 DOD A O   
920  O  O   . DOD C .  ? 0.3804 0.3811 0.3794 0.0010  0.0003  -0.0001 2026 DOD A O   
922  O  O   . DOD C .  ? 0.3821 0.3810 0.3809 0.0001  0.0007  -0.0007 2028 DOD A O   
923  O  O   . DOD C .  ? 0.3306 0.4648 0.3790 0.1776  -0.0211 -0.1524 2029 DOD A O   
924  O  O   . DOD C .  ? 0.3801 0.3801 0.3803 0.0001  -0.0001 0.0000  2030 DOD A O   
925  O  O   . DOD C .  ? 0.4311 0.5972 0.5655 0.0366  0.0721  0.0486  2031 DOD A O   
926  O  O   . DOD C .  ? 0.2720 0.3851 0.3057 -0.0118 -0.0226 -0.0002 2032 DOD A O   
927  O  O   A DOD C .  ? 0.4157 0.3928 0.3855 0.0195  0.0146  -0.0210 2033 DOD A O   
928  O  O   B DOD C .  ? 0.4136 0.3928 0.3863 0.0185  0.0126  -0.0196 2033 DOD A O   
929  O  O   . DOD C .  ? 0.3799 0.3810 0.3825 -0.0007 -0.0009 0.0007  2034 DOD A O   
930  O  O   . DOD C .  ? 0.4443 0.4204 0.5649 -0.0939 -0.0899 -0.0069 2035 DOD A O   
931  O  O   . DOD C .  ? 0.3820 0.3799 0.3816 -0.0006 0.0005  -0.0006 2036 DOD A O   
932  O  O   . DOD C .  ? 0.4142 0.3909 0.4032 -0.0085 0.0039  -0.0176 2037 DOD A O   
933  O  O   . DOD C .  ? 0.4266 0.6426 0.5122 0.1050  -0.0051 0.0983  2038 DOD A O   
934  O  O   . DOD C .  ? 0.3799 0.3813 0.3803 0.0000  0.0002  0.0001  2039 DOD A O   
935  O  O   A DOD C .  ? 0.3779 0.3801 0.3818 -0.0009 -0.0002 -0.0009 2040 DOD A O   
936  O  O   B DOD C .  ? 0.3810 0.3809 0.3803 0.0009  -0.0004 -0.0009 2040 DOD A O   
937  O  O   . DOD C .  ? 0.4886 0.4529 0.7540 0.2105  0.1092  -0.1394 2041 DOD A O   
938  O  O   . DOD C .  ? 0.3734 0.7155 0.6781 0.0962  -0.1198 0.1169  2042 DOD A O   
939  O  O   . DOD C .  ? 0.1901 0.3033 0.1964 0.0397  0.0236  0.0283  2043 DOD A O   
940  O  O   . DOD C .  ? 0.4028 0.2022 0.2654 -0.0341 -0.0260 0.0522  2044 DOD A O   
941  O  O   . DOD C .  ? 0.3620 0.4225 0.3913 -0.0022 -0.1370 0.0540  2045 DOD A O   
942  O  O   . DOD C .  ? 0.1230 0.1592 0.1691 0.0250  0.0066  -0.0062 2046 DOD A O   
943  O  O   . DOD C .  ? 0.1936 0.2686 0.3882 0.0359  0.0942  -0.0040 2047 DOD A O   
944  O  O   . DOD C .  ? 0.3807 0.3813 0.3798 0.0000  -0.0001 0.0002  2048 DOD A O   
945  O  O   . DOD C .  ? 0.3811 0.3803 0.3806 0.0001  0.0002  0.0002  2049 DOD A O   
946  O  O   . DOD C .  ? 0.3802 0.3802 0.3803 0.0001  0.0000  0.0000  2050 DOD A O   
947  O  O   . DOD C .  ? 0.3811 0.3814 0.3817 0.0002  0.0008  -0.0001 2051 DOD A O   
949  O  O   . DOD C .  ? 0.1914 0.1570 0.1589 0.0502  0.0320  0.0429  2053 DOD A O   
950  O  O   . DOD C .  ? 0.3833 0.3814 0.3810 -0.0009 0.0001  0.0006  2054 DOD A O   
951  O  O   . DOD C .  ? 0.3520 0.4682 0.3660 -0.0725 0.0344  -0.2232 2055 DOD A O   
952  O  O   . DOD C .  ? 0.3794 0.3813 0.3809 -0.0006 -0.0004 0.0001  2056 DOD A O   
953  O  O   . DOD C .  ? 0.3819 0.3823 0.3807 -0.0001 0.0000  -0.0002 2057 DOD A O   
954  O  O   . DOD C .  ? 0.3805 0.3809 0.3810 -0.0003 -0.0006 -0.0001 2058 DOD A O   
955  O  O   A DOD C .  ? 0.3810 0.3817 0.3813 0.0001  -0.0003 0.0004  2059 DOD A O   
956  O  O   B DOD C .  ? 0.3810 0.3818 0.3813 0.0001  -0.0003 0.0004  2059 DOD A O   
957  O  O   . DOD C .  ? 0.3809 0.3807 0.3809 0.0001  0.0002  -0.0006 2060 DOD A O   
958  O  O   . DOD C .  ? 0.5315 0.3233 0.3053 -0.0244 -0.0800 0.0396  2061 DOD A O   
959  O  O   . DOD C .  ? 0.4150 0.7647 0.5142 0.0015  0.1226  0.1387  2062 DOD A O   
960  O  O   . DOD C .  ? 0.4104 0.2707 0.8342 -0.0361 0.0629  0.1508  2063 DOD A O   
961  O  O   . DOD C .  ? 0.6337 0.2239 0.2432 0.0377  0.0715  0.0275  2064 DOD A O   
962  O  O   . DOD C .  ? 0.3829 0.3777 0.6679 -0.0916 0.2095  -0.2473 2065 DOD A O   
963  O  O   . DOD C .  ? 0.3806 0.3806 0.3810 -0.0006 0.0001  -0.0007 2066 DOD A O   
964  O  O   . DOD C .  ? 0.6178 0.6587 0.4643 -0.1086 0.1209  0.0404  2067 DOD A O   
965  O  O   . DOD C .  ? 0.3945 0.3514 0.2331 -0.0204 0.0902  0.0082  2068 DOD A O   
966  O  O   . DOD C .  ? 0.3810 0.3818 0.3801 -0.0006 -0.0004 0.0003  2069 DOD A O   
967  O  O   . DOD C .  ? 0.2448 0.2214 0.2639 0.0127  0.0112  0.0711  2070 DOD A O   
968  O  O   . DOD C .  ? 0.2380 0.2409 0.3243 0.0496  0.0510  0.0731  2071 DOD A O   
969  O  O   . DOD C .  ? 0.1511 0.1888 0.2244 0.0021  0.0327  -0.0402 2072 DOD A O   
970  O  O   . DOD C .  ? 0.2666 0.3301 1.0148 0.0077  -0.0140 -0.1843 2073 DOD A O   
971  O  O   A DOD C .  ? 0.4251 0.3364 0.6003 0.0559  0.2503  0.1706  2074 DOD A O   
972  O  O   B DOD C .  ? 0.4108 0.3577 0.6160 0.0747  0.2497  0.1576  2074 DOD A O   
973  O  O   . DOD C .  ? 0.4979 0.4823 0.7985 0.2395  -0.1430 0.0521  2075 DOD A O   
974  O  O   . DOD C .  ? 1.0161 0.3090 0.2736 -0.1791 0.0448  -0.0084 2076 DOD A O   
975  O  O   . DOD C .  ? 0.3791 0.3814 0.3813 0.0009  -0.0011 -0.0004 2077 DOD A O   
976  O  O   . DOD C .  ? 0.9045 0.3716 0.4287 -0.0755 -0.1921 0.0180  2078 DOD A O   
977  O  O   . DOD C .  ? 0.2677 0.4577 0.3634 -0.0776 -0.0261 -0.0301 2079 DOD A O   
978  O  O   . DOD C .  ? 0.3818 0.3806 0.3804 -0.0005 0.0009  -0.0005 2080 DOD A O   
980  O  O   . DOD C .  ? 0.3810 0.3812 0.3805 0.0000  -0.0001 -0.0005 2082 DOD A O   
981  O  O   . DOD C .  ? 0.4020 0.4160 0.4070 0.0034  -0.0122 -0.0015 2083 DOD A O   
982  O  O   . DOD C .  ? 0.3796 0.3806 0.3802 0.0002  -0.0002 0.0001  2084 DOD A O   
983  O  O   . DOD C .  ? 0.2249 0.3485 0.3052 -0.0145 -0.0420 -0.0388 2085 DOD A O   
984  O  O   . DOD C .  ? 0.1830 0.2301 0.2171 -0.0304 -0.0203 0.0499  2086 DOD A O   
985  O  O   . DOD C .  ? 0.1700 0.1460 0.1580 0.0173  -0.0012 -0.0117 2087 DOD A O   
986  O  O   . DOD C .  ? 0.3701 0.2696 0.4781 0.1422  0.1149  0.1252  2088 DOD A O   
987  O  O   . DOD C .  ? 0.3828 0.3807 0.3793 0.0011  0.0006  0.0008  2089 DOD A O   
989  O  O   . DOD C .  ? 0.3993 0.3895 0.4110 0.0118  -0.0020 0.0042  2091 DOD A O   
990  O  O   . DOD C .  ? 0.3803 0.3801 0.3805 -0.0006 -0.0003 0.0003  2092 DOD A O   
991  O  O   A DOD C .  ? 0.3827 0.3819 0.3785 -0.0014 -0.0001 0.0005  2094 DOD A O   
992  O  O   B DOD C .  ? 0.3827 0.3819 0.3785 -0.0014 -0.0001 0.0005  2094 DOD A O   
993  O  O   . DOD C .  ? 0.6529 0.5363 0.3423 -0.1062 0.0042  0.2016  2095 DOD A O   
994  O  O   . DOD C .  ? 0.4016 0.3995 0.4001 -0.0174 -0.0063 0.0251  2096 DOD A O   
995  O  O   . DOD C .  ? 0.3808 0.3800 0.3806 -0.0003 -0.0001 0.0003  2097 DOD A O   
996  O  O   . DOD C .  ? 0.3803 0.3807 0.3811 -0.0002 -0.0008 0.0013  2098 DOD A O   
997  O  O   . DOD C .  ? 0.3807 0.3808 0.3801 0.0009  -0.0014 0.0002  2099 DOD A O   
998  O  O   . DOD C .  ? 0.3348 0.6016 0.4942 0.0606  -0.1459 -0.1798 2100 DOD A O   
999  O  O   . DOD C .  ? 0.3842 0.3835 0.3842 -0.0028 0.0001  0.0027  2101 DOD A O   
1001 O  O   . DOD C .  ? 0.3804 0.3807 0.3817 -0.0007 -0.0007 0.0006  2103 DOD A O   
1002 O  O   . DOD C .  ? 0.3817 0.3805 0.3809 0.0000  -0.0004 0.0001  2104 DOD A O   
1004 O  O   . DOD C .  ? 0.3814 0.3813 0.3801 -0.0001 0.0000  -0.0002 2106 DOD A O   
1005 O  O   . DOD C .  ? 0.7393 0.4214 0.3649 0.1110  -0.1933 0.0876  2107 DOD A O   
1006 O  O   . DOD C .  ? 0.3815 0.3809 0.3802 0.0003  0.0004  -0.0007 2108 DOD A O   
1008 O  O   . DOD C .  ? 0.1981 0.2269 0.1868 0.0419  -0.0162 -0.0229 2110 DOD A O   
1009 O  O   . DOD C .  ? 0.4126 0.4039 0.3904 -0.0041 0.0199  -0.0025 2111 DOD A O   
1010 O  O   . DOD C .  ? 0.3850 0.3880 0.4041 -0.0020 -0.0160 -0.0065 2112 DOD A O   
1011 O  O   . DOD C .  ? 0.3807 0.3806 0.3812 -0.0011 -0.0004 0.0006  2113 DOD A O   
1012 O  O   . DOD C .  ? 0.3222 0.9220 0.3680 -0.0762 -0.0408 0.1210  2114 DOD A O   
1013 O  O   . DOD C .  ? 0.3816 0.3813 0.3809 -0.0004 0.0003  -0.0005 2115 DOD A O   
1014 O  O   . DOD C .  ? 0.3796 0.3799 0.3814 -0.0003 -0.0011 -0.0002 2116 DOD A O   
1015 O  O   . DOD C .  ? 0.3808 0.3802 0.3809 -0.0002 -0.0001 0.0001  2117 DOD A O   
1016 O  O   . DOD C .  ? 0.2177 0.2826 0.2566 -0.0032 -0.0328 -0.0344 2118 DOD A O   
1017 O  O   . DOD C .  ? 0.2779 0.3953 0.2760 -0.1825 0.0176  -0.0365 2119 DOD A O   
1018 O  O   . DOD C .  ? 0.3785 0.4228 0.4129 0.0079  -0.0091 0.0052  2120 DOD A O   
1019 O  O   . DOD C .  ? 0.3745 0.3789 0.4101 -0.0166 0.0009  -0.0067 2121 DOD A O   
1020 O  O   . DOD C .  ? 0.3750 0.3995 0.4177 -0.0021 -0.0075 -0.0165 2122 DOD A O   
1021 O  O   . DOD C .  ? 0.2841 0.3252 0.4918 -0.0501 -0.0077 -0.2157 2123 DOD A O   
1022 O  O   . DOD C .  ? 0.3339 0.2949 0.4967 0.0538  -0.2124 -0.1369 2124 DOD A O   
1023 O  O   . DOD C .  ? 0.3909 0.3843 0.3672 0.0214  0.0105  -0.0124 2125 DOD A O   
1024 O  O   . DOD C .  ? 0.2428 0.2216 0.1566 -0.0146 -0.0269 0.0048  2126 DOD A O   
1025 O  O   . DOD C .  ? 0.2371 0.2261 0.1928 -0.0431 0.0112  -0.0058 2127 DOD A O   
1026 O  O   . DOD C .  ? 0.3931 0.3849 0.3691 0.0094  0.0026  -0.0002 2128 DOD A O   
1027 O  O   . DOD C .  ? 0.2024 0.1767 0.1884 -0.0051 -0.0117 0.0099  2129 DOD A O   
1028 O  O   . DOD C .  ? 0.2554 0.1668 0.1395 0.0097  -0.0323 -0.0392 2130 DOD A O   
1029 O  O   . DOD C .  ? 0.3725 0.4302 0.5898 0.1738  0.1650  0.2356  2131 DOD A O   
1030 O  O   . DOD C .  ? 0.4079 0.3964 0.4101 -0.0053 0.0034  -0.0055 2132 DOD A O   
1031 O  O   . DOD C .  ? 1.0567 0.4537 0.2999 -0.1111 0.0640  -0.0679 2133 DOD A O   
1032 O  O   . DOD C .  ? 0.3773 0.3796 0.6755 -0.0938 -0.1375 -0.0688 2134 DOD A O   
1033 O  O   . DOD C .  ? 0.4527 0.3452 0.2318 -0.0239 0.1045  0.0717  2135 DOD A O   
1034 O  O   . DOD C .  ? 0.4612 0.4311 0.6240 -0.0238 0.2989  0.0663  2136 DOD A O   
1037 O  O   . DOD C .  ? 0.3815 0.3814 0.3805 -0.0004 -0.0003 0.0003  2139 DOD A O   
1038 O  O   A DOD C .  ? 0.3816 0.3822 0.3812 -0.0010 -0.0004 0.0002  2140 DOD A O   
1039 O  O   B DOD C .  ? 0.3816 0.3823 0.3811 -0.0010 -0.0004 0.0002  2140 DOD A O   
1040 O  O   . DOD C .  ? 0.5203 0.4796 0.5465 -0.0383 -0.0919 -0.1273 2141 DOD A O   
1041 O  O   . DOD C .  ? 0.5578 0.4071 0.4352 -0.1478 -0.1985 -0.0810 2142 DOD A O   
1042 O  O   . DOD C .  ? 0.3800 0.3816 0.3814 0.0013  -0.0004 -0.0013 2143 DOD A O   
1043 O  O   . DOD C .  ? 0.3821 0.3804 0.3811 -0.0004 0.0002  0.0005  2144 DOD A O   
# 
